data_7XR9
#
_entry.id   7XR9
#
_cell.length_a   94.330
_cell.length_b   128.990
_cell.length_c   204.820
_cell.angle_alpha   90.00
_cell.angle_beta   90.00
_cell.angle_gamma   90.00
#
_symmetry.space_group_name_H-M   'P 21 21 21'
#
loop_
_entity.id
_entity.type
_entity.pdbx_description
1 polymer DgpA
2 non-polymer beta-D-glucopyranose
3 non-polymer NICOTINAMIDE-ADENINE-DINUCLEOTIDE
4 water water
#
_entity_poly.entity_id   1
_entity_poly.type   'polypeptide(L)'
_entity_poly.pdbx_seq_one_letter_code
;GMSKLKIGIIGCGGIANQKHFPALKNNADLNEIVAFCDIQIDRAEKAAAEFGAEGAQVTADYKELLANPEVEVVHVCTPN
VSHSEITIAAFEAGKHVYCEKPMSHSTEEAEKMVEAWKKSGKQFTIGYQNRFREEVMNLKKSCDKGELGEIYYGKAHAVR
RRAVPTWGVFMDKEAQGGGPLIDIGTHALDITLWCMNNYDVDSVTGSVFYKLGQKENGPEGNLFGPWDPKTFEVEDSAVG
FVKMKNGATIGLEASWAINMLDSREASTTLCGTEAGAEIHSGMSYPKNELIYNRARNNQLMEETLSSVGSIAYFAGGAGE
EGTVDNRQWLEAIQNGTEPLVKPEEALAVTKILDAIYKSAKTNTIKF
;
_entity_poly.pdbx_strand_id   A,B,C,D,E,F
#
loop_
_chem_comp.id
_chem_comp.type
_chem_comp.name
_chem_comp.formula
BGC D-saccharide, beta linking beta-D-glucopyranose 'C6 H12 O6'
NAD non-polymer NICOTINAMIDE-ADENINE-DINUCLEOTIDE 'C21 H27 N7 O14 P2'
#
# COMPACT_ATOMS: atom_id res chain seq x y z
N GLY A 1 -51.19 12.05 -12.41
CA GLY A 1 -51.84 13.26 -11.94
C GLY A 1 -51.34 14.50 -12.67
N MET A 2 -50.13 14.92 -12.27
CA MET A 2 -49.32 15.96 -12.92
C MET A 2 -49.21 15.54 -14.39
N SER A 3 -49.40 16.49 -15.29
CA SER A 3 -49.28 16.21 -16.73
C SER A 3 -47.81 16.04 -17.01
N LYS A 4 -47.41 15.00 -17.74
CA LYS A 4 -46.01 14.88 -18.17
C LYS A 4 -45.64 16.24 -18.76
N LEU A 5 -44.36 16.59 -18.81
CA LEU A 5 -43.98 17.85 -19.45
C LEU A 5 -43.43 17.55 -20.83
N LYS A 6 -43.90 18.28 -21.85
CA LYS A 6 -43.53 18.06 -23.27
C LYS A 6 -42.17 18.63 -23.56
N ILE A 7 -41.18 17.75 -23.70
CA ILE A 7 -39.79 18.21 -23.80
C ILE A 7 -39.31 18.46 -25.23
N GLY A 8 -38.30 19.33 -25.35
CA GLY A 8 -37.76 19.71 -26.66
C GLY A 8 -36.26 19.78 -26.73
N ILE A 9 -35.65 18.85 -27.44
CA ILE A 9 -34.20 18.75 -27.62
C ILE A 9 -33.87 19.36 -28.96
N ILE A 10 -33.19 20.48 -28.96
CA ILE A 10 -32.78 20.99 -30.26
C ILE A 10 -31.59 20.30 -30.95
N GLY A 11 -30.42 20.18 -30.34
CA GLY A 11 -29.33 19.39 -30.95
C GLY A 11 -29.35 17.99 -30.40
N CYS A 12 -28.90 17.00 -31.18
CA CYS A 12 -28.97 15.56 -30.75
C CYS A 12 -27.70 14.75 -31.07
N GLY A 13 -26.59 14.96 -30.40
CA GLY A 13 -25.32 14.31 -30.80
C GLY A 13 -24.43 13.66 -29.75
N GLY A 14 -24.04 14.35 -28.69
CA GLY A 14 -23.30 13.66 -27.63
C GLY A 14 -23.98 13.70 -26.27
N ILE A 15 -24.04 14.87 -25.65
CA ILE A 15 -24.63 15.07 -24.30
C ILE A 15 -26.12 14.95 -24.45
N ALA A 16 -26.59 15.00 -25.68
CA ALA A 16 -27.99 14.69 -25.98
C ALA A 16 -28.21 13.22 -25.78
N ASN A 17 -27.29 12.42 -26.28
CA ASN A 17 -27.54 10.97 -26.19
C ASN A 17 -26.67 10.40 -25.10
N GLN A 18 -25.63 11.06 -24.68
CA GLN A 18 -24.87 10.43 -23.57
C GLN A 18 -25.48 10.79 -22.23
N LYS A 19 -26.48 11.67 -22.24
CA LYS A 19 -27.00 12.16 -20.95
C LYS A 19 -28.50 12.46 -21.00
N HIS A 20 -28.95 13.43 -21.79
CA HIS A 20 -30.38 13.86 -21.72
C HIS A 20 -31.37 12.72 -21.96
N PHE A 21 -31.24 12.00 -23.06
CA PHE A 21 -32.22 10.94 -23.36
C PHE A 21 -32.24 9.98 -22.18
N PRO A 22 -31.12 9.32 -21.87
CA PRO A 22 -31.16 8.39 -20.80
C PRO A 22 -31.65 9.02 -19.50
N ALA A 23 -31.46 10.29 -19.33
CA ALA A 23 -31.91 10.83 -18.04
C ALA A 23 -33.41 10.92 -18.10
N LEU A 24 -33.88 11.34 -19.25
CA LEU A 24 -35.34 11.42 -19.48
C LEU A 24 -35.95 10.01 -19.57
N LYS A 25 -35.16 8.98 -19.85
CA LYS A 25 -35.63 7.57 -19.86
C LYS A 25 -35.48 6.95 -18.49
N ASN A 26 -34.52 7.39 -17.73
CA ASN A 26 -34.44 6.91 -16.35
C ASN A 26 -35.58 7.61 -15.65
N ASN A 27 -36.10 8.68 -16.26
CA ASN A 27 -37.12 9.47 -15.55
C ASN A 27 -38.41 9.61 -16.37
N ALA A 28 -38.48 9.00 -17.52
CA ALA A 28 -39.73 8.96 -18.32
C ALA A 28 -40.92 9.52 -17.56
N ASP A 29 -41.31 8.82 -16.53
CA ASP A 29 -42.47 9.16 -15.70
C ASP A 29 -42.77 10.63 -15.58
N LEU A 30 -41.85 11.51 -15.94
CA LEU A 30 -42.11 12.93 -15.64
C LEU A 30 -42.08 13.76 -16.90
N ASN A 31 -41.52 13.22 -17.97
CA ASN A 31 -41.25 14.04 -19.16
C ASN A 31 -41.89 13.54 -20.43
N GLU A 32 -42.14 14.48 -21.33
CA GLU A 32 -42.68 14.10 -22.64
C GLU A 32 -41.69 14.46 -23.71
N ILE A 33 -41.11 13.45 -24.31
CA ILE A 33 -40.17 13.64 -25.42
C ILE A 33 -40.95 13.80 -26.73
N VAL A 34 -41.20 15.03 -27.18
CA VAL A 34 -41.85 15.28 -28.50
C VAL A 34 -40.85 15.89 -29.50
N ALA A 44 -27.97 11.12 -35.90
CA ALA A 44 -29.01 11.90 -35.20
C ALA A 44 -30.43 11.59 -35.65
N GLU A 45 -30.55 10.54 -36.42
CA GLU A 45 -31.79 9.94 -36.92
C GLU A 45 -32.59 9.21 -35.85
N LYS A 46 -31.90 8.48 -35.02
CA LYS A 46 -32.45 7.48 -34.11
C LYS A 46 -33.44 7.99 -33.10
N ALA A 47 -33.20 9.22 -32.72
CA ALA A 47 -33.66 9.97 -31.55
C ALA A 47 -35.15 10.10 -31.38
N ALA A 48 -35.93 10.45 -32.38
CA ALA A 48 -37.37 10.49 -32.08
C ALA A 48 -37.86 9.11 -31.77
N ALA A 49 -37.44 8.14 -32.58
CA ALA A 49 -37.87 6.75 -32.39
C ALA A 49 -37.22 6.13 -31.16
N GLU A 50 -35.93 6.33 -30.96
CA GLU A 50 -35.24 5.64 -29.82
C GLU A 50 -35.70 6.25 -28.50
N PHE A 51 -36.54 7.28 -28.52
CA PHE A 51 -36.94 7.95 -27.26
C PHE A 51 -38.06 8.97 -27.48
N GLY A 52 -39.12 8.60 -28.19
CA GLY A 52 -40.27 9.53 -28.37
C GLY A 52 -41.58 8.79 -28.51
N GLU A 54 -46.11 9.41 -30.41
CA GLU A 54 -44.83 9.86 -31.04
C GLU A 54 -45.07 11.12 -31.89
N GLY A 55 -43.94 11.77 -32.12
CA GLY A 55 -44.07 13.15 -32.57
C GLY A 55 -43.05 13.63 -33.57
N ALA A 56 -42.08 14.42 -33.14
CA ALA A 56 -41.32 15.14 -34.16
C ALA A 56 -40.31 14.19 -34.82
N GLN A 57 -39.49 14.75 -35.69
CA GLN A 57 -38.72 13.99 -36.66
C GLN A 57 -37.32 13.66 -36.13
N VAL A 58 -36.45 13.19 -37.04
CA VAL A 58 -35.05 12.90 -36.73
C VAL A 58 -34.18 13.54 -37.82
N THR A 59 -34.65 14.64 -38.39
CA THR A 59 -34.03 15.41 -39.46
C THR A 59 -32.53 15.56 -39.23
N ALA A 60 -32.04 16.70 -39.73
CA ALA A 60 -30.66 17.11 -39.52
C ALA A 60 -30.53 18.58 -39.19
N ASP A 61 -31.67 19.24 -39.28
CA ASP A 61 -31.79 20.71 -39.22
C ASP A 61 -31.85 21.32 -37.81
N TYR A 62 -32.38 22.56 -37.71
CA TYR A 62 -32.53 23.30 -36.41
C TYR A 62 -33.96 23.78 -36.33
N LYS A 63 -34.44 24.16 -37.49
CA LYS A 63 -35.77 24.76 -37.49
C LYS A 63 -36.78 23.67 -37.70
N GLU A 64 -36.35 22.42 -37.83
CA GLU A 64 -37.48 21.47 -37.95
C GLU A 64 -37.92 21.19 -36.52
N LEU A 65 -37.24 21.72 -35.52
CA LEU A 65 -37.83 21.70 -34.17
C LEU A 65 -38.76 22.91 -34.35
N LEU A 66 -38.93 23.77 -33.37
CA LEU A 66 -39.90 24.84 -33.68
C LEU A 66 -41.06 24.04 -34.27
N ALA A 67 -41.06 22.72 -34.03
CA ALA A 67 -42.14 21.83 -34.49
C ALA A 67 -42.90 21.32 -33.26
N ASN A 68 -44.23 21.43 -33.26
CA ASN A 68 -45.03 21.07 -32.06
C ASN A 68 -44.77 22.13 -31.00
N PRO A 69 -44.77 23.44 -31.33
CA PRO A 69 -44.58 24.49 -30.34
C PRO A 69 -45.37 24.16 -29.06
N GLU A 70 -46.26 23.16 -29.12
CA GLU A 70 -46.95 22.70 -27.90
C GLU A 70 -45.86 22.19 -26.96
N VAL A 71 -44.60 22.32 -27.37
CA VAL A 71 -43.45 21.92 -26.51
C VAL A 71 -43.42 22.97 -25.41
N GLU A 72 -43.01 22.59 -24.22
CA GLU A 72 -43.03 23.53 -23.11
C GLU A 72 -41.64 23.58 -22.44
N VAL A 73 -40.64 22.92 -23.00
CA VAL A 73 -39.31 22.82 -22.38
C VAL A 73 -38.39 22.54 -23.55
N VAL A 74 -37.28 23.25 -23.59
CA VAL A 74 -36.33 22.93 -24.67
C VAL A 74 -34.97 22.71 -24.05
N HIS A 75 -34.24 21.75 -24.60
CA HIS A 75 -32.91 21.36 -24.10
C HIS A 75 -31.97 21.55 -25.26
N VAL A 76 -31.13 22.58 -25.20
CA VAL A 76 -30.18 22.93 -26.30
C VAL A 76 -28.84 22.30 -26.01
N CYS A 77 -28.51 21.36 -26.83
CA CYS A 77 -27.30 20.58 -26.65
C CYS A 77 -26.57 20.72 -27.97
N THR A 78 -26.54 21.93 -28.50
CA THR A 78 -25.87 22.49 -29.69
C THR A 78 -24.48 22.94 -29.28
N PRO A 79 -23.38 22.80 -30.00
CA PRO A 79 -22.16 23.48 -29.59
C PRO A 79 -22.26 24.94 -29.13
N ASN A 80 -21.22 25.41 -28.43
CA ASN A 80 -21.22 26.74 -27.75
C ASN A 80 -21.67 27.89 -28.61
N VAL A 81 -21.35 27.88 -29.86
CA VAL A 81 -21.71 29.17 -30.47
C VAL A 81 -23.21 29.21 -30.61
N SER A 82 -23.80 28.12 -31.05
CA SER A 82 -25.26 28.12 -31.30
C SER A 82 -26.06 28.46 -30.03
N HIS A 83 -25.44 28.36 -28.86
CA HIS A 83 -26.21 28.52 -27.60
C HIS A 83 -27.00 29.83 -27.50
N SER A 84 -26.47 30.95 -27.96
CA SER A 84 -27.17 32.23 -27.72
C SER A 84 -28.44 32.37 -28.59
N GLU A 85 -28.42 31.84 -29.80
CA GLU A 85 -29.60 32.05 -30.68
C GLU A 85 -30.41 30.77 -30.77
N ILE A 86 -29.78 29.60 -30.80
CA ILE A 86 -30.61 28.37 -30.77
C ILE A 86 -31.35 28.45 -29.44
N THR A 87 -31.10 29.52 -28.68
CA THR A 87 -31.77 29.77 -27.39
C THR A 87 -32.08 31.26 -27.41
N ILE A 88 -32.66 31.81 -26.35
CA ILE A 88 -32.89 33.28 -26.27
C ILE A 88 -33.83 33.72 -27.38
N ALA A 89 -35.04 34.14 -27.03
CA ALA A 89 -36.05 34.52 -28.04
C ALA A 89 -36.30 33.31 -28.94
N ALA A 90 -35.25 32.55 -29.22
CA ALA A 90 -35.46 31.33 -29.99
C ALA A 90 -36.49 30.53 -29.20
N PHE A 91 -36.22 30.32 -27.92
CA PHE A 91 -37.14 29.56 -27.09
C PHE A 91 -37.72 30.50 -26.04
N GLU A 92 -37.05 31.62 -25.78
CA GLU A 92 -37.64 32.62 -24.87
C GLU A 92 -38.93 33.07 -25.55
N ALA A 93 -39.14 32.64 -26.79
CA ALA A 93 -40.39 32.93 -27.50
C ALA A 93 -41.54 32.56 -26.57
N GLY A 94 -41.27 31.75 -25.54
CA GLY A 94 -42.31 31.42 -24.56
C GLY A 94 -42.09 30.06 -23.93
N LYS A 95 -40.88 29.53 -24.02
CA LYS A 95 -40.64 28.16 -23.53
C LYS A 95 -39.60 28.15 -22.42
N HIS A 96 -39.51 27.07 -21.66
CA HIS A 96 -38.41 26.89 -20.73
C HIS A 96 -37.20 26.40 -21.52
N VAL A 97 -36.01 26.58 -20.94
CA VAL A 97 -34.77 26.22 -21.62
C VAL A 97 -33.81 25.57 -20.64
N TYR A 98 -33.14 24.53 -21.14
CA TYR A 98 -32.05 23.93 -20.40
C TYR A 98 -30.95 23.92 -21.44
N CYS A 99 -29.95 24.79 -21.28
CA CYS A 99 -28.81 24.88 -22.24
C CYS A 99 -27.64 24.05 -21.71
N GLU A 100 -26.72 23.76 -22.56
CA GLU A 100 -25.68 22.81 -22.18
C GLU A 100 -24.49 23.43 -21.47
N LYS A 101 -23.51 22.59 -21.05
CA LYS A 101 -22.52 22.96 -20.00
C LYS A 101 -21.91 24.32 -20.07
N PRO A 102 -21.30 24.80 -21.12
CA PRO A 102 -20.80 26.19 -21.11
C PRO A 102 -21.88 27.12 -21.62
N MET A 103 -22.52 27.84 -20.68
CA MET A 103 -23.63 28.73 -21.01
C MET A 103 -23.51 29.53 -22.30
N SER A 104 -22.30 30.02 -22.56
CA SER A 104 -21.83 30.28 -23.91
C SER A 104 -20.34 30.55 -23.84
N HIS A 105 -19.71 30.44 -25.01
CA HIS A 105 -18.30 30.72 -25.12
C HIS A 105 -17.99 32.19 -24.94
N SER A 106 -18.97 33.05 -25.21
CA SER A 106 -18.76 34.49 -25.18
C SER A 106 -19.65 35.11 -24.10
N THR A 107 -19.06 36.04 -23.36
CA THR A 107 -19.83 36.67 -22.28
C THR A 107 -21.00 37.48 -22.81
N GLU A 108 -20.79 38.24 -23.90
CA GLU A 108 -21.83 39.11 -24.41
C GLU A 108 -23.06 38.32 -24.83
N GLU A 109 -22.82 37.23 -25.55
CA GLU A 109 -23.91 36.32 -25.89
C GLU A 109 -24.53 35.71 -24.64
N ALA A 110 -23.71 35.31 -23.68
CA ALA A 110 -24.26 34.75 -22.44
C ALA A 110 -25.24 35.71 -21.80
N GLU A 111 -24.85 36.98 -21.64
CA GLU A 111 -25.75 37.96 -21.02
C GLU A 111 -27.02 38.16 -21.85
N LYS A 112 -26.92 37.94 -23.16
CA LYS A 112 -28.09 38.01 -24.03
C LYS A 112 -29.02 36.83 -23.85
N MET A 113 -28.73 35.97 -22.91
CA MET A 113 -29.74 34.93 -22.70
C MET A 113 -30.42 35.25 -21.38
N VAL A 114 -29.67 35.57 -20.39
CA VAL A 114 -30.32 35.83 -19.10
C VAL A 114 -31.32 36.95 -19.32
N GLU A 115 -31.16 37.66 -20.42
CA GLU A 115 -32.09 38.77 -20.72
C GLU A 115 -33.22 38.10 -21.45
N ALA A 116 -32.85 37.34 -22.44
CA ALA A 116 -34.02 36.68 -23.00
C ALA A 116 -34.83 35.97 -21.92
N TRP A 117 -34.26 35.20 -21.02
CA TRP A 117 -35.10 34.46 -20.06
C TRP A 117 -35.68 35.43 -19.04
N LYS A 118 -34.95 36.44 -18.67
CA LYS A 118 -35.45 37.26 -17.57
C LYS A 118 -36.75 37.98 -17.97
N LYS A 119 -37.02 38.12 -19.25
CA LYS A 119 -38.29 38.71 -19.69
C LYS A 119 -39.26 37.57 -19.97
N SER A 120 -38.86 36.54 -20.69
CA SER A 120 -39.81 35.43 -20.83
C SER A 120 -39.78 34.76 -19.50
N GLY A 121 -40.63 35.19 -18.60
CA GLY A 121 -40.45 34.63 -17.27
C GLY A 121 -40.67 33.13 -17.20
N LYS A 122 -40.01 32.37 -18.06
CA LYS A 122 -40.09 30.90 -17.99
C LYS A 122 -38.89 30.39 -17.16
N GLN A 123 -38.53 29.11 -17.27
CA GLN A 123 -37.45 28.56 -16.39
C GLN A 123 -36.18 28.31 -17.21
N PHE A 124 -35.00 28.32 -16.58
CA PHE A 124 -33.72 28.28 -17.28
C PHE A 124 -32.70 27.62 -16.36
N THR A 125 -31.95 26.69 -16.88
CA THR A 125 -30.78 26.15 -16.16
C THR A 125 -29.72 25.73 -17.16
N ILE A 126 -28.60 25.25 -16.65
CA ILE A 126 -27.40 24.96 -17.43
C ILE A 126 -26.86 23.61 -16.99
N GLY A 127 -26.22 22.91 -17.93
CA GLY A 127 -25.81 21.54 -17.71
C GLY A 127 -24.59 21.30 -16.82
N TYR A 128 -24.56 21.91 -15.65
CA TYR A 128 -23.46 21.66 -14.68
C TYR A 128 -23.84 20.49 -13.78
N GLN A 129 -23.72 19.26 -14.29
CA GLN A 129 -24.17 18.05 -13.56
C GLN A 129 -23.18 17.63 -12.48
N ASN A 130 -21.97 18.09 -12.53
CA ASN A 130 -20.97 17.62 -11.56
C ASN A 130 -21.35 18.20 -10.22
N ARG A 131 -22.38 19.01 -10.21
CA ARG A 131 -22.86 19.61 -8.96
C ARG A 131 -23.73 18.60 -8.22
N PHE A 132 -24.05 17.50 -8.87
CA PHE A 132 -24.97 16.50 -8.29
C PHE A 132 -24.21 15.24 -7.95
N ARG A 133 -22.90 15.29 -8.02
CA ARG A 133 -22.05 14.17 -7.57
C ARG A 133 -22.18 14.14 -6.06
N GLU A 134 -22.30 12.95 -5.46
CA GLU A 134 -22.63 12.89 -4.04
C GLU A 134 -21.58 13.59 -3.18
N GLU A 135 -20.30 13.42 -3.53
CA GLU A 135 -19.24 14.07 -2.77
C GLU A 135 -19.19 15.58 -3.02
N VAL A 136 -19.58 16.03 -4.22
CA VAL A 136 -19.70 17.46 -4.48
C VAL A 136 -20.79 18.06 -3.62
N MET A 137 -21.95 17.40 -3.59
CA MET A 137 -23.03 17.83 -2.72
C MET A 137 -22.59 17.84 -1.26
N ASN A 138 -21.96 16.75 -0.82
CA ASN A 138 -21.36 16.69 0.50
C ASN A 138 -20.57 17.96 0.81
N LEU A 139 -19.69 18.37 -0.11
CA LEU A 139 -18.88 19.56 0.12
C LEU A 139 -19.74 20.83 0.13
N LYS A 140 -20.66 20.96 -0.84
CA LYS A 140 -21.54 22.14 -0.83
C LYS A 140 -22.25 22.28 0.51
N LYS A 141 -22.79 21.18 1.04
CA LYS A 141 -23.56 21.26 2.28
C LYS A 141 -22.71 21.69 3.46
N SER A 142 -21.46 21.19 3.54
CA SER A 142 -20.67 21.60 4.70
C SER A 142 -20.21 23.03 4.59
N CYS A 143 -20.07 23.58 3.39
CA CYS A 143 -19.76 24.99 3.26
C CYS A 143 -20.97 25.84 3.60
N ASP A 144 -22.14 25.49 3.05
CA ASP A 144 -23.37 26.20 3.40
C ASP A 144 -23.66 26.13 4.90
N LYS A 145 -23.32 25.02 5.55
CA LYS A 145 -23.43 24.93 7.01
C LYS A 145 -22.32 25.69 7.73
N GLY A 146 -21.47 26.41 7.01
CA GLY A 146 -20.37 27.14 7.61
C GLY A 146 -19.34 26.29 8.31
N GLU A 147 -19.33 24.98 8.06
CA GLU A 147 -18.43 24.08 8.75
C GLU A 147 -16.99 24.20 8.27
N LEU A 148 -16.75 24.90 7.16
CA LEU A 148 -15.40 25.25 6.74
C LEU A 148 -15.01 26.66 7.15
N GLY A 149 -15.97 27.49 7.59
CA GLY A 149 -15.70 28.87 7.90
C GLY A 149 -15.74 29.74 6.66
N GLU A 150 -15.13 30.91 6.77
CA GLU A 150 -14.96 31.78 5.60
C GLU A 150 -13.87 31.18 4.72
N ILE A 151 -14.22 30.85 3.48
CA ILE A 151 -13.25 30.28 2.56
C ILE A 151 -12.58 31.41 1.81
N TYR A 152 -11.26 31.50 1.95
CA TYR A 152 -10.50 32.60 1.36
C TYR A 152 -9.54 32.17 0.27
N TYR A 153 -9.29 30.86 0.11
CA TYR A 153 -8.43 30.38 -0.96
C TYR A 153 -8.99 29.09 -1.53
N GLY A 154 -9.36 29.14 -2.81
CA GLY A 154 -9.81 27.96 -3.51
C GLY A 154 -8.95 27.69 -4.73
N LYS A 155 -9.01 26.45 -5.19
CA LYS A 155 -8.36 26.03 -6.43
C LYS A 155 -9.36 25.23 -7.25
N ALA A 156 -9.50 25.57 -8.51
CA ALA A 156 -10.32 24.81 -9.44
C ALA A 156 -9.40 23.99 -10.33
N HIS A 157 -9.49 22.68 -10.22
CA HIS A 157 -8.61 21.77 -10.93
C HIS A 157 -9.35 21.17 -12.12
N ALA A 158 -8.87 21.44 -13.33
CA ALA A 158 -9.44 20.86 -14.55
C ALA A 158 -8.27 20.42 -15.41
N VAL A 159 -7.40 19.56 -14.88
CA VAL A 159 -6.14 19.24 -15.63
C VAL A 159 -6.19 17.87 -16.30
N ARG A 160 -5.57 17.76 -17.48
CA ARG A 160 -5.48 16.45 -18.19
C ARG A 160 -4.05 16.30 -18.72
N ARG A 161 -3.29 15.33 -18.19
CA ARG A 161 -1.90 15.12 -18.65
C ARG A 161 -1.89 14.96 -20.17
N ARG A 162 -2.72 14.06 -20.70
CA ARG A 162 -2.82 13.85 -22.17
C ARG A 162 -4.18 13.19 -22.46
N ALA A 163 -5.23 13.99 -22.43
CA ALA A 163 -6.59 13.50 -22.75
C ALA A 163 -7.26 14.54 -23.64
N VAL A 164 -6.64 14.84 -24.76
CA VAL A 164 -7.24 15.78 -25.75
C VAL A 164 -8.37 15.03 -26.42
N PRO A 165 -9.61 15.52 -26.36
CA PRO A 165 -10.78 14.80 -26.90
C PRO A 165 -10.76 14.88 -28.41
N THR A 166 -10.83 13.72 -29.07
CA THR A 166 -10.61 13.65 -30.51
C THR A 166 -11.83 13.13 -31.28
N TRP A 167 -13.04 13.32 -30.77
CA TRP A 167 -14.20 12.71 -31.40
C TRP A 167 -15.31 13.67 -31.80
N GLY A 168 -15.42 14.84 -31.19
CA GLY A 168 -16.56 15.64 -31.55
C GLY A 168 -16.34 17.10 -31.79
N VAL A 169 -17.07 17.93 -31.05
CA VAL A 169 -17.06 19.37 -31.28
C VAL A 169 -15.86 20.09 -30.67
N PHE A 170 -15.08 19.40 -29.83
CA PHE A 170 -14.32 20.09 -28.80
C PHE A 170 -13.09 20.81 -29.35
N MET A 171 -12.41 20.25 -30.34
CA MET A 171 -11.24 20.90 -30.91
C MET A 171 -11.60 21.94 -31.97
N ASP A 172 -12.90 22.18 -32.20
CA ASP A 172 -13.36 23.17 -33.17
C ASP A 172 -13.38 24.55 -32.52
N LYS A 173 -12.43 25.42 -32.91
CA LYS A 173 -12.44 26.73 -32.26
C LYS A 173 -13.65 27.56 -32.65
N GLU A 174 -14.27 27.29 -33.81
CA GLU A 174 -15.45 28.06 -34.20
C GLU A 174 -16.70 27.63 -33.44
N ALA A 175 -17.01 26.33 -33.38
CA ALA A 175 -18.16 25.90 -32.59
C ALA A 175 -17.94 26.13 -31.11
N GLN A 176 -16.83 25.60 -30.57
CA GLN A 176 -16.77 25.63 -29.12
C GLN A 176 -16.09 26.88 -28.59
N GLY A 177 -15.27 27.59 -29.36
CA GLY A 177 -14.75 28.89 -28.96
C GLY A 177 -13.52 28.86 -28.07
N GLY A 178 -12.90 27.70 -27.90
CA GLY A 178 -11.75 27.59 -27.03
C GLY A 178 -11.49 26.16 -26.64
N GLY A 179 -10.33 25.96 -26.02
CA GLY A 179 -9.88 24.64 -25.65
C GLY A 179 -10.34 24.21 -24.28
N PRO A 180 -9.43 23.59 -23.52
CA PRO A 180 -9.83 23.02 -22.21
C PRO A 180 -10.36 24.03 -21.22
N LEU A 181 -9.96 25.31 -21.32
CA LEU A 181 -10.41 26.30 -20.34
C LEU A 181 -11.93 26.40 -20.32
N ILE A 182 -12.54 26.56 -21.49
CA ILE A 182 -14.00 26.56 -21.52
C ILE A 182 -14.57 25.15 -21.68
N ASP A 183 -13.73 24.17 -22.00
CA ASP A 183 -14.23 22.80 -22.13
C ASP A 183 -14.40 22.12 -20.78
N ILE A 184 -13.36 22.08 -19.97
CA ILE A 184 -13.43 21.44 -18.66
C ILE A 184 -13.21 22.40 -17.51
N GLY A 185 -12.49 23.50 -17.70
CA GLY A 185 -12.32 24.47 -16.62
C GLY A 185 -13.65 25.00 -16.13
N THR A 186 -14.68 24.97 -16.98
CA THR A 186 -15.95 25.53 -16.54
C THR A 186 -16.61 24.65 -15.47
N HIS A 187 -16.46 23.33 -15.53
CA HIS A 187 -16.93 22.47 -14.44
C HIS A 187 -16.24 22.80 -13.13
N ALA A 188 -14.90 22.83 -13.16
CA ALA A 188 -14.12 23.00 -11.93
C ALA A 188 -14.44 24.33 -11.26
N LEU A 189 -14.46 25.41 -12.02
CA LEU A 189 -14.71 26.72 -11.45
C LEU A 189 -16.14 26.85 -10.97
N ASP A 190 -17.09 26.23 -11.69
CA ASP A 190 -18.47 26.23 -11.21
C ASP A 190 -18.56 25.63 -9.81
N ILE A 191 -18.02 24.41 -9.64
CA ILE A 191 -17.99 23.79 -8.31
C ILE A 191 -17.40 24.74 -7.27
N THR A 192 -16.23 25.31 -7.59
CA THR A 192 -15.51 26.15 -6.62
C THR A 192 -16.37 27.32 -6.17
N LEU A 193 -16.67 28.25 -7.08
CA LEU A 193 -17.55 29.37 -6.76
C LEU A 193 -18.77 28.90 -5.98
N TRP A 194 -19.45 27.87 -6.49
CA TRP A 194 -20.72 27.43 -5.91
C TRP A 194 -20.59 27.09 -4.42
N CYS A 195 -19.51 26.38 -4.05
CA CYS A 195 -19.27 26.02 -2.65
C CYS A 195 -18.72 27.19 -1.84
N MET A 196 -17.83 27.97 -2.42
CA MET A 196 -17.40 29.19 -1.76
C MET A 196 -18.55 30.18 -1.59
N ASN A 197 -19.63 30.00 -2.35
CA ASN A 197 -20.72 30.95 -2.42
C ASN A 197 -20.18 32.36 -2.63
N ASN A 198 -19.26 32.48 -3.57
CA ASN A 198 -18.61 33.73 -3.88
C ASN A 198 -18.70 33.97 -5.37
N TYR A 199 -19.24 35.13 -5.77
CA TYR A 199 -19.35 35.47 -7.18
C TYR A 199 -18.95 36.90 -7.47
N ASP A 200 -18.59 37.67 -6.44
CA ASP A 200 -18.16 39.06 -6.62
C ASP A 200 -16.70 39.04 -7.05
N VAL A 201 -16.47 39.10 -8.36
CA VAL A 201 -15.11 39.07 -8.88
C VAL A 201 -14.52 40.48 -8.87
N ASP A 202 -13.30 40.60 -8.34
CA ASP A 202 -12.57 41.86 -8.38
C ASP A 202 -11.64 41.95 -9.60
N SER A 203 -10.82 40.93 -9.83
CA SER A 203 -9.92 40.93 -10.98
C SER A 203 -9.64 39.50 -11.41
N VAL A 204 -9.05 39.37 -12.60
CA VAL A 204 -8.71 38.11 -13.23
C VAL A 204 -7.37 38.25 -13.93
N THR A 205 -6.38 37.41 -13.62
CA THR A 205 -5.14 37.35 -14.37
C THR A 205 -4.99 35.93 -14.93
N GLY A 206 -4.55 35.83 -16.17
CA GLY A 206 -4.54 34.53 -16.83
C GLY A 206 -3.36 34.37 -17.77
N SER A 207 -3.05 33.11 -18.05
CA SER A 207 -2.08 32.73 -19.07
C SER A 207 -2.67 31.55 -19.85
N VAL A 208 -2.45 31.58 -21.15
CA VAL A 208 -3.03 30.61 -22.07
C VAL A 208 -1.91 30.06 -22.94
N PHE A 209 -1.75 28.75 -22.95
CA PHE A 209 -0.56 28.12 -23.49
C PHE A 209 -0.88 27.35 -24.77
N TYR A 210 -0.16 27.67 -25.82
CA TYR A 210 -0.13 26.91 -27.07
C TYR A 210 1.27 26.29 -27.14
N LYS A 211 1.42 25.11 -26.56
CA LYS A 211 2.73 24.48 -26.44
C LYS A 211 2.73 23.06 -27.00
N LEU A 212 1.85 22.18 -26.53
CA LEU A 212 1.84 20.80 -26.97
C LEU A 212 0.88 20.54 -28.12
N GLY A 213 -0.15 21.37 -28.28
CA GLY A 213 -1.19 21.06 -29.25
C GLY A 213 -0.67 20.96 -30.66
N GLN A 214 0.24 21.85 -31.04
CA GLN A 214 0.80 21.82 -32.38
C GLN A 214 2.18 21.18 -32.41
N LYS A 215 2.61 20.57 -31.32
CA LYS A 215 3.88 19.86 -31.31
C LYS A 215 3.74 18.53 -32.03
N GLU A 216 4.83 18.10 -32.68
CA GLU A 216 4.74 16.90 -33.51
C GLU A 216 4.49 15.66 -32.66
N ASN A 217 5.33 15.41 -31.64
CA ASN A 217 5.07 14.33 -30.70
C ASN A 217 4.10 14.73 -29.60
N GLY A 218 3.49 15.91 -29.69
CA GLY A 218 2.44 16.32 -28.79
C GLY A 218 1.41 15.25 -28.49
N PRO A 219 0.82 14.64 -29.54
CA PRO A 219 -0.21 13.61 -29.31
C PRO A 219 0.31 12.36 -28.63
N GLU A 220 1.61 12.13 -28.61
CA GLU A 220 2.16 10.91 -28.05
C GLU A 220 1.65 10.72 -26.62
N GLY A 221 1.00 9.57 -26.37
CA GLY A 221 0.47 9.25 -25.07
C GLY A 221 -0.98 9.60 -24.85
N ASN A 222 -1.65 10.22 -25.82
CA ASN A 222 -3.00 10.74 -25.60
C ASN A 222 -3.98 9.62 -25.29
N LEU A 223 -4.84 9.86 -24.30
CA LEU A 223 -5.76 8.83 -23.86
C LEU A 223 -6.73 8.45 -24.99
N PHE A 224 -7.22 9.44 -25.73
CA PHE A 224 -8.18 9.19 -26.80
C PHE A 224 -7.53 9.08 -28.17
N GLY A 225 -6.24 8.78 -28.22
CA GLY A 225 -5.58 8.61 -29.49
C GLY A 225 -4.99 9.89 -30.07
N PRO A 226 -4.38 9.80 -31.23
CA PRO A 226 -3.67 10.95 -31.79
C PRO A 226 -4.63 11.98 -32.38
N TRP A 227 -4.12 13.21 -32.44
CA TRP A 227 -4.76 14.31 -33.15
C TRP A 227 -3.77 14.86 -34.17
N ASP A 228 -4.24 15.78 -35.01
CA ASP A 228 -3.37 16.39 -36.00
C ASP A 228 -2.87 17.71 -35.45
N PRO A 229 -1.63 17.79 -34.95
CA PRO A 229 -1.13 19.07 -34.43
C PRO A 229 -1.13 20.19 -35.47
N LYS A 230 -1.11 19.86 -36.75
CA LYS A 230 -1.18 20.91 -37.76
C LYS A 230 -2.53 21.62 -37.77
N THR A 231 -3.59 20.98 -37.30
CA THR A 231 -4.91 21.58 -37.30
C THR A 231 -5.42 21.93 -35.91
N PHE A 232 -4.66 21.62 -34.85
CA PHE A 232 -5.03 22.00 -33.49
C PHE A 232 -5.10 23.51 -33.38
N GLU A 233 -6.28 24.05 -33.08
CA GLU A 233 -6.51 25.48 -33.16
C GLU A 233 -6.86 26.12 -31.81
N VAL A 234 -6.90 25.35 -30.74
CA VAL A 234 -7.19 25.91 -29.42
C VAL A 234 -5.96 25.77 -28.54
N GLU A 235 -6.05 26.21 -27.29
CA GLU A 235 -4.93 26.06 -26.37
C GLU A 235 -4.87 24.64 -25.82
N ASP A 236 -3.70 24.27 -25.29
CA ASP A 236 -3.61 23.01 -24.58
C ASP A 236 -3.73 23.16 -23.08
N SER A 237 -3.52 24.36 -22.53
CA SER A 237 -3.72 24.55 -21.10
C SER A 237 -3.87 26.04 -20.81
N ALA A 238 -4.34 26.34 -19.60
CA ALA A 238 -4.43 27.72 -19.16
C ALA A 238 -4.45 27.76 -17.64
N VAL A 239 -3.93 28.85 -17.08
CA VAL A 239 -3.90 29.05 -15.64
C VAL A 239 -4.48 30.41 -15.32
N GLY A 240 -5.27 30.48 -14.25
CA GLY A 240 -5.92 31.71 -13.88
C GLY A 240 -5.73 32.06 -12.41
N PHE A 241 -5.77 33.37 -12.14
CA PHE A 241 -5.70 33.93 -10.79
C PHE A 241 -6.85 34.89 -10.65
N VAL A 242 -7.80 34.57 -9.77
CA VAL A 242 -9.07 35.26 -9.63
C VAL A 242 -9.14 35.85 -8.23
N LYS A 243 -9.17 37.15 -8.17
CA LYS A 243 -9.30 37.87 -6.91
C LYS A 243 -10.76 38.24 -6.71
N MET A 244 -11.30 37.88 -5.59
CA MET A 244 -12.70 38.14 -5.29
C MET A 244 -12.85 39.40 -4.44
N LYS A 245 -13.97 40.08 -4.56
CA LYS A 245 -14.17 41.39 -3.92
C LYS A 245 -14.15 41.30 -2.41
N ASN A 246 -13.95 40.16 -1.84
CA ASN A 246 -13.80 40.04 -0.39
C ASN A 246 -12.43 39.51 0.03
N GLY A 247 -11.43 39.56 -0.85
CA GLY A 247 -10.12 39.05 -0.55
C GLY A 247 -9.89 37.60 -0.91
N ALA A 248 -10.97 36.81 -1.02
CA ALA A 248 -10.84 35.42 -1.45
C ALA A 248 -10.18 35.35 -2.83
N THR A 249 -9.27 34.40 -2.99
CA THR A 249 -8.55 34.22 -4.23
C THR A 249 -8.73 32.79 -4.72
N ILE A 250 -8.83 32.62 -6.03
CA ILE A 250 -9.12 31.33 -6.65
C ILE A 250 -8.10 31.07 -7.74
N GLY A 251 -7.27 30.04 -7.54
CA GLY A 251 -6.37 29.58 -8.57
C GLY A 251 -7.07 28.58 -9.49
N LEU A 252 -6.76 28.67 -10.78
CA LEU A 252 -7.38 27.80 -11.78
C LEU A 252 -6.30 27.24 -12.69
N GLU A 253 -6.40 25.94 -12.96
CA GLU A 253 -5.60 25.33 -14.00
C GLU A 253 -6.49 24.36 -14.76
N ALA A 254 -6.36 24.43 -16.07
CA ALA A 254 -7.16 23.64 -17.00
C ALA A 254 -6.27 23.25 -18.16
N SER A 255 -6.42 22.02 -18.64
CA SER A 255 -5.54 21.49 -19.67
C SER A 255 -6.15 20.23 -20.25
N TRP A 256 -5.94 20.03 -21.55
CA TRP A 256 -6.07 18.71 -22.15
C TRP A 256 -4.75 17.98 -22.22
N ALA A 257 -3.65 18.72 -22.29
CA ALA A 257 -2.31 18.15 -22.45
C ALA A 257 -1.33 19.07 -21.76
N ILE A 258 -0.76 18.61 -20.66
CA ILE A 258 0.29 19.31 -19.94
C ILE A 258 1.15 18.28 -19.25
N ASN A 259 2.46 18.48 -19.27
CA ASN A 259 3.38 17.50 -18.69
C ASN A 259 3.35 17.66 -17.17
N MET A 260 2.24 17.22 -16.60
CA MET A 260 1.99 17.28 -15.17
C MET A 260 1.39 15.96 -14.72
N LEU A 261 1.82 15.53 -13.53
CA LEU A 261 1.53 14.17 -13.08
C LEU A 261 0.04 13.95 -12.85
N ASP A 262 -0.60 14.85 -12.11
CA ASP A 262 -1.94 14.64 -11.58
C ASP A 262 -2.99 15.05 -12.61
N SER A 263 -3.78 14.08 -13.07
CA SER A 263 -4.92 14.43 -13.93
C SER A 263 -6.15 14.52 -13.03
N ARG A 264 -6.31 15.71 -12.48
CA ARG A 264 -7.42 16.00 -11.57
C ARG A 264 -8.28 17.09 -12.19
N GLU A 265 -9.49 16.72 -12.60
CA GLU A 265 -10.43 17.65 -13.18
C GLU A 265 -11.75 17.60 -12.41
N ALA A 266 -12.65 18.55 -12.73
CA ALA A 266 -13.93 18.68 -12.03
C ALA A 266 -13.71 18.60 -10.53
N SER A 267 -12.68 19.31 -10.06
CA SER A 267 -12.22 19.23 -8.68
C SER A 267 -12.04 20.63 -8.14
N THR A 268 -11.87 20.69 -6.83
CA THR A 268 -11.61 21.95 -6.16
C THR A 268 -10.89 21.66 -4.85
N THR A 269 -10.12 22.64 -4.41
CA THR A 269 -9.49 22.61 -3.10
C THR A 269 -9.93 23.88 -2.38
N LEU A 270 -10.39 23.74 -1.14
CA LEU A 270 -10.98 24.84 -0.39
C LEU A 270 -10.30 25.00 0.95
N CYS A 271 -9.86 26.23 1.23
CA CYS A 271 -9.17 26.60 2.46
C CYS A 271 -10.02 27.60 3.23
N GLY A 272 -10.61 27.17 4.35
CA GLY A 272 -11.42 28.03 5.17
C GLY A 272 -10.76 28.40 6.49
N THR A 273 -11.37 29.37 7.16
CA THR A 273 -10.89 29.80 8.47
C THR A 273 -11.08 28.73 9.53
N GLU A 274 -11.91 27.73 9.30
CA GLU A 274 -12.18 26.70 10.29
C GLU A 274 -11.72 25.30 9.87
N ALA A 275 -11.70 25.01 8.57
CA ALA A 275 -11.36 23.69 8.07
C ALA A 275 -11.07 23.79 6.58
N GLY A 276 -10.63 22.68 6.00
CA GLY A 276 -10.37 22.62 4.59
C GLY A 276 -11.00 21.38 3.97
N ALA A 277 -10.93 21.33 2.65
CA ALA A 277 -11.51 20.21 1.92
C ALA A 277 -10.97 20.26 0.50
N GLU A 278 -10.88 19.07 -0.11
CA GLU A 278 -10.64 18.97 -1.54
C GLU A 278 -11.32 17.74 -2.09
N ILE A 279 -11.71 17.83 -3.36
CA ILE A 279 -12.33 16.77 -4.10
C ILE A 279 -11.33 16.30 -5.16
N HIS A 280 -11.29 15.00 -5.40
CA HIS A 280 -10.41 14.42 -6.40
C HIS A 280 -11.25 13.70 -7.45
N SER A 281 -11.06 14.08 -8.71
CA SER A 281 -11.72 13.42 -9.82
C SER A 281 -10.86 13.57 -11.07
N GLY A 282 -11.01 12.63 -11.99
CA GLY A 282 -10.38 12.73 -13.29
C GLY A 282 -9.61 11.48 -13.63
N MET A 283 -8.82 11.59 -14.71
CA MET A 283 -8.15 10.42 -15.27
C MET A 283 -7.28 9.71 -14.25
N SER A 284 -6.79 10.43 -13.24
CA SER A 284 -5.90 9.83 -12.25
C SER A 284 -6.63 9.24 -11.07
N TYR A 285 -7.96 9.19 -11.09
CA TYR A 285 -8.72 8.74 -9.93
C TYR A 285 -9.83 7.77 -10.33
N PRO A 286 -9.64 6.46 -10.09
CA PRO A 286 -10.72 5.51 -10.36
C PRO A 286 -11.94 5.73 -9.50
N LYS A 287 -11.76 6.23 -8.27
CA LYS A 287 -12.84 6.57 -7.37
C LYS A 287 -12.73 8.05 -7.04
N ASN A 288 -13.85 8.77 -7.12
CA ASN A 288 -13.87 10.15 -6.65
C ASN A 288 -13.57 10.20 -5.15
N GLU A 289 -12.86 11.22 -4.73
CA GLU A 289 -12.46 11.35 -3.34
C GLU A 289 -12.89 12.70 -2.82
N LEU A 290 -13.20 12.74 -1.53
CA LEU A 290 -13.42 14.00 -0.83
C LEU A 290 -12.74 13.88 0.51
N ILE A 291 -11.85 14.81 0.81
CA ILE A 291 -11.06 14.79 2.04
C ILE A 291 -11.22 16.12 2.74
N TYR A 292 -11.76 16.09 3.96
CA TYR A 292 -11.78 17.25 4.83
C TYR A 292 -10.55 17.23 5.74
N ASN A 293 -9.93 18.39 5.94
CA ASN A 293 -8.85 18.53 6.90
C ASN A 293 -9.18 19.61 7.92
N ARG A 294 -8.83 19.36 9.18
CA ARG A 294 -9.08 20.30 10.26
C ARG A 294 -8.27 19.89 11.47
N ALA A 295 -8.30 20.76 12.47
CA ALA A 295 -7.69 20.44 13.76
C ALA A 295 -8.83 20.03 14.69
N ARG A 296 -8.71 18.88 15.30
CA ARG A 296 -9.74 18.40 16.25
C ARG A 296 -9.03 18.07 17.57
N ASN A 297 -9.43 18.73 18.64
CA ASN A 297 -8.86 18.38 19.97
C ASN A 297 -7.34 18.54 19.93
N ASN A 298 -6.85 19.56 19.24
CA ASN A 298 -5.41 19.84 19.15
C ASN A 298 -4.64 18.78 18.38
N GLN A 299 -5.30 18.05 17.48
CA GLN A 299 -4.61 17.12 16.59
C GLN A 299 -5.11 17.34 15.16
N LEU A 300 -4.16 17.39 14.22
CA LEU A 300 -4.52 17.54 12.83
C LEU A 300 -5.09 16.23 12.31
N MET A 301 -6.20 16.36 11.68
CA MET A 301 -6.91 15.17 11.25
C MET A 301 -7.49 15.31 9.85
N GLU A 302 -7.82 14.18 9.27
CA GLU A 302 -8.34 14.11 7.89
C GLU A 302 -9.55 13.18 7.84
N GLU A 303 -10.62 13.65 7.22
CA GLU A 303 -11.86 12.89 7.05
C GLU A 303 -12.03 12.55 5.60
N THR A 304 -12.06 11.28 5.34
CA THR A 304 -12.14 10.76 3.98
C THR A 304 -13.40 9.92 3.79
N LEU A 305 -13.80 9.74 2.54
CA LEU A 305 -14.94 8.88 2.24
C LEU A 305 -14.58 7.43 2.52
N SER A 306 -15.51 6.70 3.15
CA SER A 306 -15.29 5.29 3.42
C SER A 306 -16.03 4.39 2.44
N GLU A 320 -26.56 7.77 -11.79
CA GLU A 320 -25.65 8.73 -11.19
C GLU A 320 -26.14 10.17 -11.38
N GLU A 321 -25.20 11.12 -11.41
CA GLU A 321 -25.55 12.53 -11.39
C GLU A 321 -26.23 12.98 -12.68
N GLY A 322 -26.05 12.26 -13.78
CA GLY A 322 -26.81 12.56 -14.97
C GLY A 322 -28.31 12.53 -14.72
N THR A 323 -28.80 11.39 -14.21
CA THR A 323 -30.23 11.28 -13.93
C THR A 323 -30.67 12.28 -12.88
N VAL A 324 -29.95 12.35 -11.76
CA VAL A 324 -30.33 13.27 -10.69
C VAL A 324 -30.47 14.68 -11.22
N ASP A 325 -29.47 15.14 -11.99
CA ASP A 325 -29.51 16.49 -12.55
C ASP A 325 -30.81 16.73 -13.32
N ASN A 326 -31.18 15.80 -14.19
CA ASN A 326 -32.34 16.02 -15.03
C ASN A 326 -33.63 15.97 -14.24
N ARG A 327 -33.82 14.89 -13.46
CA ARG A 327 -35.04 14.78 -12.65
C ARG A 327 -35.28 16.06 -11.87
N GLN A 328 -34.26 16.52 -11.17
CA GLN A 328 -34.36 17.79 -10.45
C GLN A 328 -34.82 18.90 -11.37
N TRP A 329 -34.36 18.88 -12.62
CA TRP A 329 -34.72 19.92 -13.57
C TRP A 329 -36.23 19.94 -13.82
N LEU A 330 -36.81 18.79 -14.14
CA LEU A 330 -38.24 18.72 -14.40
C LEU A 330 -39.04 19.13 -13.16
N GLU A 331 -38.78 18.49 -12.02
CA GLU A 331 -39.54 18.77 -10.81
C GLU A 331 -39.52 20.24 -10.44
N ALA A 332 -38.61 21.04 -11.00
CA ALA A 332 -38.61 22.47 -10.71
C ALA A 332 -39.66 23.19 -11.53
N ILE A 333 -39.81 22.82 -12.80
CA ILE A 333 -40.88 23.48 -13.54
C ILE A 333 -42.23 22.90 -13.16
N GLN A 334 -42.42 21.57 -13.18
CA GLN A 334 -43.70 21.00 -12.77
C GLN A 334 -44.20 21.58 -11.45
N ASN A 335 -43.35 21.58 -10.43
CA ASN A 335 -43.71 22.15 -9.14
C ASN A 335 -43.46 23.65 -9.06
N GLY A 336 -42.90 24.27 -10.07
CA GLY A 336 -42.79 25.73 -9.94
C GLY A 336 -41.69 26.20 -9.03
N THR A 337 -40.68 25.37 -8.83
CA THR A 337 -39.71 25.98 -7.91
C THR A 337 -38.38 26.07 -8.64
N GLU A 338 -37.35 26.53 -7.96
CA GLU A 338 -36.07 26.84 -8.63
C GLU A 338 -35.23 25.62 -8.99
N PRO A 339 -34.66 25.58 -10.20
CA PRO A 339 -33.75 24.51 -10.56
C PRO A 339 -32.41 24.83 -9.88
N LEU A 340 -31.64 23.80 -9.51
CA LEU A 340 -30.40 24.04 -8.73
C LEU A 340 -29.45 24.97 -9.48
N VAL A 341 -28.96 24.57 -10.65
CA VAL A 341 -27.99 25.50 -11.21
C VAL A 341 -28.75 26.67 -11.83
N LYS A 342 -28.39 27.80 -11.28
CA LYS A 342 -29.07 29.04 -11.62
C LYS A 342 -28.33 29.75 -12.76
N PRO A 343 -29.11 30.48 -13.56
CA PRO A 343 -28.52 31.12 -14.76
C PRO A 343 -27.42 32.11 -14.45
N GLU A 344 -27.60 32.93 -13.41
CA GLU A 344 -26.59 33.89 -12.98
C GLU A 344 -25.27 33.20 -12.67
N GLU A 345 -25.35 32.05 -12.01
CA GLU A 345 -24.15 31.32 -11.65
C GLU A 345 -23.33 30.97 -12.89
N ALA A 346 -23.97 30.39 -13.91
CA ALA A 346 -23.25 29.99 -15.11
C ALA A 346 -22.72 31.17 -15.88
N LEU A 347 -23.42 32.30 -15.84
CA LEU A 347 -22.93 33.51 -16.50
C LEU A 347 -21.65 33.99 -15.84
N ALA A 348 -21.60 33.99 -14.51
CA ALA A 348 -20.39 34.37 -13.80
C ALA A 348 -19.24 33.43 -14.12
N VAL A 349 -19.52 32.13 -14.29
CA VAL A 349 -18.46 31.22 -14.70
C VAL A 349 -17.97 31.57 -16.10
N THR A 350 -18.88 31.92 -17.00
CA THR A 350 -18.49 32.33 -18.34
C THR A 350 -17.71 33.65 -18.33
N LYS A 351 -18.05 34.55 -17.39
CA LYS A 351 -17.31 35.81 -17.45
C LYS A 351 -15.89 35.65 -16.93
N ILE A 352 -15.66 34.80 -15.94
CA ILE A 352 -14.29 34.61 -15.45
C ILE A 352 -13.43 33.94 -16.49
N LEU A 353 -13.95 32.87 -17.11
CA LEU A 353 -13.15 32.16 -18.11
C LEU A 353 -12.92 33.00 -19.35
N ASP A 354 -13.83 33.92 -19.66
CA ASP A 354 -13.56 34.84 -20.77
C ASP A 354 -12.48 35.83 -20.38
N ALA A 355 -12.51 36.33 -19.13
CA ALA A 355 -11.48 37.24 -18.67
C ALA A 355 -10.11 36.57 -18.59
N ILE A 356 -10.01 35.25 -18.53
CA ILE A 356 -8.68 34.59 -18.52
C ILE A 356 -8.07 34.64 -19.92
N TYR A 357 -8.87 34.31 -20.94
CA TYR A 357 -8.39 34.45 -22.34
C TYR A 357 -8.09 35.92 -22.59
N LYS A 358 -8.90 36.82 -22.01
CA LYS A 358 -8.73 38.28 -22.21
C LYS A 358 -7.38 38.72 -21.63
N SER A 359 -6.82 37.94 -20.71
CA SER A 359 -5.52 38.29 -20.09
C SER A 359 -4.44 38.34 -21.17
N ALA A 360 -4.73 37.80 -22.36
CA ALA A 360 -3.76 37.85 -23.49
C ALA A 360 -3.20 39.27 -23.61
N LYS A 361 -4.02 40.28 -23.34
CA LYS A 361 -3.56 41.68 -23.38
C LYS A 361 -2.43 41.81 -22.36
N THR A 362 -1.93 40.70 -21.83
CA THR A 362 -0.92 40.69 -20.74
C THR A 362 -1.35 41.75 -19.72
N ASN A 363 -2.64 41.79 -19.42
CA ASN A 363 -3.16 42.71 -18.40
C ASN A 363 -4.24 42.07 -17.53
N THR A 364 -4.36 42.53 -16.31
CA THR A 364 -5.34 42.05 -15.35
C THR A 364 -6.68 42.71 -15.62
N ILE A 365 -7.73 41.91 -15.70
CA ILE A 365 -9.07 42.41 -16.04
C ILE A 365 -9.79 42.70 -14.73
N LYS A 366 -10.07 43.97 -14.48
CA LYS A 366 -10.87 44.32 -13.30
C LYS A 366 -12.35 44.29 -13.67
N PHE A 367 -13.17 43.93 -12.70
CA PHE A 367 -14.61 43.78 -12.93
C PHE A 367 -15.38 44.94 -12.32
N GLY B 1 -10.54 0.37 -51.69
CA GLY B 1 -9.93 -0.18 -52.89
C GLY B 1 -9.56 -1.64 -52.76
N MET B 2 -9.34 -2.08 -51.52
CA MET B 2 -8.91 -3.44 -51.29
C MET B 2 -10.07 -4.27 -50.74
N SER B 3 -10.40 -5.32 -51.49
CA SER B 3 -11.47 -6.22 -51.04
C SER B 3 -10.95 -7.12 -49.92
N LYS B 4 -11.89 -7.81 -49.27
CA LYS B 4 -11.59 -8.50 -48.02
C LYS B 4 -10.91 -9.84 -48.23
N LEU B 5 -9.87 -10.08 -47.44
CA LEU B 5 -9.18 -11.36 -47.44
C LEU B 5 -10.12 -12.46 -46.96
N LYS B 6 -10.06 -13.62 -47.62
CA LYS B 6 -10.96 -14.72 -47.31
C LYS B 6 -10.21 -15.74 -46.46
N ILE B 7 -10.66 -15.91 -45.22
CA ILE B 7 -9.95 -16.64 -44.19
C ILE B 7 -10.53 -18.03 -44.05
N GLY B 8 -9.67 -18.99 -43.75
CA GLY B 8 -10.09 -20.31 -43.31
C GLY B 8 -9.40 -20.65 -42.00
N ILE B 9 -10.18 -21.05 -41.00
CA ILE B 9 -9.65 -21.37 -39.67
C ILE B 9 -9.67 -22.87 -39.48
N ILE B 10 -8.52 -23.43 -39.07
CA ILE B 10 -8.35 -24.85 -38.81
C ILE B 10 -8.10 -25.01 -37.32
N GLY B 11 -9.12 -25.49 -36.62
CA GLY B 11 -9.07 -25.59 -35.18
C GLY B 11 -9.91 -24.49 -34.56
N CYS B 12 -11.12 -24.87 -34.16
CA CYS B 12 -11.91 -23.84 -33.48
C CYS B 12 -12.11 -24.17 -32.02
N GLY B 13 -10.93 -24.41 -31.42
CA GLY B 13 -10.85 -24.61 -29.99
C GLY B 13 -10.66 -23.32 -29.26
N GLY B 14 -9.88 -23.36 -28.18
CA GLY B 14 -9.71 -22.23 -27.29
C GLY B 14 -9.19 -20.97 -27.95
N ILE B 15 -8.01 -21.06 -28.57
CA ILE B 15 -7.34 -19.86 -29.05
C ILE B 15 -8.11 -19.23 -30.22
N ALA B 16 -8.78 -20.04 -31.03
CA ALA B 16 -9.58 -19.49 -32.12
C ALA B 16 -10.75 -18.67 -31.58
N ASN B 17 -11.41 -19.17 -30.54
CA ASN B 17 -12.51 -18.41 -29.94
C ASN B 17 -11.97 -17.21 -29.17
N GLN B 18 -10.88 -17.38 -28.43
CA GLN B 18 -10.42 -16.32 -27.54
C GLN B 18 -9.71 -15.21 -28.27
N LYS B 19 -8.95 -15.54 -29.32
CA LYS B 19 -8.07 -14.57 -29.96
C LYS B 19 -8.44 -14.27 -31.40
N HIS B 20 -8.68 -15.30 -32.22
CA HIS B 20 -8.77 -15.07 -33.66
C HIS B 20 -10.14 -14.55 -34.07
N PHE B 21 -11.20 -15.29 -33.74
CA PHE B 21 -12.54 -14.81 -34.08
C PHE B 21 -12.74 -13.36 -33.64
N PRO B 22 -12.60 -13.00 -32.35
CA PRO B 22 -12.77 -11.58 -31.99
C PRO B 22 -11.87 -10.66 -32.78
N ALA B 23 -10.61 -11.05 -33.01
CA ALA B 23 -9.70 -10.17 -33.75
C ALA B 23 -10.18 -9.95 -35.18
N LEU B 24 -10.50 -11.04 -35.88
CA LEU B 24 -11.01 -10.94 -37.24
C LEU B 24 -12.30 -10.13 -37.31
N LYS B 25 -13.19 -10.28 -36.32
CA LYS B 25 -14.38 -9.43 -36.27
C LYS B 25 -14.02 -7.97 -36.06
N ASN B 26 -13.10 -7.68 -35.14
CA ASN B 26 -12.65 -6.30 -34.96
C ASN B 26 -12.11 -5.74 -36.27
N ASN B 27 -11.38 -6.55 -37.02
CA ASN B 27 -10.83 -6.17 -38.31
C ASN B 27 -11.69 -6.68 -39.46
N ALA B 28 -13.01 -6.65 -39.27
CA ALA B 28 -13.93 -7.22 -40.25
C ALA B 28 -13.87 -6.48 -41.59
N ASP B 29 -13.43 -5.22 -41.59
CA ASP B 29 -13.32 -4.46 -42.83
C ASP B 29 -12.28 -5.04 -43.79
N LEU B 30 -11.40 -5.91 -43.31
CA LEU B 30 -10.33 -6.47 -44.12
C LEU B 30 -10.50 -7.95 -44.41
N ASN B 31 -11.55 -8.59 -43.91
CA ASN B 31 -11.60 -10.05 -43.98
C ASN B 31 -13.03 -10.54 -43.77
N GLU B 32 -13.18 -11.85 -43.94
CA GLU B 32 -14.38 -12.62 -43.67
C GLU B 32 -13.98 -14.08 -43.74
N ILE B 33 -14.58 -14.83 -42.84
CA ILE B 33 -14.22 -16.26 -42.69
C ILE B 33 -15.19 -17.06 -43.54
N VAL B 34 -14.63 -17.91 -44.35
CA VAL B 34 -15.40 -18.58 -45.39
C VAL B 34 -15.29 -20.05 -45.17
N ALA B 35 -14.56 -20.42 -44.15
CA ALA B 35 -14.33 -21.84 -43.87
C ALA B 35 -13.89 -22.05 -42.45
N PHE B 36 -14.46 -23.04 -41.83
CA PHE B 36 -14.15 -23.37 -40.45
C PHE B 36 -13.92 -24.88 -40.39
N CYS B 37 -12.79 -25.32 -39.84
CA CYS B 37 -12.50 -26.75 -39.70
C CYS B 37 -12.12 -27.11 -38.28
N ASP B 38 -12.61 -28.23 -37.83
CA ASP B 38 -12.19 -28.83 -36.57
C ASP B 38 -12.65 -30.28 -36.55
N ILE B 39 -11.77 -31.17 -36.07
CA ILE B 39 -12.10 -32.59 -36.06
C ILE B 39 -13.28 -32.87 -35.13
N GLN B 40 -13.51 -32.00 -34.15
CA GLN B 40 -14.74 -32.06 -33.37
C GLN B 40 -15.72 -31.13 -34.06
N ILE B 41 -16.50 -31.69 -34.98
CA ILE B 41 -17.15 -30.86 -36.00
C ILE B 41 -18.15 -29.87 -35.44
N ASP B 42 -18.72 -30.11 -34.25
CA ASP B 42 -19.64 -29.12 -33.70
C ASP B 42 -18.94 -27.79 -33.43
N ARG B 43 -17.65 -27.82 -33.07
CA ARG B 43 -16.91 -26.58 -32.84
C ARG B 43 -16.87 -25.73 -34.11
N ALA B 44 -16.58 -26.35 -35.25
CA ALA B 44 -16.56 -25.61 -36.50
C ALA B 44 -17.95 -25.09 -36.85
N GLU B 45 -18.99 -25.91 -36.62
CA GLU B 45 -20.35 -25.49 -36.95
C GLU B 45 -20.74 -24.24 -36.16
N LYS B 46 -20.54 -24.28 -34.83
CA LYS B 46 -20.87 -23.12 -34.02
C LYS B 46 -20.04 -21.91 -34.41
N ALA B 47 -18.73 -22.10 -34.61
CA ALA B 47 -17.89 -21.00 -35.07
C ALA B 47 -18.43 -20.42 -36.37
N ALA B 48 -18.81 -21.29 -37.31
CA ALA B 48 -19.42 -20.82 -38.55
C ALA B 48 -20.64 -19.96 -38.27
N ALA B 49 -21.52 -20.42 -37.37
CA ALA B 49 -22.76 -19.71 -37.10
C ALA B 49 -22.54 -18.37 -36.42
N GLU B 50 -21.46 -18.22 -35.65
CA GLU B 50 -21.19 -17.01 -34.91
C GLU B 50 -20.27 -16.03 -35.62
N PHE B 51 -19.33 -16.53 -36.36
CA PHE B 51 -18.29 -15.61 -36.80
C PHE B 51 -18.20 -15.71 -38.31
N GLY B 52 -18.96 -16.64 -38.80
CA GLY B 52 -18.83 -16.90 -40.22
C GLY B 52 -19.68 -16.11 -41.16
N ALA B 53 -19.27 -16.22 -42.37
CA ALA B 53 -20.03 -15.60 -43.43
C ALA B 53 -21.07 -16.60 -43.86
N GLU B 54 -22.12 -16.04 -44.39
CA GLU B 54 -23.16 -16.93 -44.88
C GLU B 54 -22.54 -17.89 -45.86
N GLY B 55 -22.77 -19.16 -45.61
CA GLY B 55 -22.35 -20.12 -46.63
C GLY B 55 -20.97 -20.62 -46.41
N ALA B 56 -20.53 -20.51 -45.18
CA ALA B 56 -19.14 -20.83 -44.99
C ALA B 56 -18.99 -22.32 -44.90
N GLN B 57 -17.80 -22.80 -45.19
CA GLN B 57 -17.53 -24.24 -45.13
C GLN B 57 -17.26 -24.63 -43.72
N VAL B 58 -18.07 -25.51 -43.22
CA VAL B 58 -17.81 -26.15 -41.94
C VAL B 58 -17.43 -27.59 -42.24
N THR B 59 -16.18 -27.99 -42.00
CA THR B 59 -15.75 -29.35 -42.25
C THR B 59 -14.91 -29.84 -41.08
N ALA B 60 -14.72 -31.17 -41.03
CA ALA B 60 -13.84 -31.80 -40.05
C ALA B 60 -12.53 -32.25 -40.67
N ASP B 61 -12.35 -32.02 -41.96
CA ASP B 61 -11.13 -32.41 -42.67
C ASP B 61 -10.47 -31.14 -43.18
N TYR B 62 -9.28 -30.84 -42.65
CA TYR B 62 -8.59 -29.65 -43.09
C TYR B 62 -8.25 -29.73 -44.57
N LYS B 63 -8.03 -30.93 -45.09
CA LYS B 63 -7.73 -31.08 -46.51
C LYS B 63 -8.87 -30.56 -47.37
N GLU B 64 -10.11 -30.71 -46.92
CA GLU B 64 -11.26 -30.21 -47.66
C GLU B 64 -11.37 -28.69 -47.57
N LEU B 65 -10.83 -28.12 -46.49
CA LEU B 65 -10.78 -26.67 -46.37
C LEU B 65 -9.68 -26.06 -47.24
N LEU B 66 -8.56 -26.77 -47.41
CA LEU B 66 -7.51 -26.25 -48.27
C LEU B 66 -7.83 -26.47 -49.74
N ALA B 67 -8.55 -27.53 -50.07
CA ALA B 67 -9.02 -27.64 -51.45
C ALA B 67 -10.15 -26.66 -51.76
N ASN B 68 -10.50 -25.78 -50.82
CA ASN B 68 -11.49 -24.73 -51.02
C ASN B 68 -10.78 -23.52 -51.64
N PRO B 69 -11.02 -23.22 -52.91
CA PRO B 69 -10.30 -22.11 -53.57
C PRO B 69 -10.79 -20.72 -53.18
N GLU B 70 -11.78 -20.64 -52.31
CA GLU B 70 -12.23 -19.32 -51.80
C GLU B 70 -11.42 -18.96 -50.55
N VAL B 71 -10.67 -19.92 -50.02
CA VAL B 71 -9.77 -19.64 -48.86
C VAL B 71 -8.47 -19.05 -49.42
N GLU B 72 -8.07 -17.90 -48.89
CA GLU B 72 -6.85 -17.22 -49.39
C GLU B 72 -5.81 -17.17 -48.26
N VAL B 73 -6.30 -17.04 -47.04
CA VAL B 73 -5.39 -17.03 -45.86
C VAL B 73 -5.91 -18.06 -44.88
N VAL B 74 -5.02 -18.87 -44.34
CA VAL B 74 -5.43 -19.94 -43.40
C VAL B 74 -4.81 -19.69 -42.03
N HIS B 75 -5.61 -19.82 -40.98
CA HIS B 75 -5.10 -19.68 -39.60
C HIS B 75 -5.05 -21.07 -38.99
N VAL B 76 -3.87 -21.49 -38.58
CA VAL B 76 -3.65 -22.84 -38.00
C VAL B 76 -3.68 -22.71 -36.48
N CYS B 77 -4.77 -23.14 -35.86
CA CYS B 77 -4.96 -23.00 -34.39
C CYS B 77 -5.05 -24.40 -33.78
N THR B 78 -4.29 -25.35 -34.33
CA THR B 78 -4.35 -26.75 -33.87
C THR B 78 -3.24 -27.02 -32.87
N PRO B 79 -3.24 -28.19 -32.18
CA PRO B 79 -2.16 -28.54 -31.29
C PRO B 79 -0.82 -28.46 -32.04
N ASN B 80 0.30 -28.46 -31.34
CA ASN B 80 1.62 -28.19 -31.95
C ASN B 80 2.09 -29.21 -33.00
N VAL B 81 1.89 -30.51 -32.78
CA VAL B 81 2.46 -31.52 -33.74
C VAL B 81 1.74 -31.38 -35.08
N SER B 82 0.48 -30.99 -35.07
CA SER B 82 -0.33 -30.86 -36.30
C SER B 82 0.03 -29.59 -37.09
N HIS B 83 0.79 -28.68 -36.50
CA HIS B 83 1.08 -27.38 -37.16
C HIS B 83 1.83 -27.57 -38.48
N SER B 84 2.82 -28.46 -38.50
CA SER B 84 3.67 -28.64 -39.68
C SER B 84 2.91 -29.25 -40.86
N GLU B 85 2.12 -30.28 -40.59
CA GLU B 85 1.37 -30.95 -41.67
C GLU B 85 0.38 -29.95 -42.28
N ILE B 86 -0.34 -29.26 -41.44
CA ILE B 86 -1.38 -28.38 -41.99
C ILE B 86 -0.76 -27.18 -42.70
N THR B 87 0.36 -26.69 -42.18
CA THR B 87 1.01 -25.47 -42.74
C THR B 87 1.77 -25.84 -44.01
N ILE B 88 2.60 -26.88 -43.92
CA ILE B 88 3.43 -27.30 -45.08
C ILE B 88 2.48 -27.73 -46.17
N ALA B 89 1.22 -27.94 -45.78
CA ALA B 89 0.39 -28.89 -46.52
C ALA B 89 -0.17 -28.15 -47.69
N ALA B 90 -1.32 -28.63 -48.10
CA ALA B 90 -2.01 -27.94 -49.19
C ALA B 90 -2.19 -26.52 -48.66
N PHE B 91 -1.72 -26.27 -47.43
CA PHE B 91 -1.76 -24.87 -46.94
C PHE B 91 -0.74 -24.09 -47.76
N GLU B 92 0.54 -24.42 -47.62
CA GLU B 92 1.51 -23.74 -48.47
C GLU B 92 1.19 -24.12 -49.92
N ALA B 93 0.07 -24.80 -50.13
CA ALA B 93 -0.41 -25.06 -51.50
C ALA B 93 -1.40 -23.95 -51.88
N GLY B 94 -0.90 -22.72 -52.03
CA GLY B 94 -1.72 -21.59 -52.50
C GLY B 94 -2.27 -20.69 -51.41
N LYS B 95 -1.92 -20.96 -50.17
CA LYS B 95 -2.55 -20.23 -49.09
C LYS B 95 -1.53 -19.52 -48.20
N HIS B 96 -1.90 -18.33 -47.73
CA HIS B 96 -1.14 -17.64 -46.69
C HIS B 96 -1.45 -18.23 -45.32
N VAL B 97 -0.40 -18.46 -44.55
CA VAL B 97 -0.63 -19.20 -43.28
C VAL B 97 -0.29 -18.38 -42.04
N TYR B 98 -1.23 -18.31 -41.12
CA TYR B 98 -0.95 -17.73 -39.80
C TYR B 98 -0.91 -18.94 -38.88
N CYS B 99 0.29 -19.31 -38.44
CA CYS B 99 0.41 -20.46 -37.51
C CYS B 99 0.68 -20.00 -36.08
N GLU B 100 0.03 -20.66 -35.12
CA GLU B 100 0.09 -20.26 -33.69
C GLU B 100 1.46 -20.40 -33.02
N LYS B 101 1.61 -19.79 -31.84
CA LYS B 101 2.90 -19.64 -31.11
C LYS B 101 3.84 -20.83 -31.17
N PRO B 102 3.48 -22.06 -30.82
CA PRO B 102 4.49 -23.09 -30.88
C PRO B 102 4.61 -23.47 -32.37
N MET B 103 5.41 -22.75 -33.14
CA MET B 103 5.56 -23.02 -34.60
C MET B 103 5.56 -24.51 -34.89
N SER B 104 6.36 -25.28 -34.15
CA SER B 104 6.23 -26.73 -34.09
C SER B 104 6.91 -27.17 -32.81
N HIS B 105 6.61 -28.36 -32.40
CA HIS B 105 7.33 -29.01 -31.31
C HIS B 105 8.80 -29.22 -31.67
N SER B 106 9.08 -29.58 -32.93
CA SER B 106 10.31 -30.09 -33.51
C SER B 106 11.08 -28.98 -34.23
N THR B 107 12.42 -29.00 -34.17
CA THR B 107 13.21 -28.09 -35.00
C THR B 107 13.09 -28.46 -36.49
N GLU B 108 13.04 -29.76 -36.80
CA GLU B 108 13.01 -30.18 -38.20
C GLU B 108 11.67 -29.85 -38.83
N GLU B 109 10.56 -30.19 -38.16
CA GLU B 109 9.24 -29.86 -38.70
C GLU B 109 9.08 -28.37 -38.92
N ALA B 110 9.69 -27.55 -38.06
CA ALA B 110 9.67 -26.11 -38.29
C ALA B 110 10.50 -25.73 -39.51
N GLU B 111 11.66 -26.38 -39.69
CA GLU B 111 12.50 -26.07 -40.85
C GLU B 111 11.81 -26.47 -42.14
N LYS B 112 11.10 -27.61 -42.14
CA LYS B 112 10.35 -27.95 -43.34
C LYS B 112 9.19 -26.98 -43.56
N MET B 113 8.63 -26.38 -42.50
CA MET B 113 7.64 -25.33 -42.70
C MET B 113 8.25 -24.12 -43.37
N VAL B 114 9.41 -23.65 -42.89
CA VAL B 114 10.07 -22.51 -43.52
C VAL B 114 10.30 -22.80 -45.00
N GLU B 115 10.87 -23.98 -45.31
CA GLU B 115 11.11 -24.28 -46.71
C GLU B 115 9.82 -24.41 -47.50
N ALA B 116 8.79 -25.04 -46.93
CA ALA B 116 7.49 -25.02 -47.59
C ALA B 116 7.06 -23.59 -47.88
N TRP B 117 7.21 -22.70 -46.90
CA TRP B 117 6.78 -21.31 -47.05
C TRP B 117 7.48 -20.64 -48.22
N LYS B 118 8.80 -20.79 -48.30
CA LYS B 118 9.41 -20.03 -49.38
C LYS B 118 9.14 -20.67 -50.73
N LYS B 119 8.98 -22.00 -50.84
CA LYS B 119 8.57 -22.61 -52.12
C LYS B 119 7.28 -22.00 -52.65
N SER B 120 6.33 -21.71 -51.76
CA SER B 120 4.99 -21.31 -52.17
C SER B 120 4.88 -19.85 -52.57
N GLY B 121 5.85 -19.02 -52.17
CA GLY B 121 5.77 -17.59 -52.42
C GLY B 121 4.74 -16.85 -51.58
N LYS B 122 4.08 -17.52 -50.64
CA LYS B 122 3.02 -16.93 -49.84
C LYS B 122 3.57 -16.30 -48.57
N GLN B 123 2.70 -15.68 -47.82
CA GLN B 123 3.07 -15.00 -46.58
C GLN B 123 2.92 -15.91 -45.37
N PHE B 124 3.77 -15.75 -44.39
CA PHE B 124 3.83 -16.57 -43.19
C PHE B 124 4.16 -15.75 -41.94
N THR B 125 3.37 -15.96 -40.91
CA THR B 125 3.67 -15.42 -39.58
C THR B 125 3.29 -16.43 -38.52
N ILE B 126 3.85 -16.25 -37.36
CA ILE B 126 3.56 -17.07 -36.17
C ILE B 126 2.87 -16.15 -35.18
N GLY B 127 2.05 -16.71 -34.34
CA GLY B 127 1.28 -15.99 -33.32
C GLY B 127 1.97 -15.55 -32.06
N TYR B 128 2.84 -14.61 -32.22
CA TYR B 128 3.51 -14.05 -31.06
C TYR B 128 2.86 -12.68 -30.85
N GLN B 129 1.58 -12.66 -30.51
CA GLN B 129 0.79 -11.43 -30.30
C GLN B 129 1.39 -10.58 -29.19
N ASN B 130 2.10 -11.21 -28.29
CA ASN B 130 2.62 -10.41 -27.20
C ASN B 130 3.55 -9.33 -27.67
N ARG B 131 4.07 -9.42 -28.90
CA ARG B 131 4.92 -8.38 -29.43
C ARG B 131 4.20 -7.05 -29.56
N PHE B 132 2.87 -7.07 -29.64
CA PHE B 132 2.09 -5.89 -29.94
C PHE B 132 1.48 -5.24 -28.72
N ARG B 133 1.69 -5.80 -27.53
CA ARG B 133 1.36 -5.08 -26.32
C ARG B 133 2.15 -3.78 -26.29
N GLU B 134 1.47 -2.67 -26.01
CA GLU B 134 2.11 -1.36 -26.15
C GLU B 134 3.38 -1.25 -25.33
N GLU B 135 3.42 -1.89 -24.15
CA GLU B 135 4.64 -1.81 -23.35
C GLU B 135 5.75 -2.66 -23.95
N VAL B 136 5.41 -3.80 -24.56
CA VAL B 136 6.43 -4.59 -25.23
C VAL B 136 6.96 -3.83 -26.43
N MET B 137 6.07 -3.17 -27.19
CA MET B 137 6.52 -2.28 -28.27
C MET B 137 7.38 -1.15 -27.73
N ASN B 138 6.98 -0.59 -26.58
CA ASN B 138 7.77 0.44 -25.92
C ASN B 138 9.19 -0.04 -25.71
N LEU B 139 9.37 -1.15 -24.99
CA LEU B 139 10.72 -1.64 -24.71
C LEU B 139 11.49 -1.89 -26.00
N LYS B 140 10.84 -2.51 -26.99
CA LYS B 140 11.51 -2.82 -28.25
C LYS B 140 12.01 -1.55 -28.95
N LYS B 141 11.20 -0.48 -28.93
CA LYS B 141 11.68 0.77 -29.52
C LYS B 141 12.88 1.30 -28.76
N SER B 142 12.86 1.20 -27.44
CA SER B 142 13.97 1.78 -26.68
C SER B 142 15.28 1.04 -26.94
N CYS B 143 15.27 -0.30 -27.01
CA CYS B 143 16.46 -1.05 -27.36
C CYS B 143 16.93 -0.77 -28.77
N ASP B 144 15.99 -0.66 -29.72
CA ASP B 144 16.36 -0.36 -31.10
C ASP B 144 17.08 0.98 -31.20
N LYS B 145 16.74 1.92 -30.32
CA LYS B 145 17.41 3.20 -30.27
C LYS B 145 18.66 3.16 -29.41
N GLY B 146 19.09 1.98 -28.97
CA GLY B 146 20.27 1.87 -28.15
C GLY B 146 20.18 2.53 -26.79
N GLU B 147 18.96 2.87 -26.34
CA GLU B 147 18.77 3.57 -25.08
C GLU B 147 19.02 2.68 -23.87
N LEU B 148 19.24 1.39 -24.06
CA LEU B 148 19.76 0.52 -23.01
C LEU B 148 21.24 0.20 -23.19
N GLY B 149 21.83 0.56 -24.35
CA GLY B 149 23.19 0.21 -24.67
C GLY B 149 23.30 -1.23 -25.17
N GLU B 150 24.52 -1.78 -25.06
CA GLU B 150 24.69 -3.20 -25.30
C GLU B 150 24.02 -3.99 -24.19
N ILE B 151 23.19 -4.95 -24.57
CA ILE B 151 22.43 -5.78 -23.64
C ILE B 151 23.17 -7.10 -23.49
N TYR B 152 23.71 -7.35 -22.30
CA TYR B 152 24.53 -8.54 -22.07
C TYR B 152 23.89 -9.57 -21.18
N TYR B 153 22.88 -9.20 -20.40
CA TYR B 153 22.14 -10.15 -19.59
C TYR B 153 20.66 -9.95 -19.82
N GLY B 154 19.99 -11.03 -20.21
CA GLY B 154 18.54 -11.01 -20.37
C GLY B 154 17.94 -12.20 -19.67
N LYS B 155 16.70 -12.02 -19.24
CA LYS B 155 15.94 -13.09 -18.60
C LYS B 155 14.59 -13.21 -19.29
N ALA B 156 14.29 -14.41 -19.76
CA ALA B 156 12.96 -14.71 -20.29
C ALA B 156 12.13 -15.32 -19.16
N HIS B 157 11.04 -14.64 -18.81
CA HIS B 157 10.15 -15.07 -17.75
C HIS B 157 8.91 -15.71 -18.37
N ALA B 158 8.69 -16.99 -18.07
CA ALA B 158 7.51 -17.70 -18.55
C ALA B 158 7.04 -18.66 -17.46
N VAL B 159 6.74 -18.11 -16.30
CA VAL B 159 6.47 -18.88 -15.09
C VAL B 159 5.02 -18.69 -14.67
N ARG B 160 4.29 -19.80 -14.57
CA ARG B 160 3.01 -19.86 -13.89
C ARG B 160 3.18 -20.73 -12.65
N ARG B 161 2.74 -20.23 -11.50
CA ARG B 161 2.85 -21.01 -10.27
C ARG B 161 1.92 -22.22 -10.30
N ARG B 162 0.69 -22.03 -10.76
CA ARG B 162 -0.20 -23.17 -11.00
C ARG B 162 -1.36 -22.72 -11.87
N ALA B 163 -1.08 -22.86 -13.16
CA ALA B 163 -2.07 -22.58 -14.19
C ALA B 163 -1.81 -23.52 -15.36
N VAL B 164 -1.96 -24.82 -15.11
CA VAL B 164 -1.83 -25.83 -16.17
C VAL B 164 -3.07 -25.79 -17.06
N PRO B 165 -2.93 -25.68 -18.37
CA PRO B 165 -4.12 -25.67 -19.24
C PRO B 165 -4.83 -27.01 -19.21
N THR B 166 -6.14 -26.97 -18.92
CA THR B 166 -6.94 -28.17 -18.71
C THR B 166 -8.01 -28.36 -19.77
N TRP B 167 -8.06 -27.52 -20.80
CA TRP B 167 -9.16 -27.49 -21.74
C TRP B 167 -8.82 -28.13 -23.08
N GLY B 168 -7.79 -28.97 -23.15
CA GLY B 168 -7.45 -29.54 -24.43
C GLY B 168 -6.60 -30.79 -24.32
N VAL B 169 -5.50 -30.80 -25.05
CA VAL B 169 -4.57 -31.93 -25.05
C VAL B 169 -3.18 -31.41 -24.66
N PHE B 170 -3.14 -30.32 -23.91
CA PHE B 170 -1.86 -29.67 -23.60
C PHE B 170 -0.91 -30.59 -22.84
N MET B 171 -1.42 -31.66 -22.25
CA MET B 171 -0.58 -32.63 -21.55
C MET B 171 -0.45 -33.94 -22.30
N ASP B 172 -0.93 -34.00 -23.53
CA ASP B 172 -0.76 -35.18 -24.39
C ASP B 172 0.51 -34.99 -25.21
N LYS B 173 1.51 -35.83 -24.95
CA LYS B 173 2.82 -35.64 -25.59
C LYS B 173 2.73 -35.78 -27.09
N GLU B 174 1.90 -36.72 -27.59
CA GLU B 174 1.83 -36.91 -29.03
C GLU B 174 1.11 -35.77 -29.75
N ALA B 175 0.31 -34.98 -29.04
CA ALA B 175 -0.34 -33.83 -29.67
C ALA B 175 0.53 -32.58 -29.61
N GLN B 176 1.21 -32.36 -28.48
CA GLN B 176 1.95 -31.13 -28.25
C GLN B 176 3.46 -31.29 -28.42
N GLY B 177 3.99 -32.49 -28.32
CA GLY B 177 5.43 -32.66 -28.35
C GLY B 177 6.18 -32.06 -27.18
N GLY B 178 5.52 -31.30 -26.32
CA GLY B 178 6.21 -30.68 -25.20
C GLY B 178 5.23 -30.03 -24.26
N GLY B 179 5.78 -29.50 -23.17
CA GLY B 179 5.00 -28.88 -22.12
C GLY B 179 5.22 -27.39 -22.08
N PRO B 180 5.27 -26.81 -20.89
CA PRO B 180 5.36 -25.35 -20.76
C PRO B 180 6.61 -24.74 -21.40
N LEU B 181 7.63 -25.53 -21.74
CA LEU B 181 8.81 -24.94 -22.35
C LEU B 181 8.51 -24.40 -23.74
N ILE B 182 7.84 -25.18 -24.58
CA ILE B 182 7.41 -24.69 -25.88
C ILE B 182 6.00 -24.11 -25.87
N ASP B 183 5.26 -24.26 -24.76
CA ASP B 183 3.91 -23.72 -24.69
C ASP B 183 3.89 -22.25 -24.27
N ILE B 184 4.55 -21.89 -23.17
CA ILE B 184 4.62 -20.49 -22.78
C ILE B 184 6.04 -19.95 -22.76
N GLY B 185 7.06 -20.79 -22.60
CA GLY B 185 8.42 -20.32 -22.73
C GLY B 185 8.73 -19.73 -24.09
N THR B 186 7.91 -20.05 -25.10
CA THR B 186 8.17 -19.54 -26.45
C THR B 186 7.84 -18.06 -26.56
N HIS B 187 6.81 -17.58 -25.85
CA HIS B 187 6.48 -16.16 -25.89
C HIS B 187 7.61 -15.33 -25.31
N ALA B 188 8.14 -15.75 -24.16
CA ALA B 188 9.12 -14.94 -23.43
C ALA B 188 10.46 -14.91 -24.14
N LEU B 189 10.94 -16.06 -24.61
CA LEU B 189 12.19 -16.05 -25.36
C LEU B 189 12.07 -15.21 -26.62
N ASP B 190 10.92 -15.30 -27.30
CA ASP B 190 10.70 -14.47 -28.49
C ASP B 190 10.89 -13.00 -28.16
N ILE B 191 10.19 -12.50 -27.13
CA ILE B 191 10.33 -11.09 -26.76
C ILE B 191 11.78 -10.79 -26.38
N THR B 192 12.40 -11.66 -25.59
CA THR B 192 13.76 -11.43 -25.12
C THR B 192 14.75 -11.34 -26.28
N LEU B 193 14.76 -12.34 -27.16
CA LEU B 193 15.64 -12.29 -28.33
C LEU B 193 15.29 -11.12 -29.23
N TRP B 194 14.00 -10.86 -29.42
CA TRP B 194 13.55 -9.79 -30.30
C TRP B 194 14.01 -8.43 -29.81
N CYS B 195 13.86 -8.15 -28.52
CA CYS B 195 14.27 -6.87 -27.97
C CYS B 195 15.80 -6.75 -27.98
N MET B 196 16.50 -7.83 -27.65
CA MET B 196 17.96 -7.82 -27.69
C MET B 196 18.50 -7.78 -29.11
N ASN B 197 17.69 -8.13 -30.10
CA ASN B 197 18.16 -8.22 -31.49
C ASN B 197 19.37 -9.13 -31.58
N ASN B 198 19.27 -10.30 -30.94
CA ASN B 198 20.38 -11.23 -30.84
C ASN B 198 19.86 -12.65 -31.05
N TYR B 199 20.20 -13.24 -32.19
CA TYR B 199 19.84 -14.62 -32.49
C TYR B 199 21.06 -15.52 -32.68
N ASP B 200 22.26 -15.02 -32.37
CA ASP B 200 23.50 -15.74 -32.61
C ASP B 200 23.83 -16.53 -31.36
N VAL B 201 23.41 -17.78 -31.33
CA VAL B 201 23.57 -18.63 -30.14
C VAL B 201 24.94 -19.28 -30.18
N ASP B 202 25.58 -19.35 -29.01
CA ASP B 202 26.81 -20.11 -28.85
C ASP B 202 26.60 -21.42 -28.12
N SER B 203 25.72 -21.45 -27.12
CA SER B 203 25.53 -22.62 -26.30
C SER B 203 24.24 -22.50 -25.51
N VAL B 204 23.63 -23.66 -25.23
CA VAL B 204 22.39 -23.77 -24.50
C VAL B 204 22.55 -24.88 -23.46
N THR B 205 22.14 -24.60 -22.22
CA THR B 205 22.19 -25.61 -21.16
C THR B 205 20.85 -25.56 -20.43
N GLY B 206 20.23 -26.71 -20.23
CA GLY B 206 18.87 -26.71 -19.73
C GLY B 206 18.59 -27.81 -18.73
N SER B 207 17.59 -27.56 -17.89
CA SER B 207 17.00 -28.58 -17.05
C SER B 207 15.49 -28.63 -17.33
N VAL B 208 14.92 -29.81 -17.14
CA VAL B 208 13.51 -30.07 -17.42
C VAL B 208 12.96 -30.93 -16.31
N PHE B 209 11.87 -30.50 -15.70
CA PHE B 209 11.42 -31.04 -14.43
C PHE B 209 10.07 -31.74 -14.58
N TYR B 210 10.01 -32.97 -14.08
CA TYR B 210 8.77 -33.75 -13.99
C TYR B 210 8.60 -34.05 -12.51
N LYS B 211 7.87 -33.20 -11.80
CA LYS B 211 7.78 -33.30 -10.35
C LYS B 211 6.35 -33.05 -9.86
N LEU B 212 5.72 -31.96 -10.31
CA LEU B 212 4.37 -31.64 -9.87
C LEU B 212 3.31 -32.21 -10.79
N GLY B 213 3.62 -32.38 -12.08
CA GLY B 213 2.60 -32.81 -13.03
C GLY B 213 2.05 -34.19 -12.71
N GLN B 214 2.90 -35.09 -12.22
CA GLN B 214 2.48 -36.44 -11.90
C GLN B 214 2.06 -36.62 -10.46
N LYS B 215 2.31 -35.62 -9.60
CA LYS B 215 1.94 -35.72 -8.20
C LYS B 215 0.42 -35.74 -8.03
N GLU B 216 -0.04 -36.52 -7.05
CA GLU B 216 -1.48 -36.70 -6.85
C GLU B 216 -2.16 -35.42 -6.38
N ASN B 217 -1.47 -34.64 -5.55
CA ASN B 217 -1.99 -33.36 -5.09
C ASN B 217 -1.33 -32.20 -5.86
N GLY B 218 -0.65 -32.46 -6.89
CA GLY B 218 -0.15 -31.43 -7.83
C GLY B 218 -1.20 -30.53 -8.40
N PRO B 219 -2.42 -31.01 -8.72
CA PRO B 219 -3.45 -30.11 -9.28
C PRO B 219 -4.00 -29.09 -8.29
N GLU B 220 -3.65 -29.17 -7.01
CA GLU B 220 -4.29 -28.31 -6.02
C GLU B 220 -4.00 -26.84 -6.30
N GLY B 221 -5.07 -26.05 -6.41
CA GLY B 221 -4.93 -24.63 -6.67
C GLY B 221 -4.80 -24.25 -8.13
N ASN B 222 -4.82 -25.21 -9.05
CA ASN B 222 -4.68 -24.87 -10.46
C ASN B 222 -5.70 -23.83 -10.87
N LEU B 223 -5.26 -22.86 -11.66
CA LEU B 223 -6.15 -21.79 -12.07
C LEU B 223 -7.29 -22.31 -12.96
N PHE B 224 -7.02 -23.34 -13.76
CA PHE B 224 -7.98 -23.84 -14.74
C PHE B 224 -8.62 -25.15 -14.30
N GLY B 225 -9.00 -25.26 -13.03
CA GLY B 225 -9.60 -26.47 -12.52
C GLY B 225 -8.57 -27.58 -12.38
N PRO B 226 -8.98 -28.70 -11.80
CA PRO B 226 -8.04 -29.80 -11.58
C PRO B 226 -7.71 -30.51 -12.88
N TRP B 227 -6.55 -31.17 -12.88
CA TRP B 227 -6.13 -31.99 -14.01
C TRP B 227 -5.74 -33.37 -13.51
N ASP B 228 -5.68 -34.32 -14.45
CA ASP B 228 -5.46 -35.72 -14.11
C ASP B 228 -3.97 -36.03 -14.05
N PRO B 229 -3.41 -36.32 -12.88
CA PRO B 229 -1.97 -36.58 -12.80
C PRO B 229 -1.53 -37.78 -13.60
N LYS B 230 -2.42 -38.75 -13.84
CA LYS B 230 -2.06 -39.99 -14.51
C LYS B 230 -1.86 -39.82 -16.00
N THR B 231 -2.34 -38.73 -16.58
CA THR B 231 -2.25 -38.42 -18.01
C THR B 231 -1.35 -37.22 -18.26
N PHE B 232 -0.44 -36.90 -17.33
CA PHE B 232 0.46 -35.76 -17.45
C PHE B 232 1.77 -36.27 -18.03
N GLU B 233 1.89 -36.22 -19.36
CA GLU B 233 3.05 -36.81 -20.03
C GLU B 233 4.15 -35.80 -20.34
N VAL B 234 3.94 -34.51 -20.06
CA VAL B 234 4.99 -33.55 -20.38
C VAL B 234 5.52 -32.93 -19.10
N GLU B 235 6.61 -32.16 -19.23
CA GLU B 235 7.21 -31.52 -18.09
C GLU B 235 6.26 -30.50 -17.47
N ASP B 236 6.51 -30.14 -16.21
CA ASP B 236 5.79 -29.04 -15.60
C ASP B 236 6.61 -27.76 -15.47
N SER B 237 7.92 -27.83 -15.65
CA SER B 237 8.77 -26.63 -15.60
C SER B 237 10.12 -26.95 -16.22
N ALA B 238 10.83 -25.90 -16.62
CA ALA B 238 12.15 -26.05 -17.20
C ALA B 238 12.87 -24.72 -17.06
N VAL B 239 14.20 -24.78 -16.95
CA VAL B 239 15.01 -23.59 -16.78
C VAL B 239 16.21 -23.71 -17.70
N GLY B 240 16.59 -22.59 -18.30
CA GLY B 240 17.64 -22.59 -19.30
C GLY B 240 18.68 -21.51 -19.03
N PHE B 241 19.80 -21.68 -19.71
CA PHE B 241 20.94 -20.78 -19.61
C PHE B 241 21.53 -20.75 -21.01
N VAL B 242 21.38 -19.63 -21.72
CA VAL B 242 21.70 -19.52 -23.13
C VAL B 242 22.78 -18.48 -23.30
N LYS B 243 23.88 -18.92 -23.89
CA LYS B 243 25.01 -18.03 -24.07
C LYS B 243 25.17 -17.73 -25.55
N MET B 244 25.20 -16.47 -25.87
CA MET B 244 25.26 -16.04 -27.25
C MET B 244 26.67 -15.59 -27.60
N LYS B 245 27.01 -15.69 -28.86
CA LYS B 245 28.35 -15.43 -29.39
C LYS B 245 28.92 -14.05 -29.09
N ASN B 246 28.10 -13.08 -28.78
CA ASN B 246 28.65 -11.78 -28.40
C ASN B 246 28.88 -11.64 -26.90
N GLY B 247 28.76 -12.73 -26.14
CA GLY B 247 28.97 -12.73 -24.70
C GLY B 247 27.70 -12.58 -23.88
N ALA B 248 26.63 -12.05 -24.47
CA ALA B 248 25.39 -11.87 -23.74
C ALA B 248 24.83 -13.22 -23.31
N THR B 249 24.23 -13.25 -22.14
CA THR B 249 23.66 -14.47 -21.57
C THR B 249 22.17 -14.26 -21.33
N ILE B 250 21.38 -15.28 -21.66
CA ILE B 250 19.92 -15.26 -21.48
C ILE B 250 19.53 -16.43 -20.59
N GLY B 251 18.90 -16.12 -19.47
CA GLY B 251 18.26 -17.13 -18.63
C GLY B 251 16.78 -17.23 -18.96
N LEU B 252 16.26 -18.45 -18.87
CA LEU B 252 14.87 -18.71 -19.19
C LEU B 252 14.26 -19.54 -18.09
N GLU B 253 13.09 -19.13 -17.61
CA GLU B 253 12.30 -19.93 -16.66
C GLU B 253 10.91 -20.12 -17.26
N ALA B 254 10.52 -21.38 -17.45
CA ALA B 254 9.23 -21.73 -18.03
C ALA B 254 8.57 -22.78 -17.14
N SER B 255 7.27 -22.64 -16.93
CA SER B 255 6.54 -23.55 -16.04
C SER B 255 5.05 -23.37 -16.24
N TRP B 256 4.30 -24.46 -16.10
CA TRP B 256 2.88 -24.38 -15.79
C TRP B 256 2.60 -24.51 -14.30
N ALA B 257 3.47 -25.21 -13.59
CA ALA B 257 3.20 -25.57 -12.20
C ALA B 257 4.55 -25.63 -11.49
N ILE B 258 4.77 -24.69 -10.56
CA ILE B 258 6.00 -24.61 -9.80
C ILE B 258 5.69 -23.87 -8.50
N ASN B 259 6.25 -24.37 -7.40
CA ASN B 259 6.01 -23.75 -6.10
C ASN B 259 6.91 -22.52 -5.98
N MET B 260 6.50 -21.47 -6.70
CA MET B 260 7.21 -20.20 -6.79
C MET B 260 6.19 -19.07 -6.66
N LEU B 261 6.59 -18.00 -6.01
CA LEU B 261 5.65 -16.92 -5.72
C LEU B 261 5.27 -16.14 -6.98
N ASP B 262 6.26 -15.73 -7.77
CA ASP B 262 6.00 -14.78 -8.85
C ASP B 262 5.49 -15.50 -10.09
N SER B 263 4.21 -15.32 -10.41
CA SER B 263 3.60 -15.82 -11.65
C SER B 263 3.82 -14.77 -12.73
N ARG B 264 4.95 -14.85 -13.42
CA ARG B 264 5.33 -13.88 -14.44
C ARG B 264 5.63 -14.64 -15.72
N GLU B 265 4.86 -14.34 -16.77
CA GLU B 265 5.03 -14.97 -18.07
C GLU B 265 4.95 -13.90 -19.15
N ALA B 266 5.35 -14.27 -20.38
CA ALA B 266 5.43 -13.36 -21.52
C ALA B 266 6.15 -12.07 -21.14
N SER B 267 7.17 -12.20 -20.30
CA SER B 267 7.87 -11.07 -19.72
C SER B 267 9.36 -11.24 -19.96
N THR B 268 10.06 -10.11 -19.98
CA THR B 268 11.51 -10.21 -20.08
C THR B 268 12.14 -9.14 -19.20
N THR B 269 13.41 -9.41 -18.91
CA THR B 269 14.25 -8.55 -18.07
C THR B 269 15.55 -8.34 -18.81
N LEU B 270 15.90 -7.09 -19.05
CA LEU B 270 17.04 -6.73 -19.89
C LEU B 270 17.99 -5.87 -19.07
N CYS B 271 19.28 -6.21 -19.14
CA CYS B 271 20.34 -5.48 -18.45
C CYS B 271 21.35 -5.03 -19.48
N GLY B 272 21.54 -3.70 -19.58
CA GLY B 272 22.39 -3.14 -20.59
C GLY B 272 23.43 -2.22 -20.00
N THR B 273 24.39 -1.83 -20.84
CA THR B 273 25.48 -0.96 -20.41
C THR B 273 24.98 0.43 -20.02
N GLU B 274 23.86 0.86 -20.58
CA GLU B 274 23.32 2.21 -20.35
C GLU B 274 22.13 2.22 -19.40
N ALA B 275 21.30 1.20 -19.45
CA ALA B 275 20.09 1.17 -18.66
C ALA B 275 19.62 -0.27 -18.58
N GLY B 276 18.56 -0.49 -17.79
CA GLY B 276 17.92 -1.78 -17.73
C GLY B 276 16.42 -1.62 -17.81
N ALA B 277 15.75 -2.73 -18.08
CA ALA B 277 14.29 -2.69 -18.15
C ALA B 277 13.76 -4.07 -17.75
N GLU B 278 12.51 -4.07 -17.30
CA GLU B 278 11.81 -5.33 -17.08
C GLU B 278 10.32 -5.11 -17.30
N ILE B 279 9.68 -6.13 -17.85
CA ILE B 279 8.25 -6.13 -18.11
C ILE B 279 7.61 -7.17 -17.22
N HIS B 280 6.48 -6.81 -16.60
CA HIS B 280 5.78 -7.70 -15.69
C HIS B 280 4.43 -8.04 -16.29
N SER B 281 4.16 -9.33 -16.44
CA SER B 281 2.90 -9.81 -16.99
C SER B 281 2.69 -11.22 -16.47
N GLY B 282 1.42 -11.60 -16.29
CA GLY B 282 1.11 -12.97 -15.96
C GLY B 282 0.09 -13.04 -14.86
N MET B 283 -0.12 -14.26 -14.37
CA MET B 283 -1.20 -14.51 -13.42
C MET B 283 -1.06 -13.67 -12.16
N SER B 284 0.16 -13.19 -11.87
CA SER B 284 0.39 -12.35 -10.71
C SER B 284 0.28 -10.87 -11.03
N TYR B 285 -0.29 -10.51 -12.17
CA TYR B 285 -0.25 -9.11 -12.62
C TYR B 285 -1.58 -8.69 -13.20
N PRO B 286 -2.42 -8.02 -12.39
CA PRO B 286 -3.68 -7.48 -12.93
C PRO B 286 -3.49 -6.49 -14.07
N LYS B 287 -2.36 -5.78 -14.13
CA LYS B 287 -2.06 -4.99 -15.31
C LYS B 287 -0.58 -5.10 -15.60
N ASN B 288 -0.30 -5.11 -16.91
CA ASN B 288 1.06 -5.25 -17.38
C ASN B 288 1.88 -4.05 -16.96
N GLU B 289 3.16 -4.28 -16.67
CA GLU B 289 4.06 -3.24 -16.21
C GLU B 289 5.33 -3.22 -17.04
N LEU B 290 5.85 -2.02 -17.27
CA LEU B 290 7.17 -1.84 -17.84
C LEU B 290 7.91 -0.86 -16.97
N ILE B 291 9.13 -1.20 -16.57
CA ILE B 291 9.95 -0.36 -15.68
C ILE B 291 11.36 -0.30 -16.23
N TYR B 292 11.79 0.91 -16.61
CA TYR B 292 13.20 1.17 -16.89
C TYR B 292 13.90 1.56 -15.61
N ASN B 293 15.16 1.17 -15.51
CA ASN B 293 16.00 1.58 -14.40
C ASN B 293 17.34 2.04 -14.96
N ARG B 294 17.73 3.26 -14.59
CA ARG B 294 18.99 3.82 -15.04
C ARG B 294 19.51 4.73 -13.94
N ALA B 295 20.74 5.18 -14.12
CA ALA B 295 21.26 6.30 -13.35
C ALA B 295 21.07 7.58 -14.15
N ARG B 296 20.41 8.56 -13.54
CA ARG B 296 20.21 9.86 -14.14
C ARG B 296 20.75 10.92 -13.19
N ASN B 297 21.64 11.79 -13.69
CA ASN B 297 22.25 12.83 -12.88
C ASN B 297 22.72 12.29 -11.53
N ASN B 298 23.41 11.15 -11.58
CA ASN B 298 24.05 10.53 -10.42
C ASN B 298 23.05 10.01 -9.39
N GLN B 299 21.84 9.67 -9.80
CA GLN B 299 20.87 9.05 -8.90
C GLN B 299 20.20 7.87 -9.58
N LEU B 300 19.98 6.80 -8.82
CA LEU B 300 19.27 5.63 -9.33
C LEU B 300 17.78 5.95 -9.42
N MET B 301 17.22 5.86 -10.63
CA MET B 301 15.82 6.17 -10.87
C MET B 301 15.14 5.00 -11.55
N GLU B 302 13.81 5.09 -11.66
CA GLU B 302 13.05 4.05 -12.33
C GLU B 302 11.87 4.69 -13.04
N GLU B 303 11.65 4.31 -14.29
CA GLU B 303 10.64 4.91 -15.15
C GLU B 303 9.53 3.90 -15.39
N THR B 304 8.36 4.18 -14.83
CA THR B 304 7.26 3.22 -14.82
C THR B 304 6.11 3.74 -15.69
N LEU B 305 5.26 2.80 -16.09
CA LEU B 305 4.07 3.13 -16.84
C LEU B 305 3.11 3.94 -15.97
N SER B 306 2.59 5.04 -16.53
CA SER B 306 1.49 5.64 -15.79
C SER B 306 0.14 5.24 -16.35
N GLU B 320 -7.27 -5.22 -28.03
CA GLU B 320 -5.93 -5.40 -27.49
C GLU B 320 -4.96 -5.99 -28.53
N GLU B 321 -3.86 -6.57 -28.05
CA GLU B 321 -2.74 -6.91 -28.93
C GLU B 321 -3.10 -8.00 -29.95
N GLY B 322 -4.14 -8.79 -29.71
CA GLY B 322 -4.58 -9.74 -30.71
C GLY B 322 -5.15 -9.06 -31.93
N THR B 323 -5.98 -8.04 -31.70
CA THR B 323 -6.56 -7.28 -32.80
C THR B 323 -5.49 -6.53 -33.58
N VAL B 324 -4.54 -5.91 -32.88
CA VAL B 324 -3.43 -5.23 -33.54
C VAL B 324 -2.60 -6.24 -34.32
N ASP B 325 -2.25 -7.35 -33.68
CA ASP B 325 -1.49 -8.39 -34.38
C ASP B 325 -2.21 -8.84 -35.64
N ASN B 326 -3.53 -9.05 -35.54
CA ASN B 326 -4.28 -9.56 -36.68
C ASN B 326 -4.43 -8.50 -37.77
N ARG B 327 -4.58 -7.23 -37.40
CA ARG B 327 -4.76 -6.20 -38.41
C ARG B 327 -3.49 -6.04 -39.25
N GLN B 328 -2.33 -5.90 -38.61
CA GLN B 328 -1.08 -5.81 -39.37
C GLN B 328 -0.76 -7.08 -40.12
N TRP B 329 -1.23 -8.25 -39.65
CA TRP B 329 -1.06 -9.47 -40.44
C TRP B 329 -1.83 -9.40 -41.74
N LEU B 330 -3.11 -9.05 -41.67
CA LEU B 330 -3.93 -8.96 -42.87
C LEU B 330 -3.54 -7.80 -43.77
N GLU B 331 -3.18 -6.65 -43.17
CA GLU B 331 -2.77 -5.52 -44.00
C GLU B 331 -1.48 -5.78 -44.75
N ALA B 332 -0.60 -6.61 -44.20
CA ALA B 332 0.64 -6.92 -44.91
C ALA B 332 0.36 -7.83 -46.10
N ILE B 333 -0.62 -8.74 -45.97
CA ILE B 333 -1.09 -9.53 -47.10
C ILE B 333 -1.72 -8.63 -48.16
N GLN B 334 -2.54 -7.68 -47.72
CA GLN B 334 -3.29 -6.85 -48.66
C GLN B 334 -2.37 -5.88 -49.41
N ASN B 335 -1.36 -5.35 -48.72
CA ASN B 335 -0.47 -4.38 -49.33
C ASN B 335 0.84 -4.99 -49.78
N GLY B 336 1.04 -6.28 -49.58
CA GLY B 336 2.29 -6.90 -49.98
C GLY B 336 3.49 -6.37 -49.23
N THR B 337 3.36 -6.13 -47.93
CA THR B 337 4.48 -5.80 -47.06
C THR B 337 4.76 -6.97 -46.12
N GLU B 338 5.54 -6.72 -45.07
CA GLU B 338 6.01 -7.82 -44.26
C GLU B 338 5.25 -7.91 -42.94
N PRO B 339 4.76 -9.09 -42.57
CA PRO B 339 4.26 -9.26 -41.20
C PRO B 339 5.37 -9.05 -40.20
N LEU B 340 4.99 -8.63 -38.99
CA LEU B 340 6.00 -8.23 -38.01
C LEU B 340 6.82 -9.42 -37.53
N VAL B 341 6.17 -10.56 -37.31
CA VAL B 341 6.84 -11.75 -36.80
C VAL B 341 7.39 -12.53 -38.00
N LYS B 342 8.72 -12.52 -38.15
CA LYS B 342 9.36 -13.22 -39.25
C LYS B 342 9.49 -14.71 -38.91
N PRO B 343 9.30 -15.60 -39.90
CA PRO B 343 9.40 -17.04 -39.60
C PRO B 343 10.77 -17.45 -39.08
N GLU B 344 11.83 -16.77 -39.54
CA GLU B 344 13.17 -17.07 -39.03
C GLU B 344 13.28 -16.77 -37.54
N GLU B 345 12.66 -15.67 -37.09
CA GLU B 345 12.64 -15.37 -35.66
C GLU B 345 12.00 -16.51 -34.87
N ALA B 346 10.82 -16.96 -35.31
CA ALA B 346 10.17 -18.07 -34.63
C ALA B 346 11.02 -19.34 -34.70
N LEU B 347 11.63 -19.61 -35.84
CA LEU B 347 12.45 -20.81 -35.97
C LEU B 347 13.62 -20.77 -35.00
N ALA B 348 14.25 -19.60 -34.85
CA ALA B 348 15.36 -19.47 -33.92
C ALA B 348 14.93 -19.78 -32.50
N VAL B 349 13.73 -19.37 -32.10
CA VAL B 349 13.21 -19.69 -30.77
C VAL B 349 12.99 -21.19 -30.62
N THR B 350 12.36 -21.82 -31.63
CA THR B 350 12.20 -23.26 -31.62
C THR B 350 13.54 -23.98 -31.41
N LYS B 351 14.56 -23.57 -32.17
CA LYS B 351 15.87 -24.19 -32.05
C LYS B 351 16.38 -24.13 -30.62
N ILE B 352 16.40 -22.92 -30.04
CA ILE B 352 16.90 -22.76 -28.68
C ILE B 352 16.09 -23.62 -27.70
N LEU B 353 14.76 -23.54 -27.79
CA LEU B 353 13.90 -24.35 -26.91
C LEU B 353 14.22 -25.83 -27.04
N ASP B 354 14.22 -26.34 -28.26
CA ASP B 354 14.58 -27.74 -28.49
C ASP B 354 15.93 -28.08 -27.88
N ALA B 355 16.89 -27.14 -27.89
CA ALA B 355 18.20 -27.41 -27.34
C ALA B 355 18.17 -27.49 -25.81
N ILE B 356 17.29 -26.73 -25.18
CA ILE B 356 17.15 -26.86 -23.69
C ILE B 356 16.71 -28.30 -23.38
N TYR B 357 15.73 -28.81 -24.12
CA TYR B 357 15.25 -30.19 -23.93
C TYR B 357 16.40 -31.17 -24.16
N LYS B 358 17.20 -30.96 -25.21
CA LYS B 358 18.29 -31.90 -25.58
C LYS B 358 19.30 -31.96 -24.43
N SER B 359 19.39 -30.93 -23.61
CA SER B 359 20.24 -31.05 -22.41
C SER B 359 19.58 -32.10 -21.49
N ALA B 360 18.89 -33.10 -22.07
CA ALA B 360 18.38 -34.29 -21.34
C ALA B 360 19.50 -35.28 -21.56
N LYS B 361 20.63 -34.76 -22.02
CA LYS B 361 21.82 -35.57 -22.25
C LYS B 361 22.83 -35.09 -21.22
N THR B 362 22.37 -34.30 -20.23
CA THR B 362 23.28 -33.67 -19.24
C THR B 362 24.50 -33.18 -20.01
N ASN B 363 24.25 -32.55 -21.15
CA ASN B 363 25.36 -31.97 -21.94
C ASN B 363 24.94 -30.62 -22.51
N THR B 364 25.81 -29.62 -22.40
CA THR B 364 25.60 -28.28 -23.00
C THR B 364 25.63 -28.45 -24.51
N ILE B 365 24.75 -27.80 -25.22
CA ILE B 365 24.65 -27.89 -26.69
C ILE B 365 25.34 -26.69 -27.32
N LYS B 366 26.33 -26.94 -28.13
CA LYS B 366 27.03 -25.86 -28.82
C LYS B 366 26.46 -25.70 -30.22
N PHE B 367 26.11 -24.47 -30.56
CA PHE B 367 25.54 -24.15 -31.86
C PHE B 367 26.64 -23.87 -32.89
N GLY C 1 -26.65 -41.97 -15.99
CA GLY C 1 -27.25 -43.22 -15.57
C GLY C 1 -28.40 -43.03 -14.59
N MET C 2 -28.39 -41.89 -13.89
CA MET C 2 -29.38 -41.57 -12.88
C MET C 2 -30.29 -40.46 -13.40
N SER C 3 -31.59 -40.72 -13.43
CA SER C 3 -32.44 -39.69 -14.02
C SER C 3 -32.47 -38.46 -13.13
N LYS C 4 -32.64 -37.33 -13.81
CA LYS C 4 -32.63 -36.05 -13.13
C LYS C 4 -33.64 -36.06 -11.99
N LEU C 5 -33.36 -35.24 -10.98
CA LEU C 5 -34.29 -35.08 -9.88
C LEU C 5 -35.36 -34.07 -10.25
N LYS C 6 -36.59 -34.37 -9.84
CA LYS C 6 -37.74 -33.50 -10.15
C LYS C 6 -37.93 -32.55 -8.97
N ILE C 7 -37.65 -31.27 -9.20
CA ILE C 7 -37.60 -30.28 -8.14
C ILE C 7 -38.91 -29.52 -8.08
N GLY C 8 -39.37 -29.22 -6.86
CA GLY C 8 -40.45 -28.30 -6.64
C GLY C 8 -39.96 -27.10 -5.86
N ILE C 9 -40.33 -25.89 -6.30
CA ILE C 9 -39.92 -24.65 -5.66
C ILE C 9 -41.15 -23.99 -5.08
N ILE C 10 -41.18 -23.84 -3.76
CA ILE C 10 -42.23 -23.14 -3.05
C ILE C 10 -41.68 -21.79 -2.64
N GLY C 11 -42.14 -20.73 -3.30
CA GLY C 11 -41.59 -19.41 -3.06
C GLY C 11 -40.64 -19.04 -4.18
N CYS C 12 -41.09 -18.17 -5.06
CA CYS C 12 -40.31 -17.76 -6.22
C CYS C 12 -39.90 -16.30 -6.10
N GLY C 13 -39.50 -15.92 -4.89
CA GLY C 13 -39.13 -14.54 -4.59
C GLY C 13 -37.67 -14.22 -4.86
N GLY C 14 -37.09 -13.36 -4.01
CA GLY C 14 -35.76 -12.84 -4.30
C GLY C 14 -34.70 -13.92 -4.37
N ILE C 15 -34.62 -14.77 -3.34
CA ILE C 15 -33.53 -15.73 -3.38
C ILE C 15 -33.84 -16.88 -4.33
N ALA C 16 -35.11 -17.20 -4.58
CA ALA C 16 -35.43 -18.17 -5.62
C ALA C 16 -34.80 -17.78 -6.94
N ASN C 17 -34.72 -16.46 -7.22
CA ASN C 17 -34.17 -15.97 -8.48
C ASN C 17 -32.70 -15.61 -8.40
N GLN C 18 -32.18 -15.27 -7.23
CA GLN C 18 -30.76 -14.97 -7.13
C GLN C 18 -29.90 -16.21 -6.96
N LYS C 19 -30.38 -17.21 -6.23
CA LYS C 19 -29.57 -18.37 -5.88
C LYS C 19 -30.07 -19.67 -6.47
N HIS C 20 -31.36 -19.98 -6.34
CA HIS C 20 -31.82 -21.33 -6.67
C HIS C 20 -31.96 -21.54 -8.17
N PHE C 21 -32.78 -20.72 -8.82
CA PHE C 21 -32.94 -20.85 -10.27
C PHE C 21 -31.62 -20.77 -11.02
N PRO C 22 -30.73 -19.81 -10.76
CA PRO C 22 -29.41 -19.87 -11.41
C PRO C 22 -28.64 -21.14 -11.08
N ALA C 23 -28.69 -21.59 -9.82
CA ALA C 23 -27.92 -22.77 -9.42
C ALA C 23 -28.45 -24.02 -10.09
N LEU C 24 -29.77 -24.19 -10.11
CA LEU C 24 -30.35 -25.39 -10.71
C LEU C 24 -30.07 -25.44 -12.21
N LYS C 25 -30.06 -24.28 -12.87
CA LYS C 25 -29.72 -24.23 -14.28
C LYS C 25 -28.27 -24.65 -14.52
N ASN C 26 -27.35 -24.20 -13.67
CA ASN C 26 -25.95 -24.60 -13.82
C ASN C 26 -25.76 -26.07 -13.52
N ASN C 27 -26.70 -26.71 -12.81
CA ASN C 27 -26.66 -28.12 -12.51
C ASN C 27 -27.80 -28.86 -13.20
N ALA C 28 -28.17 -28.40 -14.41
CA ALA C 28 -29.33 -28.94 -15.09
C ALA C 28 -29.18 -30.42 -15.40
N ASP C 29 -27.96 -30.94 -15.47
CA ASP C 29 -27.79 -32.36 -15.75
C ASP C 29 -28.32 -33.27 -14.65
N LEU C 30 -28.63 -32.72 -13.48
CA LEU C 30 -29.09 -33.53 -12.37
C LEU C 30 -30.52 -33.22 -11.95
N ASN C 31 -31.21 -32.30 -12.61
CA ASN C 31 -32.52 -31.90 -12.15
C ASN C 31 -33.32 -31.27 -13.26
N GLU C 32 -34.63 -31.26 -13.08
CA GLU C 32 -35.52 -30.33 -13.77
C GLU C 32 -36.62 -29.94 -12.80
N ILE C 33 -37.26 -28.80 -13.05
CA ILE C 33 -38.14 -28.15 -12.10
C ILE C 33 -39.60 -28.32 -12.50
N VAL C 34 -40.43 -28.82 -11.58
CA VAL C 34 -41.88 -28.73 -11.75
C VAL C 34 -42.54 -28.48 -10.40
N PHE C 36 -43.36 -25.14 -9.39
CA PHE C 36 -43.30 -23.72 -9.03
C PHE C 36 -44.57 -23.25 -8.31
N CYS C 37 -44.38 -22.60 -7.16
CA CYS C 37 -45.49 -22.11 -6.31
C CYS C 37 -45.18 -20.73 -5.74
N ASP C 38 -46.19 -19.92 -5.56
CA ASP C 38 -46.07 -18.61 -4.90
C ASP C 38 -47.49 -18.10 -4.68
N ILE C 39 -47.80 -17.65 -3.49
CA ILE C 39 -49.09 -16.99 -3.23
C ILE C 39 -49.35 -15.91 -4.27
N GLN C 40 -48.32 -15.45 -4.94
CA GLN C 40 -48.45 -14.45 -6.02
C GLN C 40 -48.15 -15.24 -7.27
N ILE C 41 -49.18 -15.77 -7.91
CA ILE C 41 -48.98 -16.73 -9.03
C ILE C 41 -48.20 -16.13 -10.18
N ASP C 42 -48.31 -14.85 -10.39
CA ASP C 42 -47.50 -14.30 -11.48
C ASP C 42 -46.02 -14.67 -11.30
N ARG C 43 -45.48 -14.44 -10.11
CA ARG C 43 -44.07 -14.73 -9.88
C ARG C 43 -43.76 -16.19 -10.14
N ALA C 44 -44.67 -17.09 -9.79
CA ALA C 44 -44.45 -18.51 -10.09
C ALA C 44 -44.57 -18.78 -11.59
N GLU C 45 -45.33 -17.96 -12.31
CA GLU C 45 -45.49 -18.16 -13.74
C GLU C 45 -44.23 -17.74 -14.50
N LYS C 46 -43.70 -16.55 -14.20
CA LYS C 46 -42.53 -16.21 -15.01
C LYS C 46 -41.32 -17.04 -14.62
N ALA C 47 -41.21 -17.56 -13.39
CA ALA C 47 -40.16 -18.52 -13.09
C ALA C 47 -40.29 -19.78 -13.93
N ALA C 48 -41.51 -20.30 -14.07
CA ALA C 48 -41.73 -21.47 -14.91
C ALA C 48 -41.45 -21.17 -16.37
N ALA C 49 -41.67 -19.92 -16.79
CA ALA C 49 -41.33 -19.54 -18.16
C ALA C 49 -39.83 -19.61 -18.41
N GLU C 50 -39.00 -19.31 -17.41
CA GLU C 50 -37.56 -19.23 -17.60
C GLU C 50 -36.82 -20.50 -17.23
N PHE C 51 -37.28 -21.23 -16.21
CA PHE C 51 -36.47 -22.37 -15.73
C PHE C 51 -37.32 -23.64 -15.65
N GLY C 52 -38.61 -23.53 -15.97
CA GLY C 52 -39.52 -24.69 -15.96
C GLY C 52 -39.09 -25.75 -16.95
N ALA C 53 -39.60 -26.98 -16.82
CA ALA C 53 -39.09 -28.10 -17.64
C ALA C 53 -40.07 -28.54 -18.74
N GLU C 54 -41.00 -27.68 -19.13
CA GLU C 54 -42.04 -28.11 -20.10
C GLU C 54 -43.05 -28.96 -19.35
N GLY C 55 -44.25 -28.42 -19.16
CA GLY C 55 -45.25 -29.13 -18.37
C GLY C 55 -44.85 -29.03 -16.92
N ALA C 56 -44.74 -27.80 -16.43
CA ALA C 56 -44.42 -27.61 -15.01
C ALA C 56 -45.62 -27.00 -14.29
N GLN C 57 -46.00 -27.58 -13.16
CA GLN C 57 -47.08 -27.01 -12.35
C GLN C 57 -46.80 -25.58 -11.93
N VAL C 58 -47.81 -24.75 -11.93
CA VAL C 58 -47.67 -23.39 -11.46
C VAL C 58 -48.93 -23.22 -10.65
N THR C 59 -48.74 -23.10 -9.36
CA THR C 59 -49.87 -22.98 -8.46
C THR C 59 -49.61 -21.86 -7.46
N ALA C 60 -50.68 -21.43 -6.78
CA ALA C 60 -50.56 -20.46 -5.71
C ALA C 60 -50.73 -21.09 -4.33
N ASP C 61 -50.80 -22.43 -4.25
CA ASP C 61 -51.02 -23.12 -2.99
C ASP C 61 -50.03 -24.27 -2.87
N TYR C 62 -49.09 -24.15 -1.92
CA TYR C 62 -48.04 -25.15 -1.78
C TYR C 62 -48.61 -26.54 -1.52
N LYS C 63 -49.73 -26.64 -0.81
CA LYS C 63 -50.37 -27.94 -0.62
C LYS C 63 -50.65 -28.62 -1.95
N GLU C 64 -50.97 -27.84 -2.99
CA GLU C 64 -51.21 -28.41 -4.31
C GLU C 64 -49.90 -28.91 -4.93
N LEU C 65 -48.85 -28.08 -4.90
CA LEU C 65 -47.54 -28.51 -5.39
C LEU C 65 -47.03 -29.71 -4.61
N LEU C 66 -47.30 -29.75 -3.31
CA LEU C 66 -46.88 -30.89 -2.51
C LEU C 66 -47.64 -32.15 -2.87
N ALA C 67 -48.91 -32.01 -3.27
CA ALA C 67 -49.71 -33.17 -3.64
C ALA C 67 -49.20 -33.81 -4.92
N ASN C 68 -48.71 -33.00 -5.86
CA ASN C 68 -48.15 -33.48 -7.12
C ASN C 68 -47.12 -34.57 -6.88
N PRO C 69 -47.42 -35.82 -7.22
CA PRO C 69 -46.47 -36.91 -6.94
C PRO C 69 -45.20 -36.85 -7.77
N GLU C 70 -45.17 -36.04 -8.84
CA GLU C 70 -43.97 -35.92 -9.65
C GLU C 70 -42.85 -35.22 -8.89
N VAL C 71 -43.18 -34.16 -8.14
CA VAL C 71 -42.19 -33.48 -7.32
C VAL C 71 -41.51 -34.51 -6.43
N GLU C 72 -40.19 -34.60 -6.54
CA GLU C 72 -39.42 -35.47 -5.67
C GLU C 72 -38.71 -34.69 -4.58
N VAL C 73 -38.25 -33.48 -4.91
CA VAL C 73 -37.47 -32.62 -4.03
C VAL C 73 -38.17 -31.27 -3.92
N VAL C 74 -38.33 -30.78 -2.70
CA VAL C 74 -38.96 -29.49 -2.46
C VAL C 74 -37.89 -28.50 -1.98
N HIS C 75 -37.84 -27.33 -2.63
CA HIS C 75 -37.00 -26.22 -2.21
C HIS C 75 -37.88 -25.13 -1.62
N VAL C 76 -37.76 -24.91 -0.31
CA VAL C 76 -38.58 -23.86 0.37
C VAL C 76 -37.85 -22.51 0.26
N CYS C 77 -38.50 -21.51 -0.31
CA CYS C 77 -37.91 -20.15 -0.43
C CYS C 77 -38.92 -19.10 0.04
N THR C 78 -39.91 -19.52 0.84
CA THR C 78 -40.95 -18.60 1.35
C THR C 78 -40.39 -17.82 2.55
N PRO C 79 -41.16 -16.98 3.28
CA PRO C 79 -40.65 -16.30 4.48
C PRO C 79 -40.38 -17.25 5.66
N ASN C 80 -39.49 -16.86 6.57
CA ASN C 80 -39.13 -17.72 7.73
C ASN C 80 -40.38 -18.16 8.48
N VAL C 81 -41.33 -17.30 8.68
CA VAL C 81 -42.52 -17.63 9.47
C VAL C 81 -43.22 -18.83 8.84
N SER C 82 -42.97 -19.08 7.56
CA SER C 82 -43.70 -20.11 6.79
C SER C 82 -42.88 -21.37 6.52
N HIS C 83 -41.66 -21.45 7.04
CA HIS C 83 -40.77 -22.59 6.78
C HIS C 83 -41.26 -23.86 7.48
N SER C 84 -41.60 -23.72 8.75
CA SER C 84 -42.06 -24.88 9.54
C SER C 84 -43.27 -25.54 8.87
N GLU C 85 -44.31 -24.76 8.59
CA GLU C 85 -45.56 -25.33 8.03
C GLU C 85 -45.30 -25.98 6.68
N ILE C 86 -44.49 -25.36 5.82
CA ILE C 86 -44.32 -25.89 4.45
C ILE C 86 -43.36 -27.06 4.45
N THR C 87 -42.49 -27.14 5.45
CA THR C 87 -41.55 -28.27 5.57
C THR C 87 -42.20 -29.36 6.42
N PHE C 91 -44.69 -31.29 4.05
CA PHE C 91 -43.89 -31.53 2.84
C PHE C 91 -43.04 -32.78 3.05
N GLU C 92 -42.69 -33.07 4.29
CA GLU C 92 -42.01 -34.36 4.54
C GLU C 92 -43.09 -35.41 4.31
N ALA C 93 -44.04 -35.08 3.43
CA ALA C 93 -45.07 -36.03 2.97
C ALA C 93 -44.48 -36.69 1.74
N GLY C 94 -43.34 -37.34 1.91
CA GLY C 94 -42.70 -38.07 0.81
C GLY C 94 -41.67 -37.24 0.10
N LYS C 95 -41.42 -36.03 0.60
CA LYS C 95 -40.52 -35.15 -0.18
C LYS C 95 -39.24 -34.79 0.56
N HIS C 96 -38.12 -34.80 -0.16
CA HIS C 96 -36.84 -34.30 0.33
C HIS C 96 -37.00 -32.80 0.34
N VAL C 97 -36.56 -32.17 1.41
CA VAL C 97 -36.73 -30.70 1.57
C VAL C 97 -35.43 -29.90 1.75
N TYR C 98 -35.30 -28.83 1.00
CA TYR C 98 -34.22 -27.86 1.15
C TYR C 98 -34.87 -26.59 1.62
N CYS C 99 -34.69 -26.27 2.88
CA CYS C 99 -35.24 -25.04 3.46
C CYS C 99 -34.11 -24.03 3.50
N GLU C 100 -34.46 -22.75 3.30
CA GLU C 100 -33.46 -21.68 3.20
C GLU C 100 -32.77 -21.38 4.54
N LYS C 101 -31.85 -20.41 4.53
CA LYS C 101 -30.95 -20.11 5.68
C LYS C 101 -31.61 -20.28 7.03
N PRO C 102 -32.46 -19.37 7.54
CA PRO C 102 -32.93 -19.55 8.89
C PRO C 102 -33.92 -20.73 8.89
N MET C 103 -33.48 -21.90 9.36
CA MET C 103 -34.42 -23.06 9.46
C MET C 103 -35.76 -22.50 9.92
N SER C 104 -35.73 -21.73 10.99
CA SER C 104 -36.96 -21.04 11.42
C SER C 104 -36.52 -19.88 12.31
N HIS C 105 -37.46 -19.01 12.65
CA HIS C 105 -37.19 -17.92 13.56
C HIS C 105 -37.48 -18.46 14.94
N SER C 106 -37.99 -19.67 15.03
CA SER C 106 -38.43 -20.28 16.30
C SER C 106 -37.75 -21.61 16.50
N THR C 107 -37.33 -21.89 17.70
CA THR C 107 -36.66 -23.14 18.05
C THR C 107 -37.67 -24.26 17.99
N GLU C 108 -38.86 -24.01 18.45
CA GLU C 108 -39.92 -25.03 18.56
C GLU C 108 -40.36 -25.51 17.20
N GLU C 109 -40.58 -24.57 16.33
CA GLU C 109 -40.95 -24.88 14.95
C GLU C 109 -39.83 -25.67 14.29
N ALA C 110 -38.62 -25.25 14.46
CA ALA C 110 -37.46 -25.94 13.89
C ALA C 110 -37.31 -27.33 14.43
N GLU C 111 -37.60 -27.48 15.68
CA GLU C 111 -37.51 -28.78 16.34
C GLU C 111 -38.61 -29.63 15.74
N LYS C 112 -39.72 -29.00 15.42
CA LYS C 112 -40.81 -29.75 14.76
C LYS C 112 -40.33 -30.20 13.38
N MET C 113 -39.58 -29.36 12.73
CA MET C 113 -39.12 -29.66 11.38
C MET C 113 -38.12 -30.79 11.37
N VAL C 114 -37.32 -30.91 12.39
CA VAL C 114 -36.35 -32.02 12.45
C VAL C 114 -37.07 -33.30 12.84
N GLU C 115 -38.06 -33.18 13.67
CA GLU C 115 -38.87 -34.36 14.05
C GLU C 115 -39.54 -34.94 12.80
N ALA C 116 -40.06 -34.09 11.97
CA ALA C 116 -40.78 -34.58 10.80
C ALA C 116 -39.81 -35.17 9.83
N TRP C 117 -38.67 -34.52 9.68
CA TRP C 117 -37.64 -35.10 8.79
C TRP C 117 -37.37 -36.53 9.20
N LYS C 118 -37.02 -36.73 10.44
CA LYS C 118 -36.60 -38.04 10.92
C LYS C 118 -37.70 -39.07 10.75
N LYS C 119 -38.95 -38.64 10.85
CA LYS C 119 -40.07 -39.58 10.62
C LYS C 119 -40.20 -39.83 9.12
N SER C 120 -39.91 -38.83 8.29
CA SER C 120 -40.15 -38.97 6.84
C SER C 120 -39.13 -39.91 6.20
N GLY C 121 -37.96 -40.03 6.81
CA GLY C 121 -36.91 -40.87 6.22
C GLY C 121 -36.41 -40.28 4.93
N LYS C 122 -36.77 -39.02 4.67
CA LYS C 122 -36.31 -38.33 3.45
C LYS C 122 -35.11 -37.44 3.77
N GLN C 123 -34.60 -36.70 2.77
CA GLN C 123 -33.42 -35.87 2.96
C GLN C 123 -33.80 -34.43 3.29
N PHE C 124 -32.93 -33.77 4.05
CA PHE C 124 -33.20 -32.46 4.62
C PHE C 124 -31.89 -31.68 4.67
N THR C 125 -31.91 -30.45 4.19
CA THR C 125 -30.75 -29.58 4.34
C THR C 125 -31.23 -28.13 4.47
N ILE C 126 -30.27 -27.25 4.77
CA ILE C 126 -30.54 -25.84 5.02
C ILE C 126 -29.56 -25.01 4.22
N GLY C 127 -30.06 -23.91 3.65
CA GLY C 127 -29.28 -23.11 2.71
C GLY C 127 -28.21 -22.23 3.31
N TYR C 128 -27.22 -22.85 3.97
CA TYR C 128 -26.05 -22.12 4.45
C TYR C 128 -24.94 -22.23 3.41
N GLN C 129 -25.14 -21.53 2.30
CA GLN C 129 -24.25 -21.71 1.16
C GLN C 129 -22.86 -21.15 1.43
N ASN C 130 -22.70 -20.23 2.38
CA ASN C 130 -21.38 -19.67 2.66
C ASN C 130 -20.39 -20.77 3.03
N ARG C 131 -20.87 -21.90 3.56
CA ARG C 131 -20.00 -23.02 3.88
C ARG C 131 -19.22 -23.50 2.67
N PHE C 132 -19.70 -23.21 1.46
CA PHE C 132 -19.11 -23.73 0.24
C PHE C 132 -18.18 -22.74 -0.44
N ARG C 133 -18.06 -21.52 0.09
CA ARG C 133 -16.98 -20.64 -0.33
C ARG C 133 -15.65 -21.36 -0.16
N GLU C 134 -14.75 -21.15 -1.12
CA GLU C 134 -13.51 -21.94 -1.16
C GLU C 134 -12.68 -21.74 0.10
N GLU C 135 -12.61 -20.51 0.60
CA GLU C 135 -11.78 -20.25 1.78
C GLU C 135 -12.41 -20.78 3.06
N VAL C 136 -13.74 -20.75 3.19
CA VAL C 136 -14.39 -21.39 4.33
C VAL C 136 -14.14 -22.89 4.31
N MET C 137 -14.36 -23.53 3.15
CA MET C 137 -13.92 -24.91 2.95
C MET C 137 -12.49 -25.10 3.44
N ASN C 138 -11.61 -24.17 3.08
CA ASN C 138 -10.22 -24.23 3.51
C ASN C 138 -10.12 -24.30 5.03
N LEU C 139 -10.63 -23.27 5.71
CA LEU C 139 -10.60 -23.24 7.17
C LEU C 139 -11.20 -24.50 7.78
N LYS C 140 -12.39 -24.90 7.30
CA LYS C 140 -13.03 -26.09 7.83
C LYS C 140 -12.11 -27.31 7.73
N LYS C 141 -11.56 -27.55 6.53
CA LYS C 141 -10.64 -28.66 6.36
C LYS C 141 -9.47 -28.57 7.34
N SER C 142 -8.92 -27.42 7.58
CA SER C 142 -7.73 -27.28 8.43
C SER C 142 -8.05 -27.56 9.90
N CYS C 143 -9.22 -27.16 10.35
CA CYS C 143 -9.68 -27.35 11.74
C CYS C 143 -10.08 -28.81 11.92
N ASP C 144 -10.37 -29.51 10.87
CA ASP C 144 -10.75 -30.92 10.91
C ASP C 144 -9.52 -31.84 10.97
N LYS C 145 -8.43 -31.39 10.42
CA LYS C 145 -7.19 -32.14 10.43
C LYS C 145 -6.49 -31.77 11.72
N GLY C 146 -7.07 -30.87 12.52
CA GLY C 146 -6.48 -30.59 13.81
C GLY C 146 -5.35 -29.58 13.77
N GLU C 147 -5.23 -28.82 12.69
CA GLU C 147 -4.10 -27.92 12.47
C GLU C 147 -4.26 -26.58 13.15
N LEU C 148 -5.41 -26.29 13.72
CA LEU C 148 -5.53 -25.20 14.68
C LEU C 148 -5.46 -25.70 16.12
N GLY C 149 -5.27 -27.01 16.31
CA GLY C 149 -5.42 -27.59 17.63
C GLY C 149 -6.90 -27.58 18.01
N GLU C 150 -7.13 -27.56 19.33
CA GLU C 150 -8.49 -27.36 19.82
C GLU C 150 -8.77 -25.87 19.86
N ILE C 151 -9.89 -25.47 19.26
CA ILE C 151 -10.23 -24.06 19.20
C ILE C 151 -11.09 -23.72 20.41
N TYR C 152 -10.62 -22.74 21.18
CA TYR C 152 -11.25 -22.40 22.44
C TYR C 152 -11.84 -21.00 22.46
N TYR C 153 -11.52 -20.16 21.48
CA TYR C 153 -12.18 -18.86 21.34
C TYR C 153 -12.46 -18.61 19.88
N GLY C 154 -13.72 -18.31 19.57
CA GLY C 154 -14.10 -17.98 18.22
C GLY C 154 -14.94 -16.72 18.22
N LYS C 155 -14.95 -16.05 17.08
CA LYS C 155 -15.78 -14.87 16.88
C LYS C 155 -16.55 -15.05 15.58
N ALA C 156 -17.85 -14.83 15.66
CA ALA C 156 -18.70 -14.75 14.47
C ALA C 156 -18.92 -13.29 14.13
N HIS C 157 -18.52 -12.89 12.94
CA HIS C 157 -18.63 -11.52 12.48
C HIS C 157 -19.77 -11.43 11.47
N ALA C 158 -20.77 -10.62 11.77
CA ALA C 158 -21.84 -10.33 10.83
C ALA C 158 -22.23 -8.86 10.97
N VAL C 159 -21.26 -7.99 10.77
CA VAL C 159 -21.42 -6.56 11.01
C VAL C 159 -21.50 -5.83 9.68
N ARG C 160 -22.47 -4.93 9.58
CA ARG C 160 -22.53 -3.98 8.49
C ARG C 160 -22.56 -2.59 9.09
N ARG C 161 -21.69 -1.70 8.61
CA ARG C 161 -21.65 -0.35 9.14
C ARG C 161 -22.95 0.38 8.84
N ARG C 162 -23.35 0.40 7.56
CA ARG C 162 -24.67 0.92 7.18
C ARG C 162 -25.07 0.25 5.87
N ALA C 163 -25.57 -0.98 5.98
CA ALA C 163 -26.10 -1.70 4.83
C ALA C 163 -27.42 -2.38 5.26
N VAL C 164 -28.40 -1.56 5.61
CA VAL C 164 -29.76 -2.03 5.90
C VAL C 164 -30.42 -2.41 4.59
N PRO C 165 -30.91 -3.65 4.44
CA PRO C 165 -31.54 -4.05 3.17
C PRO C 165 -32.95 -3.50 3.08
N THR C 166 -33.17 -2.59 2.15
CA THR C 166 -34.42 -1.85 2.07
C THR C 166 -35.35 -2.38 0.97
N TRP C 167 -35.20 -3.62 0.53
CA TRP C 167 -36.02 -4.09 -0.57
C TRP C 167 -36.95 -5.24 -0.22
N GLY C 168 -36.43 -6.37 0.21
CA GLY C 168 -37.23 -7.60 0.22
C GLY C 168 -38.02 -7.80 1.51
N VAL C 169 -38.07 -9.05 1.97
CA VAL C 169 -38.77 -9.41 3.19
C VAL C 169 -38.08 -8.91 4.45
N PHE C 170 -36.82 -8.51 4.35
CA PHE C 170 -35.91 -8.56 5.49
C PHE C 170 -36.38 -7.68 6.64
N MET C 171 -36.90 -6.49 6.34
CA MET C 171 -37.32 -5.61 7.41
C MET C 171 -38.71 -5.93 7.97
N ASP C 172 -39.38 -6.95 7.44
CA ASP C 172 -40.71 -7.35 7.92
C ASP C 172 -40.52 -8.20 9.17
N LYS C 173 -40.78 -7.62 10.35
CA LYS C 173 -40.47 -8.37 11.57
C LYS C 173 -41.35 -9.61 11.70
N GLU C 174 -42.58 -9.55 11.21
CA GLU C 174 -43.44 -10.72 11.37
C GLU C 174 -43.28 -11.73 10.24
N ALA C 175 -42.48 -11.44 9.22
CA ALA C 175 -42.12 -12.43 8.22
C ALA C 175 -40.80 -13.14 8.52
N GLN C 176 -39.83 -12.44 9.10
CA GLN C 176 -38.51 -13.00 9.36
C GLN C 176 -38.24 -13.28 10.82
N GLY C 177 -38.99 -12.69 11.74
CA GLY C 177 -38.77 -12.87 13.16
C GLY C 177 -37.85 -11.84 13.80
N GLY C 178 -37.02 -11.17 13.03
CA GLY C 178 -36.08 -10.22 13.60
C GLY C 178 -35.16 -9.67 12.53
N GLY C 179 -34.21 -8.87 12.99
CA GLY C 179 -33.36 -8.12 12.11
C GLY C 179 -32.06 -8.80 11.78
N PRO C 180 -30.97 -8.05 11.89
CA PRO C 180 -29.66 -8.55 11.42
C PRO C 180 -29.21 -9.81 12.14
N LEU C 181 -29.60 -9.99 13.40
CA LEU C 181 -29.15 -11.17 14.13
C LEU C 181 -29.55 -12.45 13.42
N ILE C 182 -30.80 -12.55 12.95
CA ILE C 182 -31.20 -13.73 12.19
C ILE C 182 -31.04 -13.54 10.69
N ASP C 183 -30.84 -12.30 10.23
CA ASP C 183 -30.63 -12.09 8.81
C ASP C 183 -29.22 -12.49 8.38
N ILE C 184 -28.20 -12.05 9.12
CA ILE C 184 -26.81 -12.35 8.74
C ILE C 184 -26.02 -12.99 9.88
N GLY C 185 -26.34 -12.65 11.14
CA GLY C 185 -25.67 -13.28 12.28
C GLY C 185 -25.74 -14.78 12.12
N THR C 186 -26.73 -15.19 11.36
CA THR C 186 -26.93 -16.61 11.09
C THR C 186 -25.76 -17.22 10.32
N HIS C 187 -25.29 -16.57 9.25
CA HIS C 187 -24.24 -17.15 8.42
C HIS C 187 -22.93 -17.26 9.19
N ALA C 188 -22.55 -16.19 9.90
CA ALA C 188 -21.32 -16.20 10.69
C ALA C 188 -21.40 -17.21 11.83
N LEU C 189 -22.52 -17.24 12.56
CA LEU C 189 -22.63 -18.22 13.64
C LEU C 189 -22.53 -19.64 13.10
N ASP C 190 -23.20 -19.93 11.98
CA ASP C 190 -23.12 -21.28 11.42
C ASP C 190 -21.69 -21.62 11.02
N ILE C 191 -20.97 -20.66 10.45
CA ILE C 191 -19.58 -20.92 10.04
C ILE C 191 -18.70 -21.17 11.27
N THR C 192 -18.87 -20.36 12.32
CA THR C 192 -18.02 -20.49 13.50
C THR C 192 -18.20 -21.86 14.16
N LEU C 193 -19.44 -22.24 14.48
CA LEU C 193 -19.70 -23.54 15.10
C LEU C 193 -19.21 -24.69 14.24
N TRP C 194 -19.42 -24.58 12.93
CA TRP C 194 -19.08 -25.67 12.03
C TRP C 194 -17.59 -25.89 11.97
N CYS C 195 -16.80 -24.81 12.03
CA CYS C 195 -15.37 -25.02 12.03
C CYS C 195 -14.87 -25.50 13.39
N MET C 196 -15.43 -24.99 14.48
CA MET C 196 -15.06 -25.48 15.80
C MET C 196 -15.54 -26.90 16.04
N ASN C 197 -16.49 -27.37 15.24
CA ASN C 197 -17.13 -28.67 15.45
C ASN C 197 -17.67 -28.76 16.88
N ASN C 198 -18.25 -27.66 17.34
CA ASN C 198 -18.71 -27.52 18.71
C ASN C 198 -20.16 -27.04 18.68
N TYR C 199 -21.08 -27.86 19.18
CA TYR C 199 -22.48 -27.50 19.21
C TYR C 199 -23.11 -27.72 20.59
N ASP C 200 -22.33 -28.10 21.58
CA ASP C 200 -22.87 -28.29 22.93
C ASP C 200 -22.76 -26.97 23.68
N VAL C 201 -23.87 -26.22 23.65
CA VAL C 201 -23.96 -24.92 24.28
C VAL C 201 -24.16 -25.05 25.79
N ASP C 202 -23.47 -24.21 26.56
CA ASP C 202 -23.68 -24.14 28.00
C ASP C 202 -24.46 -22.89 28.42
N SER C 203 -24.00 -21.70 28.05
CA SER C 203 -24.70 -20.48 28.38
C SER C 203 -24.72 -19.54 27.17
N VAL C 204 -25.69 -18.64 27.16
CA VAL C 204 -25.84 -17.66 26.08
C VAL C 204 -26.19 -16.33 26.72
N THR C 205 -25.38 -15.31 26.46
CA THR C 205 -25.65 -13.95 26.91
C THR C 205 -25.72 -13.05 25.70
N GLY C 206 -26.61 -12.07 25.76
CA GLY C 206 -26.88 -11.25 24.59
C GLY C 206 -27.33 -9.86 24.94
N SER C 207 -27.10 -8.95 24.01
CA SER C 207 -27.68 -7.62 24.04
C SER C 207 -28.14 -7.26 22.64
N VAL C 208 -29.28 -6.57 22.58
CA VAL C 208 -29.93 -6.23 21.33
C VAL C 208 -30.21 -4.74 21.35
N PHE C 209 -29.89 -4.06 20.25
CA PHE C 209 -29.82 -2.61 20.21
C PHE C 209 -30.82 -2.04 19.20
N TYR C 210 -31.61 -1.08 19.66
CA TYR C 210 -32.51 -0.29 18.81
C TYR C 210 -32.05 1.15 18.99
N LYS C 211 -31.16 1.59 18.09
CA LYS C 211 -30.50 2.87 18.26
C LYS C 211 -30.55 3.67 16.97
N LEU C 212 -29.68 3.35 16.02
CA LEU C 212 -29.73 4.01 14.72
C LEU C 212 -30.99 3.67 13.94
N GLY C 213 -31.65 2.55 14.26
CA GLY C 213 -32.81 2.13 13.49
C GLY C 213 -33.96 3.12 13.54
N GLN C 214 -34.25 3.69 14.70
CA GLN C 214 -35.33 4.66 14.58
C GLN C 214 -34.87 6.08 14.87
N LYS C 215 -33.63 6.32 14.45
CA LYS C 215 -33.00 7.64 14.54
C LYS C 215 -33.11 8.39 13.21
N GLU C 216 -33.42 9.68 13.30
CA GLU C 216 -33.75 10.48 12.11
C GLU C 216 -32.66 10.38 11.05
N ASN C 217 -31.42 10.71 11.43
CA ASN C 217 -30.29 10.64 10.50
C ASN C 217 -29.69 9.24 10.42
N GLY C 218 -30.33 8.25 11.02
CA GLY C 218 -29.91 6.87 10.92
C GLY C 218 -29.64 6.39 9.51
N PRO C 219 -30.58 6.58 8.59
CA PRO C 219 -30.39 6.07 7.22
C PRO C 219 -29.33 6.79 6.41
N GLU C 220 -28.75 7.87 6.93
CA GLU C 220 -27.73 8.59 6.18
C GLU C 220 -26.56 7.66 5.87
N GLY C 221 -26.18 7.62 4.60
CA GLY C 221 -25.06 6.80 4.18
C GLY C 221 -25.36 5.33 3.99
N ASN C 222 -26.61 4.91 4.08
CA ASN C 222 -26.94 3.50 3.89
C ASN C 222 -26.59 3.07 2.46
N LEU C 223 -25.92 1.92 2.35
CA LEU C 223 -25.52 1.42 1.03
C LEU C 223 -26.72 1.30 0.09
N PHE C 224 -27.89 0.93 0.62
CA PHE C 224 -29.09 0.67 -0.18
C PHE C 224 -30.15 1.77 -0.03
N GLY C 225 -29.72 3.03 0.05
CA GLY C 225 -30.66 4.12 0.12
C GLY C 225 -31.35 4.20 1.45
N PRO C 226 -32.20 5.21 1.64
CA PRO C 226 -32.83 5.41 2.95
C PRO C 226 -33.93 4.42 3.26
N TRP C 227 -34.13 4.20 4.55
CA TRP C 227 -35.28 3.52 5.10
C TRP C 227 -36.05 4.51 5.97
N ASP C 228 -37.26 4.13 6.38
CA ASP C 228 -38.09 5.05 7.14
C ASP C 228 -37.83 4.85 8.63
N PRO C 229 -37.19 5.79 9.31
CA PRO C 229 -36.89 5.57 10.73
C PRO C 229 -38.12 5.46 11.62
N LYS C 230 -39.23 6.11 11.24
CA LYS C 230 -40.45 6.05 12.04
C LYS C 230 -41.19 4.73 11.89
N THR C 231 -40.74 3.83 11.02
CA THR C 231 -41.38 2.53 10.88
C THR C 231 -40.41 1.36 10.99
N PHE C 232 -39.13 1.62 11.29
CA PHE C 232 -38.18 0.55 11.57
C PHE C 232 -38.61 -0.20 12.82
N GLU C 233 -38.74 -1.53 12.70
CA GLU C 233 -39.36 -2.33 13.75
C GLU C 233 -38.50 -3.49 14.22
N VAL C 234 -37.25 -3.59 13.76
CA VAL C 234 -36.36 -4.61 14.29
C VAL C 234 -35.13 -3.92 14.87
N GLU C 235 -34.23 -4.72 15.43
CA GLU C 235 -32.96 -4.20 15.93
C GLU C 235 -32.06 -3.75 14.78
N ASP C 236 -31.16 -2.82 15.09
CA ASP C 236 -30.10 -2.48 14.13
C ASP C 236 -28.80 -3.23 14.41
N SER C 237 -28.61 -3.73 15.63
CA SER C 237 -27.41 -4.50 15.92
C SER C 237 -27.67 -5.38 17.13
N ALA C 238 -26.81 -6.39 17.29
CA ALA C 238 -26.88 -7.27 18.45
C ALA C 238 -25.50 -7.89 18.66
N VAL C 239 -25.20 -8.21 19.91
CA VAL C 239 -23.94 -8.83 20.31
C VAL C 239 -24.23 -10.00 21.24
N GLY C 240 -23.44 -11.07 21.13
CA GLY C 240 -23.68 -12.26 21.91
C GLY C 240 -22.40 -12.80 22.51
N PHE C 241 -22.57 -13.58 23.57
CA PHE C 241 -21.45 -14.21 24.28
C PHE C 241 -21.87 -15.62 24.64
N VAL C 242 -21.34 -16.60 23.90
CA VAL C 242 -21.81 -17.98 23.97
C VAL C 242 -20.69 -18.81 24.59
N LYS C 243 -21.00 -19.45 25.70
CA LYS C 243 -20.03 -20.35 26.31
C LYS C 243 -20.45 -21.79 26.09
N MET C 244 -19.55 -22.57 25.59
CA MET C 244 -19.80 -23.97 25.28
C MET C 244 -19.43 -24.90 26.44
N LYS C 245 -20.01 -26.07 26.47
CA LYS C 245 -19.85 -26.98 27.60
C LYS C 245 -18.42 -27.44 27.80
N ASN C 246 -17.57 -27.36 26.77
CA ASN C 246 -16.16 -27.69 26.95
C ASN C 246 -15.30 -26.47 27.27
N GLY C 247 -15.91 -25.30 27.48
CA GLY C 247 -15.19 -24.11 27.83
C GLY C 247 -14.94 -23.16 26.68
N ALA C 248 -14.99 -23.64 25.44
CA ALA C 248 -14.86 -22.75 24.30
C ALA C 248 -15.88 -21.62 24.41
N THR C 249 -15.49 -20.47 23.89
CA THR C 249 -16.31 -19.26 23.98
C THR C 249 -16.43 -18.66 22.59
N ILE C 250 -17.63 -18.18 22.26
CA ILE C 250 -17.91 -17.59 20.95
C ILE C 250 -18.50 -16.22 21.17
N GLY C 251 -17.77 -15.18 20.75
CA GLY C 251 -18.34 -13.86 20.60
C GLY C 251 -19.03 -13.74 19.25
N LEU C 252 -20.15 -13.04 19.24
CA LEU C 252 -20.91 -12.79 18.02
C LEU C 252 -21.22 -11.31 17.96
N GLU C 253 -21.17 -10.73 16.76
CA GLU C 253 -21.66 -9.37 16.56
C GLU C 253 -22.33 -9.33 15.20
N ALA C 254 -23.56 -8.81 15.23
CA ALA C 254 -24.42 -8.72 14.06
C ALA C 254 -25.03 -7.33 13.97
N SER C 255 -25.13 -6.80 12.75
CA SER C 255 -25.71 -5.47 12.59
C SER C 255 -25.95 -5.20 11.12
N TRP C 256 -27.01 -4.42 10.85
CA TRP C 256 -27.16 -3.71 9.58
C TRP C 256 -26.68 -2.27 9.66
N ALA C 257 -26.71 -1.70 10.87
CA ALA C 257 -26.37 -0.29 11.07
C ALA C 257 -25.72 -0.19 12.43
N ILE C 258 -24.42 0.14 12.44
CA ILE C 258 -23.68 0.40 13.66
C ILE C 258 -22.46 1.25 13.27
N ASN C 259 -22.19 2.27 14.06
CA ASN C 259 -21.09 3.17 13.78
C ASN C 259 -19.76 2.48 14.11
N MET C 260 -19.49 1.41 13.36
CA MET C 260 -18.23 0.70 13.40
C MET C 260 -17.62 0.73 12.01
N LEU C 261 -16.29 0.75 11.97
CA LEU C 261 -15.58 0.98 10.71
C LEU C 261 -15.58 -0.26 9.82
N ASP C 262 -15.43 -1.45 10.41
CA ASP C 262 -15.20 -2.68 9.66
C ASP C 262 -16.53 -3.37 9.40
N SER C 263 -16.95 -3.38 8.13
CA SER C 263 -18.15 -4.13 7.71
C SER C 263 -17.69 -5.51 7.30
N ARG C 264 -17.66 -6.43 8.27
CA ARG C 264 -17.18 -7.80 8.07
C ARG C 264 -18.32 -8.74 8.44
N GLU C 265 -18.85 -9.44 7.44
CA GLU C 265 -19.97 -10.35 7.63
C GLU C 265 -19.63 -11.71 7.02
N ALA C 266 -20.42 -12.72 7.38
CA ALA C 266 -20.20 -14.10 6.93
C ALA C 266 -18.74 -14.52 7.15
N SER C 267 -18.15 -14.04 8.23
CA SER C 267 -16.76 -14.32 8.54
C SER C 267 -16.64 -14.90 9.94
N THR C 268 -15.43 -15.32 10.28
CA THR C 268 -15.17 -15.87 11.60
C THR C 268 -13.70 -15.70 11.94
N THR C 269 -13.42 -15.67 13.25
CA THR C 269 -12.08 -15.69 13.79
C THR C 269 -12.00 -16.85 14.75
N LEU C 270 -10.92 -17.63 14.66
CA LEU C 270 -10.76 -18.82 15.48
C LEU C 270 -9.37 -18.83 16.10
N CYS C 271 -9.30 -19.11 17.40
CA CYS C 271 -8.08 -19.14 18.19
C CYS C 271 -7.91 -20.54 18.79
N GLY C 272 -6.91 -21.30 18.34
CA GLY C 272 -6.68 -22.64 18.83
C GLY C 272 -5.37 -22.76 19.58
N THR C 273 -5.14 -23.97 20.09
CA THR C 273 -3.92 -24.23 20.86
C THR C 273 -2.70 -24.32 19.96
N GLU C 274 -2.89 -24.73 18.70
CA GLU C 274 -1.78 -24.88 17.77
C GLU C 274 -1.66 -23.74 16.76
N ALA C 275 -2.78 -23.16 16.35
CA ALA C 275 -2.78 -22.06 15.39
C ALA C 275 -4.11 -21.33 15.50
N GLY C 276 -4.27 -20.30 14.67
CA GLY C 276 -5.51 -19.58 14.57
C GLY C 276 -5.75 -19.16 13.14
N ALA C 277 -6.94 -18.61 12.89
CA ALA C 277 -7.26 -18.12 11.56
C ALA C 277 -8.36 -17.06 11.65
N GLU C 278 -8.50 -16.30 10.59
CA GLU C 278 -9.66 -15.43 10.43
C GLU C 278 -10.00 -15.27 8.96
N ILE C 279 -11.31 -15.23 8.68
CA ILE C 279 -11.84 -15.02 7.36
C ILE C 279 -12.41 -13.61 7.30
N HIS C 280 -12.23 -12.95 6.16
CA HIS C 280 -12.74 -11.60 5.94
C HIS C 280 -13.69 -11.60 4.77
N SER C 281 -14.84 -10.95 4.94
CA SER C 281 -15.78 -10.77 3.85
C SER C 281 -16.91 -9.88 4.34
N GLY C 282 -17.50 -9.21 3.39
CA GLY C 282 -18.52 -8.22 3.69
C GLY C 282 -18.28 -6.95 2.92
N MET C 283 -19.05 -5.92 3.26
CA MET C 283 -19.04 -4.68 2.50
C MET C 283 -17.66 -4.03 2.43
N SER C 284 -16.78 -4.33 3.38
CA SER C 284 -15.47 -3.70 3.40
C SER C 284 -14.38 -4.59 2.77
N TYR C 285 -14.77 -5.64 2.07
CA TYR C 285 -13.83 -6.59 1.48
C TYR C 285 -14.21 -6.91 0.03
N PRO C 286 -13.58 -6.26 -0.95
CA PRO C 286 -13.87 -6.60 -2.35
C PRO C 286 -13.50 -8.03 -2.71
N LYS C 287 -12.44 -8.58 -2.11
CA LYS C 287 -12.17 -10.00 -2.26
C LYS C 287 -12.08 -10.62 -0.86
N ASN C 288 -12.71 -11.79 -0.75
CA ASN C 288 -12.67 -12.56 0.48
C ASN C 288 -11.22 -12.86 0.87
N GLU C 289 -10.97 -13.01 2.17
CA GLU C 289 -9.65 -13.31 2.64
C GLU C 289 -9.68 -14.39 3.71
N LEU C 290 -8.61 -15.19 3.73
CA LEU C 290 -8.39 -16.14 4.79
C LEU C 290 -6.94 -15.99 5.23
N ILE C 291 -6.72 -15.76 6.51
CA ILE C 291 -5.38 -15.62 7.06
C ILE C 291 -5.23 -16.61 8.21
N TYR C 292 -4.28 -17.52 8.06
CA TYR C 292 -3.79 -18.32 9.18
C TYR C 292 -2.68 -17.57 9.90
N ASN C 293 -2.57 -17.80 11.19
CA ASN C 293 -1.46 -17.27 11.96
C ASN C 293 -0.97 -18.36 12.90
N ARG C 294 0.35 -18.52 12.96
CA ARG C 294 0.98 -19.54 13.80
C ARG C 294 2.42 -19.13 14.03
N ALA C 295 3.04 -19.79 14.99
CA ALA C 295 4.48 -19.78 15.11
C ALA C 295 5.01 -20.92 14.25
N ARG C 296 6.16 -20.69 13.61
CA ARG C 296 6.79 -21.71 12.78
C ARG C 296 8.30 -21.55 12.92
N ASN C 297 8.94 -22.54 13.55
CA ASN C 297 10.38 -22.51 13.77
C ASN C 297 10.81 -21.19 14.43
N ASN C 298 10.10 -20.83 15.50
CA ASN C 298 10.40 -19.74 16.44
C ASN C 298 9.93 -18.37 15.97
N GLN C 299 9.25 -18.25 14.82
CA GLN C 299 8.90 -16.95 14.28
C GLN C 299 7.40 -16.86 14.05
N LEU C 300 6.81 -15.72 14.41
CA LEU C 300 5.40 -15.47 14.13
C LEU C 300 5.22 -15.27 12.63
N MET C 301 4.30 -16.04 12.04
CA MET C 301 4.06 -16.00 10.62
C MET C 301 2.55 -15.95 10.35
N GLU C 302 2.20 -15.57 9.13
CA GLU C 302 0.80 -15.46 8.74
C GLU C 302 0.66 -15.90 7.29
N GLU C 303 -0.32 -16.74 7.04
CA GLU C 303 -0.57 -17.33 5.72
C GLU C 303 -1.89 -16.86 5.14
N THR C 304 -1.80 -16.34 3.96
CA THR C 304 -2.94 -15.69 3.34
C THR C 304 -3.11 -16.26 1.94
N LEU C 305 -4.15 -15.85 1.29
CA LEU C 305 -4.43 -16.36 -0.05
C LEU C 305 -3.63 -15.56 -1.08
N SER C 306 -3.22 -16.23 -2.13
CA SER C 306 -2.38 -15.62 -3.13
C SER C 306 -3.20 -15.30 -4.37
N GLU C 320 -20.94 -19.49 -8.06
CA GLU C 320 -19.94 -20.37 -7.49
C GLU C 320 -20.49 -21.18 -6.30
N GLU C 321 -20.50 -20.57 -5.10
CA GLU C 321 -20.89 -21.34 -3.92
C GLU C 321 -22.36 -21.70 -3.93
N GLY C 322 -23.21 -20.82 -4.46
CA GLY C 322 -24.61 -21.18 -4.61
C GLY C 322 -24.81 -22.44 -5.43
N THR C 323 -24.07 -22.57 -6.54
CA THR C 323 -24.25 -23.78 -7.34
C THR C 323 -23.43 -24.94 -6.80
N VAL C 324 -22.26 -24.69 -6.20
CA VAL C 324 -21.62 -25.82 -5.56
C VAL C 324 -22.48 -26.34 -4.42
N ASP C 325 -23.20 -25.49 -3.69
CA ASP C 325 -24.19 -25.95 -2.72
C ASP C 325 -25.27 -26.80 -3.39
N ASN C 326 -26.03 -26.20 -4.30
CA ASN C 326 -27.11 -26.91 -4.97
C ASN C 326 -26.64 -28.26 -5.51
N ARG C 327 -25.46 -28.29 -6.15
CA ARG C 327 -24.97 -29.54 -6.73
C ARG C 327 -24.72 -30.57 -5.65
N GLN C 328 -23.94 -30.22 -4.63
CA GLN C 328 -23.69 -31.12 -3.52
C GLN C 328 -24.99 -31.73 -3.00
N TRP C 329 -26.07 -30.94 -3.01
CA TRP C 329 -27.37 -31.36 -2.49
C TRP C 329 -28.02 -32.39 -3.41
N LEU C 330 -28.16 -32.08 -4.69
CA LEU C 330 -28.72 -33.04 -5.63
C LEU C 330 -27.91 -34.33 -5.65
N GLU C 331 -26.58 -34.22 -5.69
CA GLU C 331 -25.75 -35.42 -5.65
C GLU C 331 -26.01 -36.24 -4.40
N ALA C 332 -26.26 -35.60 -3.25
CA ALA C 332 -26.54 -36.34 -2.04
C ALA C 332 -27.86 -37.12 -2.16
N ILE C 333 -28.86 -36.51 -2.80
CA ILE C 333 -30.11 -37.22 -3.05
C ILE C 333 -29.87 -38.38 -4.01
N GLN C 334 -29.12 -38.12 -5.09
CA GLN C 334 -28.91 -39.14 -6.10
C GLN C 334 -28.16 -40.34 -5.54
N ASN C 335 -27.08 -40.08 -4.80
CA ASN C 335 -26.17 -41.09 -4.26
C ASN C 335 -26.61 -41.62 -2.89
N GLY C 336 -27.74 -41.15 -2.36
CA GLY C 336 -28.14 -41.58 -1.03
C GLY C 336 -27.10 -41.30 0.05
N THR C 337 -26.52 -40.10 0.03
CA THR C 337 -25.50 -39.70 0.97
C THR C 337 -25.94 -38.44 1.71
N GLU C 338 -25.14 -38.05 2.69
CA GLU C 338 -25.51 -36.91 3.53
C GLU C 338 -25.21 -35.61 2.82
N PRO C 339 -26.15 -34.66 2.80
CA PRO C 339 -25.80 -33.29 2.43
C PRO C 339 -24.87 -32.68 3.48
N LEU C 340 -24.14 -31.64 3.06
CA LEU C 340 -23.13 -31.07 3.94
C LEU C 340 -23.77 -30.45 5.18
N VAL C 341 -24.73 -29.55 4.99
CA VAL C 341 -25.38 -28.91 6.12
C VAL C 341 -26.28 -29.94 6.80
N LYS C 342 -25.91 -30.34 8.02
CA LYS C 342 -26.74 -31.24 8.80
C LYS C 342 -27.87 -30.47 9.49
N PRO C 343 -29.09 -30.99 9.47
CA PRO C 343 -30.21 -30.24 10.08
C PRO C 343 -30.01 -29.96 11.56
N GLU C 344 -29.24 -30.77 12.27
CA GLU C 344 -29.13 -30.41 13.69
C GLU C 344 -28.11 -29.31 13.93
N GLU C 345 -27.13 -29.08 13.04
CA GLU C 345 -26.30 -27.88 13.14
C GLU C 345 -27.15 -26.62 12.95
N ALA C 346 -27.99 -26.62 11.90
CA ALA C 346 -28.84 -25.47 11.65
C ALA C 346 -29.79 -25.22 12.81
N LEU C 347 -30.38 -26.29 13.35
CA LEU C 347 -31.21 -26.14 14.54
C LEU C 347 -30.43 -25.50 15.69
N ALA C 348 -29.22 -26.00 15.96
CA ALA C 348 -28.38 -25.40 16.99
C ALA C 348 -28.14 -23.90 16.71
N VAL C 349 -27.80 -23.54 15.47
CA VAL C 349 -27.64 -22.13 15.14
C VAL C 349 -28.91 -21.34 15.49
N THR C 350 -30.09 -21.88 15.13
CA THR C 350 -31.33 -21.18 15.45
C THR C 350 -31.56 -21.08 16.95
N LYS C 351 -31.29 -22.16 17.69
CA LYS C 351 -31.43 -22.09 19.15
C LYS C 351 -30.58 -20.98 19.75
N ILE C 352 -29.34 -20.78 19.33
CA ILE C 352 -28.43 -19.77 19.91
C ILE C 352 -28.88 -18.36 19.60
N LEU C 353 -29.30 -18.10 18.40
CA LEU C 353 -29.64 -16.72 18.07
C LEU C 353 -30.94 -16.30 18.75
N ASP C 354 -31.79 -17.25 19.06
CA ASP C 354 -33.03 -16.95 19.79
C ASP C 354 -32.71 -16.71 21.25
N ALA C 355 -31.69 -17.39 21.72
CA ALA C 355 -31.24 -17.19 23.09
C ALA C 355 -30.55 -15.86 23.24
N ILE C 356 -29.96 -15.34 22.18
CA ILE C 356 -29.36 -14.00 22.26
C ILE C 356 -30.53 -13.03 22.32
N TYR C 357 -31.56 -13.21 21.54
CA TYR C 357 -32.75 -12.33 21.64
C TYR C 357 -33.41 -12.40 23.02
N LYS C 358 -33.57 -13.61 23.56
CA LYS C 358 -34.24 -13.80 24.88
C LYS C 358 -33.47 -13.06 25.98
N SER C 359 -32.20 -12.70 25.72
CA SER C 359 -31.37 -12.04 26.75
C SER C 359 -32.02 -10.70 27.14
N ALA C 360 -33.06 -10.27 26.42
CA ALA C 360 -33.75 -9.01 26.73
C ALA C 360 -34.20 -9.03 28.20
N LYS C 361 -34.65 -10.19 28.69
CA LYS C 361 -35.04 -10.33 30.12
C LYS C 361 -33.81 -10.05 30.98
N THR C 362 -32.78 -9.42 30.40
CA THR C 362 -31.49 -9.19 31.14
C THR C 362 -31.10 -10.41 31.95
N ASN C 363 -30.94 -11.50 31.26
CA ASN C 363 -30.55 -12.72 31.96
C ASN C 363 -29.79 -13.64 31.01
N THR C 364 -28.75 -14.26 31.52
CA THR C 364 -28.05 -15.31 30.80
C THR C 364 -28.93 -16.54 30.69
N ILE C 365 -28.93 -17.17 29.52
CA ILE C 365 -29.78 -18.32 29.28
C ILE C 365 -28.93 -19.58 29.35
N LYS C 366 -29.24 -20.40 30.35
CA LYS C 366 -28.57 -21.69 30.50
C LYS C 366 -29.23 -22.74 29.63
N PHE C 367 -28.41 -23.63 29.08
CA PHE C 367 -28.90 -24.73 28.25
C PHE C 367 -28.85 -26.03 29.03
N SER D 3 8.65 24.61 47.10
CA SER D 3 7.44 23.76 46.93
C SER D 3 7.80 22.51 46.14
N LYS D 4 9.09 22.21 45.96
CA LYS D 4 9.42 20.93 45.30
C LYS D 4 8.94 19.82 46.21
N LEU D 5 8.20 18.87 45.67
CA LEU D 5 7.60 17.81 46.52
C LEU D 5 8.64 16.73 46.81
N LYS D 6 8.61 16.18 48.02
CA LYS D 6 9.55 15.12 48.41
C LYS D 6 8.93 13.78 48.05
N ILE D 7 9.58 13.03 47.16
CA ILE D 7 8.97 11.78 46.65
C ILE D 7 9.70 10.54 47.16
N GLY D 8 8.96 9.50 47.53
CA GLY D 8 9.52 8.21 47.90
C GLY D 8 9.07 7.15 46.92
N ILE D 9 9.99 6.26 46.55
CA ILE D 9 9.73 5.18 45.60
C ILE D 9 9.86 3.86 46.33
N ILE D 10 8.83 3.01 46.20
CA ILE D 10 8.84 1.66 46.77
C ILE D 10 8.78 0.70 45.60
N GLY D 11 9.95 0.21 45.17
CA GLY D 11 10.05 -0.60 43.96
C GLY D 11 10.87 0.09 42.91
N CYS D 12 11.96 -0.49 42.49
CA CYS D 12 12.84 0.34 41.63
C CYS D 12 13.18 -0.39 40.32
N GLY D 13 12.24 -1.09 39.79
CA GLY D 13 12.65 -1.74 38.57
C GLY D 13 11.51 -2.00 37.65
N GLY D 14 11.73 -1.72 36.41
CA GLY D 14 10.60 -1.89 35.54
C GLY D 14 9.92 -0.59 35.36
N ILE D 15 8.80 -0.46 36.02
CA ILE D 15 8.02 0.75 35.67
C ILE D 15 8.77 1.91 36.29
N ALA D 16 9.27 1.68 37.49
CA ALA D 16 10.00 2.73 38.20
C ALA D 16 11.19 3.15 37.36
N ASN D 17 11.89 2.17 36.88
CA ASN D 17 13.04 2.61 36.10
C ASN D 17 12.68 2.99 34.68
N GLN D 18 11.51 2.59 34.18
CA GLN D 18 11.13 2.88 32.81
C GLN D 18 10.19 4.07 32.70
N LYS D 19 9.19 4.20 33.57
CA LYS D 19 8.29 5.34 33.51
C LYS D 19 8.56 6.38 34.59
N HIS D 20 8.67 5.97 35.85
CA HIS D 20 8.68 6.91 36.96
C HIS D 20 9.93 7.79 37.10
N PHE D 21 11.07 7.17 37.39
CA PHE D 21 12.33 7.90 37.46
C PHE D 21 12.57 8.81 36.25
N PRO D 22 12.34 8.39 35.00
CA PRO D 22 12.49 9.35 33.90
C PRO D 22 11.52 10.51 33.99
N ALA D 23 10.23 10.24 34.20
CA ALA D 23 9.25 11.32 34.22
C ALA D 23 9.39 12.18 35.48
N LEU D 24 9.65 11.55 36.63
CA LEU D 24 9.98 12.31 37.83
C LEU D 24 11.07 13.35 37.52
N LYS D 25 12.16 12.91 36.89
CA LYS D 25 13.26 13.73 36.41
C LYS D 25 12.80 14.82 35.43
N ASN D 26 11.86 14.44 34.56
CA ASN D 26 11.40 15.37 33.54
C ASN D 26 10.62 16.53 34.14
N ASN D 27 10.02 16.34 35.32
CA ASN D 27 9.37 17.38 36.11
C ASN D 27 10.16 17.63 37.38
N ALA D 28 11.49 17.48 37.33
CA ALA D 28 12.30 17.63 38.52
C ALA D 28 12.04 18.96 39.21
N ASP D 29 11.65 19.98 38.45
CA ASP D 29 11.40 21.31 38.99
C ASP D 29 10.27 21.30 40.02
N LEU D 30 9.46 20.24 40.04
CA LEU D 30 8.40 20.16 41.03
C LEU D 30 8.61 19.02 42.03
N ASN D 31 9.75 18.35 42.01
CA ASN D 31 9.93 17.26 42.95
C ASN D 31 11.40 16.92 43.14
N GLU D 32 11.68 16.28 44.27
CA GLU D 32 12.95 15.62 44.54
C GLU D 32 12.63 14.27 45.16
N ILE D 33 13.52 13.31 44.96
CA ILE D 33 13.31 11.94 45.43
C ILE D 33 14.14 11.72 46.69
N VAL D 34 13.52 11.10 47.70
CA VAL D 34 14.09 10.86 49.02
C VAL D 34 13.54 9.57 49.63
N PHE D 36 13.77 6.31 48.47
CA PHE D 36 14.06 5.11 47.68
C PHE D 36 13.94 3.83 48.50
N CYS D 37 13.53 2.73 47.85
CA CYS D 37 13.32 1.39 48.49
C CYS D 37 13.22 0.32 47.41
N ASP D 38 13.38 -0.95 47.77
CA ASP D 38 13.32 -2.14 46.86
C ASP D 38 13.66 -3.28 47.80
N ILE D 39 13.36 -4.49 47.42
CA ILE D 39 13.65 -5.62 48.36
C ILE D 39 15.09 -6.03 48.07
N GLN D 40 15.49 -5.82 46.83
CA GLN D 40 16.92 -5.99 46.48
C GLN D 40 17.58 -4.75 47.08
N ILE D 41 18.19 -4.87 48.26
CA ILE D 41 18.75 -3.68 48.96
C ILE D 41 19.52 -2.82 47.96
N ASP D 42 20.06 -3.42 46.91
CA ASP D 42 20.90 -2.70 45.94
C ASP D 42 20.09 -2.19 44.77
N ARG D 43 18.86 -2.65 44.63
CA ARG D 43 18.10 -2.28 43.43
C ARG D 43 17.84 -0.76 43.44
N ALA D 44 17.69 -0.19 44.62
CA ALA D 44 17.40 1.25 44.74
C ALA D 44 18.63 2.08 44.42
N GLU D 45 19.82 1.54 44.64
CA GLU D 45 21.05 2.34 44.50
C GLU D 45 21.19 2.90 43.09
N LYS D 46 21.34 2.03 42.10
CA LYS D 46 21.62 2.52 40.72
C LYS D 46 20.72 3.71 40.41
N ALA D 47 19.73 3.97 41.26
CA ALA D 47 18.78 5.07 41.01
C ALA D 47 18.81 6.03 42.19
N ALA D 48 18.99 5.47 43.37
CA ALA D 48 19.15 6.35 44.52
C ALA D 48 20.49 7.05 44.33
N ALA D 49 21.12 6.78 43.21
CA ALA D 49 22.34 7.50 42.95
C ALA D 49 22.19 8.15 41.60
N GLU D 50 21.26 7.66 40.79
CA GLU D 50 21.07 8.39 39.53
C GLU D 50 19.96 9.40 39.76
N PHE D 51 19.49 9.49 41.01
CA PHE D 51 18.30 10.33 41.26
C PHE D 51 18.50 11.28 42.44
N GLY D 52 19.30 12.35 42.25
CA GLY D 52 19.58 13.39 43.27
C GLY D 52 18.88 13.20 44.61
N ALA D 53 19.12 12.06 45.23
CA ALA D 53 18.49 11.79 46.53
C ALA D 53 19.28 12.54 47.62
N GLU D 54 20.42 13.11 47.25
CA GLU D 54 21.23 13.90 48.21
C GLU D 54 20.75 13.62 49.64
N GLY D 55 21.11 12.45 50.20
CA GLY D 55 20.67 12.07 51.55
C GLY D 55 19.61 10.99 51.53
N ALA D 56 19.42 10.33 50.39
CA ALA D 56 18.37 9.30 50.23
C ALA D 56 18.24 8.38 51.44
N GLN D 57 17.01 8.03 51.81
CA GLN D 57 16.87 7.02 52.89
C GLN D 57 17.14 5.67 52.22
N VAL D 58 17.04 5.64 50.89
CA VAL D 58 17.45 4.37 50.21
C VAL D 58 17.43 3.02 50.91
N THR D 59 16.29 2.51 51.38
CA THR D 59 16.20 1.42 52.35
C THR D 59 15.68 0.11 51.76
N ALA D 60 16.00 -0.96 52.43
CA ALA D 60 15.52 -2.28 52.05
C ALA D 60 14.10 -2.54 52.49
N ASP D 61 13.58 -1.73 53.42
CA ASP D 61 12.24 -1.88 53.96
C ASP D 61 11.40 -0.66 53.63
N TYR D 62 10.28 -0.90 52.97
CA TYR D 62 9.31 0.18 52.76
C TYR D 62 8.78 0.74 54.08
N LYS D 63 8.47 -0.13 55.05
CA LYS D 63 7.91 0.30 56.32
C LYS D 63 8.78 1.31 57.05
N GLU D 64 10.02 1.50 56.62
CA GLU D 64 10.87 2.55 57.16
C GLU D 64 10.89 3.79 56.28
N LEU D 65 11.04 3.63 54.96
CA LEU D 65 10.83 4.77 54.07
C LEU D 65 9.52 5.48 54.36
N LEU D 66 8.59 4.80 55.03
CA LEU D 66 7.31 5.40 55.40
C LEU D 66 7.38 6.20 56.70
N ALA D 67 8.09 5.69 57.71
CA ALA D 67 8.28 6.45 58.93
C ALA D 67 9.21 7.64 58.71
N ASN D 68 9.95 7.65 57.61
CA ASN D 68 10.73 8.80 57.19
C ASN D 68 9.82 10.02 57.08
N PRO D 69 10.04 11.06 57.88
CA PRO D 69 9.16 12.24 57.80
C PRO D 69 9.34 13.04 56.53
N GLU D 70 10.54 13.08 55.96
CA GLU D 70 10.82 13.89 54.78
C GLU D 70 10.13 13.36 53.50
N VAL D 71 9.34 12.29 53.58
CA VAL D 71 8.69 11.70 52.42
C VAL D 71 7.23 12.16 52.40
N GLU D 72 6.85 12.83 51.31
CA GLU D 72 5.51 13.38 51.16
C GLU D 72 4.61 12.51 50.30
N VAL D 73 5.09 12.12 49.11
CA VAL D 73 4.31 11.38 48.14
C VAL D 73 5.01 10.06 47.87
N VAL D 74 4.30 8.96 48.10
CA VAL D 74 4.85 7.61 47.99
C VAL D 74 4.36 6.98 46.69
N HIS D 75 5.29 6.53 45.85
CA HIS D 75 4.95 5.84 44.62
C HIS D 75 5.13 4.33 44.82
N VAL D 76 4.06 3.59 44.59
CA VAL D 76 4.07 2.13 44.75
C VAL D 76 4.33 1.51 43.38
N CYS D 77 5.45 0.83 43.24
CA CYS D 77 5.84 0.29 41.93
C CYS D 77 6.23 -1.14 42.25
N THR D 78 5.62 -1.64 43.27
CA THR D 78 5.89 -3.00 43.72
C THR D 78 4.97 -3.96 42.98
N PRO D 79 5.14 -5.28 43.13
CA PRO D 79 4.24 -6.19 42.49
C PRO D 79 2.80 -6.00 42.98
N ASN D 80 1.82 -6.47 42.21
CA ASN D 80 0.37 -6.25 42.42
C ASN D 80 -0.21 -6.71 43.75
N VAL D 81 0.38 -7.68 44.40
CA VAL D 81 -0.14 -8.04 45.74
C VAL D 81 0.22 -6.93 46.70
N SER D 82 1.48 -6.53 46.71
CA SER D 82 1.96 -5.54 47.70
C SER D 82 1.17 -4.25 47.64
N HIS D 83 0.53 -3.99 46.51
CA HIS D 83 -0.16 -2.69 46.33
C HIS D 83 -1.02 -2.33 47.56
N SER D 84 -1.74 -3.27 48.12
CA SER D 84 -2.66 -2.98 49.20
C SER D 84 -1.91 -2.57 50.43
N GLU D 85 -1.14 -3.50 50.97
CA GLU D 85 -0.29 -3.24 52.13
C GLU D 85 0.51 -1.96 52.03
N ILE D 86 1.29 -1.78 51.01
CA ILE D 86 2.17 -0.61 51.01
C ILE D 86 1.39 0.65 50.76
N THR D 87 0.17 0.52 50.24
CA THR D 87 -0.62 1.72 49.89
C THR D 87 -1.44 2.08 51.12
N ALA D 89 -2.35 0.75 52.33
CA ALA D 89 -3.03 1.13 53.57
C ALA D 89 -2.02 1.76 54.54
N ALA D 90 -0.74 1.41 54.42
CA ALA D 90 0.27 1.90 55.37
C ALA D 90 0.61 3.35 55.04
N PHE D 91 0.80 3.65 53.76
CA PHE D 91 1.23 5.00 53.41
C PHE D 91 0.07 5.96 53.64
N GLU D 92 -1.14 5.52 53.32
CA GLU D 92 -2.32 6.38 53.53
C GLU D 92 -2.29 6.72 55.02
N ALA D 93 -1.53 5.94 55.78
CA ALA D 93 -1.37 6.37 57.18
C ALA D 93 -0.37 7.52 57.16
N GLY D 94 -0.69 8.59 56.40
CA GLY D 94 0.16 9.80 56.40
C GLY D 94 0.56 10.37 55.05
N LYS D 95 0.66 9.56 54.00
CA LYS D 95 1.24 10.08 52.73
C LYS D 95 0.34 10.06 51.52
N HIS D 96 0.66 10.85 50.52
CA HIS D 96 -0.07 10.89 49.24
C HIS D 96 0.43 9.70 48.44
N VAL D 97 -0.44 8.84 47.92
CA VAL D 97 0.00 7.56 47.30
C VAL D 97 -0.34 7.40 45.82
N TYR D 98 0.66 7.20 44.98
CA TYR D 98 0.49 6.82 43.55
C TYR D 98 0.78 5.33 43.52
N CYS D 99 -0.23 4.48 43.42
CA CYS D 99 -0.02 3.04 43.27
C CYS D 99 -0.05 2.76 41.79
N GLU D 100 0.59 1.68 41.36
CA GLU D 100 0.72 1.44 39.90
C GLU D 100 -0.47 0.68 39.30
N LYS D 101 -0.53 0.61 37.97
CA LYS D 101 -1.67 0.04 37.19
C LYS D 101 -2.60 -0.89 37.95
N PRO D 102 -2.34 -2.20 38.12
CA PRO D 102 -3.34 -3.07 38.73
C PRO D 102 -3.47 -2.67 40.20
N MET D 103 -4.37 -1.74 40.51
CA MET D 103 -4.51 -1.25 41.91
C MET D 103 -4.45 -2.45 42.82
N SER D 104 -5.21 -3.46 42.52
CA SER D 104 -5.02 -4.73 43.19
C SER D 104 -5.69 -5.79 42.37
N HIS D 105 -5.23 -6.98 42.51
CA HIS D 105 -5.89 -8.10 41.85
C HIS D 105 -7.23 -8.35 42.46
N SER D 106 -7.43 -7.90 43.69
CA SER D 106 -8.63 -8.20 44.51
C SER D 106 -9.51 -7.01 44.71
N THR D 107 -10.78 -7.26 44.63
CA THR D 107 -11.78 -6.20 44.76
C THR D 107 -11.74 -5.73 46.19
N GLU D 108 -11.67 -6.67 47.08
CA GLU D 108 -11.66 -6.36 48.50
C GLU D 108 -10.40 -5.62 48.94
N GLU D 109 -9.28 -5.97 48.39
CA GLU D 109 -7.98 -5.38 48.77
C GLU D 109 -7.97 -3.97 48.21
N ALA D 110 -8.67 -3.77 47.14
CA ALA D 110 -8.77 -2.45 46.52
C ALA D 110 -9.83 -1.61 47.20
N GLU D 111 -10.86 -2.26 47.65
CA GLU D 111 -11.83 -1.47 48.40
C GLU D 111 -11.15 -0.97 49.66
N LYS D 112 -10.24 -1.75 50.19
CA LYS D 112 -9.57 -1.44 51.47
C LYS D 112 -8.59 -0.35 51.21
N MET D 113 -8.17 -0.27 49.99
CA MET D 113 -7.16 0.72 49.67
C MET D 113 -7.84 2.08 49.57
N VAL D 114 -9.12 2.09 49.24
CA VAL D 114 -9.92 3.34 49.08
C VAL D 114 -10.33 3.93 50.44
N GLU D 115 -10.79 3.10 51.34
CA GLU D 115 -11.28 3.58 52.64
C GLU D 115 -10.12 4.22 53.32
N ALA D 116 -9.03 3.57 53.14
CA ALA D 116 -7.83 4.09 53.73
C ALA D 116 -7.55 5.47 53.16
N TRP D 117 -7.78 5.68 51.90
CA TRP D 117 -7.49 6.98 51.29
C TRP D 117 -8.40 8.01 51.91
N LYS D 118 -9.56 7.55 52.23
CA LYS D 118 -10.57 8.47 52.73
C LYS D 118 -10.22 8.79 54.17
N LYS D 119 -9.85 7.81 54.93
CA LYS D 119 -9.42 8.08 56.30
C LYS D 119 -8.15 8.92 56.35
N SER D 120 -7.48 9.18 55.24
CA SER D 120 -6.17 9.87 55.22
C SER D 120 -6.26 11.35 54.93
N GLY D 121 -7.27 11.76 54.21
CA GLY D 121 -7.31 13.15 53.76
C GLY D 121 -6.21 13.46 52.77
N LYS D 122 -5.75 12.44 52.08
CA LYS D 122 -4.58 12.63 51.22
C LYS D 122 -4.94 12.31 49.77
N GLN D 123 -3.99 12.53 48.88
CA GLN D 123 -4.22 12.31 47.42
C GLN D 123 -3.91 10.88 46.97
N PHE D 124 -4.71 10.37 46.09
CA PHE D 124 -4.65 9.00 45.60
C PHE D 124 -4.89 9.00 44.10
N THR D 125 -3.97 8.41 43.35
CA THR D 125 -4.19 8.15 41.94
C THR D 125 -3.49 6.86 41.54
N ILE D 126 -3.84 6.37 40.36
CA ILE D 126 -3.38 5.08 39.86
C ILE D 126 -2.65 5.32 38.54
N GLY D 127 -1.74 4.40 38.22
CA GLY D 127 -0.92 4.52 37.03
C GLY D 127 -1.61 4.13 35.73
N TYR D 128 -2.67 4.84 35.37
CA TYR D 128 -3.34 4.66 34.09
C TYR D 128 -2.88 5.73 33.11
N GLN D 129 -1.58 5.74 32.83
CA GLN D 129 -1.01 6.80 32.01
C GLN D 129 -1.53 6.77 30.57
N ASN D 130 -1.94 5.61 30.07
CA ASN D 130 -2.51 5.54 28.72
C ASN D 130 -3.60 6.57 28.50
N ARG D 131 -4.27 7.02 29.57
CA ARG D 131 -5.27 8.08 29.46
C ARG D 131 -4.68 9.35 28.86
N PHE D 132 -3.37 9.54 28.95
CA PHE D 132 -2.77 10.81 28.60
C PHE D 132 -2.17 10.85 27.20
N ARG D 133 -2.30 9.78 26.41
CA ARG D 133 -1.90 9.85 25.02
C ARG D 133 -2.77 10.87 24.30
N GLU D 134 -2.14 11.67 23.45
CA GLU D 134 -2.85 12.75 22.77
C GLU D 134 -4.13 12.25 22.11
N GLU D 135 -4.09 11.04 21.53
CA GLU D 135 -5.26 10.55 20.82
C GLU D 135 -6.34 10.01 21.76
N VAL D 136 -5.95 9.31 22.84
CA VAL D 136 -6.93 8.92 23.84
C VAL D 136 -7.61 10.15 24.42
N MET D 137 -6.84 11.22 24.65
CA MET D 137 -7.43 12.47 25.11
C MET D 137 -8.39 13.03 24.08
N ASN D 138 -8.01 12.96 22.80
CA ASN D 138 -8.87 13.37 21.71
C ASN D 138 -10.24 12.68 21.80
N LEU D 139 -10.24 11.35 21.85
CA LEU D 139 -11.50 10.62 21.89
C LEU D 139 -12.32 11.00 23.13
N LYS D 140 -11.67 11.00 24.30
CA LYS D 140 -12.36 11.36 25.53
C LYS D 140 -13.05 12.71 25.41
N LYS D 141 -12.36 13.69 24.83
CA LYS D 141 -13.00 14.99 24.75
C LYS D 141 -14.15 14.96 23.76
N SER D 142 -14.03 14.25 22.64
CA SER D 142 -15.14 14.13 21.71
C SER D 142 -16.36 13.53 22.41
N CYS D 143 -16.18 12.40 23.10
CA CYS D 143 -17.21 11.73 23.88
C CYS D 143 -17.88 12.66 24.87
N ASP D 144 -17.03 13.40 25.58
CA ASP D 144 -17.51 14.34 26.60
C ASP D 144 -18.33 15.46 25.99
N LYS D 145 -18.03 15.83 24.75
CA LYS D 145 -18.87 16.80 24.08
C LYS D 145 -20.08 16.15 23.42
N GLY D 146 -20.31 14.87 23.66
CA GLY D 146 -21.45 14.21 23.06
C GLY D 146 -21.33 13.98 21.57
N GLU D 147 -20.13 14.11 21.02
CA GLU D 147 -19.99 14.05 19.57
C GLU D 147 -20.14 12.62 19.02
N LEU D 148 -20.00 11.60 19.86
CA LEU D 148 -20.43 10.25 19.51
C LEU D 148 -21.87 9.99 19.90
N GLY D 149 -22.52 10.92 20.61
CA GLY D 149 -23.82 10.67 21.18
C GLY D 149 -23.75 9.67 22.31
N GLU D 150 -24.81 8.87 22.44
CA GLU D 150 -24.86 7.83 23.45
C GLU D 150 -24.05 6.64 22.98
N ILE D 151 -23.02 6.27 23.75
CA ILE D 151 -22.22 5.09 23.45
C ILE D 151 -22.91 3.88 24.07
N TYR D 152 -23.37 2.96 23.23
CA TYR D 152 -24.07 1.78 23.70
C TYR D 152 -23.29 0.49 23.50
N TYR D 153 -22.25 0.49 22.66
CA TYR D 153 -21.44 -0.70 22.48
C TYR D 153 -19.97 -0.32 22.50
N GLY D 154 -19.21 -1.00 23.34
CA GLY D 154 -17.79 -0.74 23.47
C GLY D 154 -16.99 -2.04 23.46
N LYS D 155 -15.75 -1.92 23.00
CA LYS D 155 -14.82 -3.04 22.96
C LYS D 155 -13.51 -2.59 23.59
N ALA D 156 -13.03 -3.33 24.57
CA ALA D 156 -11.73 -3.07 25.19
C ALA D 156 -10.73 -4.06 24.62
N HIS D 157 -9.70 -3.54 23.96
CA HIS D 157 -8.70 -4.38 23.31
C HIS D 157 -7.45 -4.40 24.17
N ALA D 158 -7.12 -5.57 24.69
CA ALA D 158 -5.88 -5.76 25.43
C ALA D 158 -5.22 -7.05 24.97
N VAL D 159 -5.01 -7.17 23.66
CA VAL D 159 -4.61 -8.42 23.04
C VAL D 159 -3.16 -8.30 22.58
N ARG D 160 -2.33 -9.25 23.02
CA ARG D 160 -1.03 -9.48 22.43
C ARG D 160 -1.02 -10.87 21.83
N ARG D 161 -0.64 -10.98 20.57
CA ARG D 161 -0.54 -12.29 19.94
C ARG D 161 0.45 -13.16 20.71
N ARG D 162 1.66 -12.65 20.94
CA ARG D 162 2.66 -13.46 21.65
C ARG D 162 3.73 -12.56 22.24
N ALA D 163 3.40 -11.93 23.36
CA ALA D 163 4.31 -11.04 24.06
C ALA D 163 4.11 -11.21 25.57
N VAL D 164 4.37 -12.42 26.06
CA VAL D 164 4.34 -12.65 27.51
C VAL D 164 5.52 -11.92 28.15
N PRO D 165 5.31 -11.08 29.15
CA PRO D 165 6.44 -10.39 29.80
C PRO D 165 7.25 -11.38 30.62
N THR D 166 8.56 -11.45 30.33
CA THR D 166 9.43 -12.44 30.93
C THR D 166 10.48 -11.85 31.85
N TRP D 167 10.37 -10.56 32.20
CA TRP D 167 11.45 -9.89 32.91
C TRP D 167 11.13 -9.59 34.37
N GLY D 168 9.90 -9.76 34.81
CA GLY D 168 9.61 -9.43 36.19
C GLY D 168 9.10 -10.60 37.00
N VAL D 169 7.84 -10.50 37.44
CA VAL D 169 7.16 -11.55 38.19
C VAL D 169 5.74 -11.66 37.63
N PHE D 170 5.53 -11.25 36.37
CA PHE D 170 4.18 -11.15 35.82
C PHE D 170 3.50 -12.52 35.73
N MET D 171 4.28 -13.58 35.60
CA MET D 171 3.75 -14.94 35.46
C MET D 171 3.55 -15.63 36.81
N ASP D 172 3.97 -14.99 37.89
CA ASP D 172 3.81 -15.54 39.26
C ASP D 172 2.51 -15.11 39.90
N LYS D 173 1.70 -16.07 40.24
CA LYS D 173 0.38 -15.79 40.80
C LYS D 173 0.44 -15.12 42.17
N GLU D 174 1.33 -15.52 43.04
CA GLU D 174 1.31 -14.99 44.40
C GLU D 174 1.76 -13.53 44.42
N ALA D 175 2.54 -13.13 43.47
CA ALA D 175 2.97 -11.74 43.39
C ALA D 175 2.04 -10.88 42.55
N GLN D 176 1.42 -11.45 41.53
CA GLN D 176 0.60 -10.66 40.55
C GLN D 176 -0.87 -10.89 40.81
N GLY D 177 -1.23 -12.03 41.36
CA GLY D 177 -2.66 -12.26 41.57
C GLY D 177 -3.34 -12.78 40.33
N GLY D 178 -3.14 -12.11 39.19
CA GLY D 178 -3.71 -12.54 37.92
C GLY D 178 -2.70 -12.40 36.81
N GLY D 179 -3.17 -12.62 35.59
CA GLY D 179 -2.34 -12.55 34.41
C GLY D 179 -2.68 -11.37 33.52
N PRO D 180 -2.81 -11.61 32.21
CA PRO D 180 -3.01 -10.50 31.27
C PRO D 180 -4.31 -9.74 31.49
N LEU D 181 -5.34 -10.37 32.06
CA LEU D 181 -6.60 -9.67 32.28
C LEU D 181 -6.41 -8.44 33.17
N ILE D 182 -5.60 -8.56 34.22
CA ILE D 182 -5.34 -7.41 35.08
C ILE D 182 -4.00 -6.77 34.77
N ASP D 183 -3.14 -7.42 34.01
CA ASP D 183 -1.88 -6.79 33.62
C ASP D 183 -2.10 -5.76 32.51
N ILE D 184 -2.90 -6.07 31.49
CA ILE D 184 -3.06 -5.12 30.39
C ILE D 184 -4.52 -4.82 30.14
N GLY D 185 -5.39 -5.82 30.34
CA GLY D 185 -6.81 -5.56 30.23
C GLY D 185 -7.25 -4.35 31.03
N THR D 186 -6.56 -4.07 32.13
CA THR D 186 -6.91 -2.91 32.94
C THR D 186 -6.74 -1.60 32.18
N HIS D 187 -5.69 -1.46 31.38
CA HIS D 187 -5.52 -0.24 30.57
C HIS D 187 -6.68 -0.07 29.61
N ALA D 188 -7.00 -1.12 28.83
CA ALA D 188 -8.05 -1.01 27.83
C ALA D 188 -9.42 -0.78 28.47
N LEU D 189 -9.73 -1.54 29.53
CA LEU D 189 -10.99 -1.34 30.22
C LEU D 189 -11.12 0.07 30.78
N ASP D 190 -10.06 0.57 31.41
CA ASP D 190 -10.08 1.92 31.97
C ASP D 190 -10.39 2.94 30.89
N ILE D 191 -9.63 2.92 29.80
CA ILE D 191 -9.91 3.84 28.69
C ILE D 191 -11.38 3.71 28.26
N THR D 192 -11.84 2.47 28.08
CA THR D 192 -13.19 2.24 27.58
C THR D 192 -14.25 2.83 28.51
N LEU D 193 -14.19 2.48 29.80
CA LEU D 193 -15.21 3.06 30.68
C LEU D 193 -15.03 4.55 30.84
N TRP D 194 -13.81 5.08 30.71
CA TRP D 194 -13.59 6.51 30.95
C TRP D 194 -14.19 7.35 29.83
N CYS D 195 -14.06 6.88 28.58
CA CYS D 195 -14.64 7.78 27.59
C CYS D 195 -16.16 7.59 27.52
N MET D 196 -16.74 6.39 27.61
CA MET D 196 -18.18 6.27 27.80
C MET D 196 -18.67 7.04 29.02
N ASN D 197 -17.81 7.25 30.01
CA ASN D 197 -18.16 7.85 31.30
C ASN D 197 -19.34 7.11 31.92
N ASN D 198 -19.26 5.78 31.90
CA ASN D 198 -20.34 4.90 32.33
C ASN D 198 -19.73 3.80 33.16
N TYR D 199 -19.94 3.86 34.48
CA TYR D 199 -19.33 2.91 35.38
C TYR D 199 -20.35 2.00 36.07
N ASP D 200 -21.64 2.15 35.74
CA ASP D 200 -22.72 1.46 36.45
C ASP D 200 -22.90 0.08 35.83
N VAL D 201 -22.23 -0.91 36.41
CA VAL D 201 -22.29 -2.27 35.88
C VAL D 201 -23.62 -2.91 36.26
N ASP D 202 -24.08 -3.82 35.42
CA ASP D 202 -25.21 -4.69 35.76
C ASP D 202 -24.81 -6.15 35.80
N SER D 203 -24.09 -6.64 34.80
CA SER D 203 -23.67 -8.03 34.80
C SER D 203 -22.34 -8.17 34.09
N VAL D 204 -21.53 -9.10 34.58
CA VAL D 204 -20.26 -9.44 33.98
C VAL D 204 -20.27 -10.94 33.69
N THR D 205 -19.96 -11.30 32.45
CA THR D 205 -19.70 -12.68 32.09
C THR D 205 -18.31 -12.75 31.46
N GLY D 206 -17.63 -13.87 31.64
CA GLY D 206 -16.25 -13.93 31.21
C GLY D 206 -15.78 -15.36 31.04
N SER D 207 -14.66 -15.49 30.33
CA SER D 207 -13.98 -16.76 30.27
C SER D 207 -12.49 -16.50 30.30
N VAL D 208 -11.81 -17.41 30.98
CA VAL D 208 -10.38 -17.34 31.27
C VAL D 208 -9.73 -18.60 30.72
N PHE D 209 -8.65 -18.45 29.96
CA PHE D 209 -8.08 -19.56 29.21
C PHE D 209 -6.69 -19.92 29.72
N TYR D 210 -6.47 -21.20 29.94
CA TYR D 210 -5.19 -21.77 30.32
C TYR D 210 -4.78 -22.75 29.24
N LYS D 211 -4.33 -22.23 28.11
CA LYS D 211 -4.06 -23.07 26.94
C LYS D 211 -2.62 -22.95 26.46
N LEU D 212 -2.19 -21.75 26.07
CA LEU D 212 -0.84 -21.58 25.55
C LEU D 212 0.18 -21.38 26.65
N GLY D 213 -0.23 -20.83 27.79
CA GLY D 213 0.73 -20.49 28.83
C GLY D 213 1.51 -21.67 29.34
N GLN D 214 0.87 -22.83 29.47
CA GLN D 214 1.56 -24.03 29.94
C GLN D 214 1.75 -25.04 28.83
N LYS D 215 1.55 -24.62 27.59
CA LYS D 215 1.81 -25.45 26.44
C LYS D 215 3.30 -25.50 26.19
N GLU D 216 3.71 -26.59 25.59
CA GLU D 216 5.13 -26.81 25.44
C GLU D 216 5.74 -25.88 24.39
N ASN D 217 5.02 -25.58 23.32
CA ASN D 217 5.48 -24.76 22.17
C ASN D 217 4.80 -23.42 22.11
N GLY D 218 4.18 -23.01 23.22
CA GLY D 218 3.53 -21.70 23.28
C GLY D 218 4.53 -20.58 23.38
N PRO D 219 5.64 -20.74 24.09
CA PRO D 219 6.69 -19.72 24.12
C PRO D 219 7.24 -19.42 22.71
N GLU D 220 7.09 -20.35 21.79
CA GLU D 220 7.56 -20.15 20.39
C GLU D 220 7.01 -18.84 19.82
N GLY D 221 7.91 -17.91 19.50
CA GLY D 221 7.55 -16.65 18.89
C GLY D 221 7.47 -15.53 19.85
N ASN D 222 7.65 -15.84 21.12
CA ASN D 222 7.43 -14.78 22.12
C ASN D 222 8.32 -13.61 21.81
N LEU D 223 7.67 -12.50 21.75
CA LEU D 223 8.36 -11.25 21.44
C LEU D 223 9.51 -10.97 22.41
N PHE D 224 9.33 -11.30 23.68
CA PHE D 224 10.35 -11.08 24.70
C PHE D 224 11.08 -12.36 25.06
N GLY D 225 11.33 -13.23 24.09
CA GLY D 225 12.08 -14.44 24.34
C GLY D 225 11.26 -15.50 25.04
N PRO D 226 11.84 -16.68 25.23
CA PRO D 226 11.06 -17.81 25.76
C PRO D 226 10.75 -17.64 27.24
N TRP D 227 9.83 -18.50 27.70
CA TRP D 227 9.52 -18.62 29.12
C TRP D 227 9.29 -20.08 29.43
N ASP D 228 9.30 -20.40 30.72
CA ASP D 228 9.15 -21.78 31.17
C ASP D 228 7.67 -22.09 31.35
N PRO D 229 7.16 -23.05 30.58
CA PRO D 229 5.78 -23.38 30.73
C PRO D 229 5.36 -23.96 32.09
N LYS D 230 6.28 -24.33 32.96
CA LYS D 230 5.91 -24.98 34.25
C LYS D 230 5.83 -23.92 35.33
N THR D 231 6.31 -22.75 35.03
CA THR D 231 6.20 -21.64 35.98
C THR D 231 5.08 -20.71 35.56
N PHE D 232 4.41 -21.03 34.46
CA PHE D 232 3.35 -20.13 33.99
C PHE D 232 2.12 -20.36 34.85
N GLU D 233 1.89 -19.49 35.83
CA GLU D 233 0.89 -19.72 36.86
C GLU D 233 -0.41 -18.97 36.63
N VAL D 234 -0.56 -18.28 35.50
CA VAL D 234 -1.77 -17.51 35.27
C VAL D 234 -2.38 -17.86 33.92
N GLU D 235 -3.40 -17.12 33.51
CA GLU D 235 -4.03 -17.33 32.22
C GLU D 235 -3.20 -16.69 31.11
N ASP D 236 -3.37 -17.23 29.91
CA ASP D 236 -2.81 -16.60 28.72
C ASP D 236 -3.78 -15.65 28.06
N SER D 237 -5.07 -15.75 28.36
CA SER D 237 -6.06 -14.81 27.84
C SER D 237 -7.37 -15.02 28.59
N ALA D 238 -8.28 -14.07 28.37
CA ALA D 238 -9.59 -14.07 29.01
C ALA D 238 -10.47 -13.13 28.20
N VAL D 239 -11.75 -13.51 28.03
CA VAL D 239 -12.67 -12.58 27.37
C VAL D 239 -13.85 -12.33 28.30
N GLY D 240 -14.43 -11.14 28.12
CA GLY D 240 -15.45 -10.67 29.03
C GLY D 240 -16.57 -9.96 28.29
N PHE D 241 -17.73 -9.98 28.91
CA PHE D 241 -18.96 -9.46 28.32
C PHE D 241 -19.67 -8.70 29.43
N VAL D 242 -19.49 -7.38 29.44
CA VAL D 242 -19.99 -6.52 30.51
C VAL D 242 -21.23 -5.81 30.00
N LYS D 243 -22.29 -5.91 30.79
CA LYS D 243 -23.56 -5.23 30.46
C LYS D 243 -23.75 -4.16 31.54
N MET D 244 -24.17 -2.97 31.13
CA MET D 244 -24.27 -1.83 32.07
C MET D 244 -25.74 -1.53 32.38
N LYS D 245 -26.00 -0.92 33.52
CA LYS D 245 -27.39 -0.66 33.97
C LYS D 245 -28.10 0.27 32.99
N ASN D 246 -27.36 1.06 32.23
CA ASN D 246 -27.99 1.92 31.23
C ASN D 246 -28.22 1.21 29.90
N GLY D 247 -27.93 -0.10 29.84
CA GLY D 247 -28.12 -0.85 28.61
C GLY D 247 -26.92 -0.92 27.70
N ALA D 248 -25.87 -0.14 27.97
CA ALA D 248 -24.66 -0.28 27.15
C ALA D 248 -23.96 -1.58 27.49
N THR D 249 -23.19 -2.08 26.53
CA THR D 249 -22.49 -3.37 26.62
C THR D 249 -21.05 -3.16 26.20
N ILE D 250 -20.12 -3.72 26.98
CA ILE D 250 -18.69 -3.62 26.72
C ILE D 250 -18.15 -5.02 26.51
N GLY D 251 -17.40 -5.21 25.43
CA GLY D 251 -16.68 -6.44 25.18
C GLY D 251 -15.22 -6.27 25.52
N LEU D 252 -14.62 -7.32 26.06
CA LEU D 252 -13.23 -7.29 26.49
C LEU D 252 -12.50 -8.51 25.99
N GLU D 253 -11.27 -8.29 25.49
CA GLU D 253 -10.35 -9.36 25.12
C GLU D 253 -8.96 -8.96 25.60
N ALA D 254 -8.32 -9.87 26.35
CA ALA D 254 -7.00 -9.60 26.93
C ALA D 254 -6.11 -10.82 26.76
N SER D 255 -4.85 -10.60 26.40
CA SER D 255 -3.97 -11.72 26.12
C SER D 255 -2.51 -11.30 26.20
N TRP D 256 -1.69 -12.19 26.74
CA TRP D 256 -0.26 -12.17 26.46
C TRP D 256 0.10 -13.07 25.31
N ALA D 257 -0.65 -14.16 25.15
CA ALA D 257 -0.37 -15.16 24.12
C ALA D 257 -1.71 -15.73 23.65
N ILE D 258 -2.02 -15.48 22.39
CA ILE D 258 -3.21 -16.03 21.74
C ILE D 258 -2.98 -15.97 20.24
N ASN D 259 -3.48 -16.99 19.53
CA ASN D 259 -3.28 -17.08 18.09
C ASN D 259 -4.31 -16.23 17.35
N MET D 260 -4.20 -14.93 17.58
CA MET D 260 -4.96 -13.91 16.87
C MET D 260 -3.98 -13.01 16.15
N LEU D 261 -4.35 -12.64 14.92
CA LEU D 261 -3.42 -11.90 14.06
C LEU D 261 -3.13 -10.51 14.61
N ASP D 262 -4.14 -9.84 15.16
CA ASP D 262 -4.06 -8.43 15.50
C ASP D 262 -3.62 -8.25 16.95
N SER D 263 -2.42 -7.70 17.14
CA SER D 263 -1.93 -7.35 18.48
C SER D 263 -2.34 -5.91 18.75
N ARG D 264 -3.45 -5.74 19.44
CA ARG D 264 -3.98 -4.42 19.77
C ARG D 264 -4.25 -4.36 21.27
N GLU D 265 -3.61 -3.41 21.94
CA GLU D 265 -3.76 -3.25 23.40
C GLU D 265 -3.85 -1.76 23.73
N ALA D 266 -4.29 -1.47 24.96
CA ALA D 266 -4.51 -0.11 25.41
C ALA D 266 -5.38 0.66 24.44
N SER D 267 -6.27 -0.06 23.77
CA SER D 267 -7.11 0.55 22.75
C SER D 267 -8.57 0.24 23.04
N THR D 268 -9.43 0.93 22.30
CA THR D 268 -10.86 0.89 22.56
C THR D 268 -11.61 1.03 21.24
N THR D 269 -12.85 0.54 21.24
CA THR D 269 -13.78 0.71 20.14
C THR D 269 -15.12 1.12 20.75
N LEU D 270 -15.63 2.28 20.33
CA LEU D 270 -16.85 2.84 20.87
C LEU D 270 -17.83 3.11 19.74
N CYS D 271 -19.05 2.58 19.88
CA CYS D 271 -20.08 2.84 18.88
C CYS D 271 -21.21 3.60 19.56
N GLY D 272 -21.42 4.80 19.01
CA GLY D 272 -22.41 5.72 19.52
C GLY D 272 -23.60 5.95 18.59
N THR D 273 -24.55 6.74 19.10
CA THR D 273 -25.75 7.06 18.32
C THR D 273 -25.44 8.07 17.22
N GLU D 274 -24.43 8.92 17.41
CA GLU D 274 -24.09 9.94 16.43
C GLU D 274 -22.86 9.61 15.60
N ALA D 275 -21.99 8.74 16.11
CA ALA D 275 -20.71 8.45 15.47
C ALA D 275 -20.02 7.37 16.29
N GLY D 276 -19.00 6.78 15.70
CA GLY D 276 -18.17 5.80 16.36
C GLY D 276 -16.71 6.21 16.33
N ALA D 277 -15.87 5.35 16.88
CA ALA D 277 -14.44 5.61 16.96
C ALA D 277 -13.74 4.34 17.40
N GLU D 278 -12.48 4.22 16.98
CA GLU D 278 -11.63 3.18 17.54
C GLU D 278 -10.21 3.71 17.60
N ILE D 279 -9.48 3.29 18.63
CA ILE D 279 -8.08 3.60 18.88
C ILE D 279 -7.26 2.36 18.55
N HIS D 280 -6.11 2.52 17.90
CA HIS D 280 -5.21 1.40 17.60
C HIS D 280 -3.87 1.65 18.29
N SER D 281 -3.39 0.66 19.03
CA SER D 281 -2.07 0.72 19.63
C SER D 281 -1.70 -0.71 20.04
N GLY D 282 -0.41 -0.98 20.05
CA GLY D 282 0.05 -2.30 20.37
C GLY D 282 1.13 -2.75 19.43
N MET D 283 1.56 -4.00 19.61
CA MET D 283 2.74 -4.50 18.90
C MET D 283 2.52 -4.62 17.39
N SER D 284 1.27 -4.49 16.95
CA SER D 284 0.81 -4.48 15.57
C SER D 284 0.86 -3.08 14.95
N TYR D 285 1.14 -2.05 15.75
CA TYR D 285 0.94 -0.67 15.33
C TYR D 285 2.17 0.17 15.64
N PRO D 286 3.05 0.37 14.66
CA PRO D 286 4.25 1.20 14.89
C PRO D 286 3.92 2.61 15.31
N LYS D 287 2.75 3.12 14.93
CA LYS D 287 2.24 4.41 15.36
C LYS D 287 0.81 4.22 15.89
N ASN D 288 0.44 5.03 16.87
CA ASN D 288 -0.90 4.95 17.40
C ASN D 288 -1.89 5.63 16.48
N GLU D 289 -3.13 5.13 16.49
CA GLU D 289 -4.14 5.57 15.55
C GLU D 289 -5.45 5.87 16.28
N LEU D 290 -6.22 6.78 15.69
CA LEU D 290 -7.55 7.09 16.17
C LEU D 290 -8.40 7.43 14.97
N ILE D 291 -9.49 6.70 14.78
CA ILE D 291 -10.36 6.88 13.62
C ILE D 291 -11.78 7.12 14.11
N TYR D 292 -12.31 8.29 13.80
CA TYR D 292 -13.74 8.49 13.94
C TYR D 292 -14.46 7.97 12.71
N ASN D 293 -15.69 7.51 12.90
CA ASN D 293 -16.53 7.08 11.80
C ASN D 293 -17.92 7.67 11.99
N ARG D 294 -18.45 8.27 10.93
CA ARG D 294 -19.76 8.88 10.98
C ARG D 294 -20.27 9.02 9.56
N ALA D 295 -21.59 9.13 9.44
CA ALA D 295 -22.21 9.60 8.22
C ALA D 295 -22.19 11.13 8.23
N ARG D 296 -21.69 11.73 7.17
CA ARG D 296 -21.68 13.18 7.03
C ARG D 296 -22.31 13.55 5.70
N ASN D 297 -23.32 14.41 5.75
CA ASN D 297 -24.04 14.86 4.54
C ASN D 297 -24.42 13.68 3.67
N ASN D 298 -24.87 12.60 4.31
CA ASN D 298 -25.40 11.39 3.68
C ASN D 298 -24.33 10.44 3.14
N GLN D 299 -23.07 10.60 3.52
CA GLN D 299 -22.02 9.68 3.09
C GLN D 299 -21.23 9.18 4.30
N LEU D 300 -20.84 7.91 4.24
CA LEU D 300 -20.04 7.31 5.30
C LEU D 300 -18.60 7.77 5.17
N MET D 301 -18.10 8.46 6.20
CA MET D 301 -16.76 9.01 6.22
C MET D 301 -15.99 8.44 7.40
N GLU D 302 -14.68 8.66 7.40
CA GLU D 302 -13.83 8.22 8.49
C GLU D 302 -12.72 9.23 8.72
N GLU D 303 -12.56 9.67 9.97
CA GLU D 303 -11.67 10.78 10.30
C GLU D 303 -10.47 10.22 11.08
N THR D 304 -9.28 10.37 10.50
CA THR D 304 -8.09 9.76 11.07
C THR D 304 -7.02 10.83 11.32
N LEU D 305 -6.01 10.45 12.09
CA LEU D 305 -4.95 11.40 12.45
C LEU D 305 -4.02 11.63 11.27
N SER D 306 -3.80 12.90 10.93
CA SER D 306 -2.65 13.14 10.07
C SER D 306 -1.38 13.34 10.87
N GLU D 320 6.24 12.33 25.90
CA GLU D 320 4.90 11.80 25.70
C GLU D 320 4.16 11.59 27.02
N GLU D 321 3.17 10.69 26.99
CA GLU D 321 2.17 10.63 28.05
C GLU D 321 2.76 10.29 29.42
N GLY D 322 3.70 9.35 29.49
CA GLY D 322 4.24 8.97 30.79
C GLY D 322 4.69 10.16 31.61
N THR D 323 5.23 11.19 30.95
CA THR D 323 5.64 12.40 31.66
C THR D 323 4.43 13.26 32.01
N VAL D 324 3.50 13.44 31.06
CA VAL D 324 2.30 14.23 31.33
C VAL D 324 1.57 13.69 32.55
N ASP D 325 1.41 12.36 32.64
CA ASP D 325 0.77 11.79 33.82
C ASP D 325 1.48 12.23 35.09
N ASN D 326 2.80 12.02 35.17
CA ASN D 326 3.52 12.34 36.40
C ASN D 326 3.38 13.81 36.76
N ARG D 327 3.29 14.68 35.75
CA ARG D 327 3.21 16.10 36.03
C ARG D 327 1.89 16.48 36.68
N GLN D 328 0.78 16.23 35.99
CA GLN D 328 -0.53 16.57 36.56
C GLN D 328 -0.70 15.99 37.96
N TRP D 329 -0.14 14.79 38.20
CA TRP D 329 -0.19 14.21 39.53
C TRP D 329 0.56 15.07 40.54
N LEU D 330 1.78 15.47 40.19
CA LEU D 330 2.55 16.33 41.08
C LEU D 330 1.87 17.69 41.26
N GLU D 331 1.38 18.28 40.16
CA GLU D 331 0.71 19.57 40.25
C GLU D 331 -0.59 19.48 41.04
N ALA D 332 -1.31 18.36 40.93
CA ALA D 332 -2.53 18.18 41.71
C ALA D 332 -2.26 18.16 43.20
N ILE D 333 -1.15 17.53 43.62
CA ILE D 333 -0.77 17.58 45.03
C ILE D 333 -0.64 19.03 45.48
N GLN D 334 -0.03 19.87 44.65
CA GLN D 334 0.32 21.22 45.09
C GLN D 334 -0.91 22.11 45.20
N ASN D 335 -1.64 22.29 44.10
CA ASN D 335 -2.80 23.18 44.16
C ASN D 335 -4.00 22.55 44.85
N GLY D 336 -3.82 21.41 45.53
CA GLY D 336 -4.93 20.77 46.22
C GLY D 336 -6.10 20.40 45.34
N THR D 337 -5.86 20.10 44.07
CA THR D 337 -6.88 19.71 43.11
C THR D 337 -6.84 18.19 42.89
N GLU D 338 -7.83 17.69 42.15
CA GLU D 338 -8.01 16.26 41.85
C GLU D 338 -7.04 15.82 40.76
N PRO D 339 -6.37 14.68 40.94
CA PRO D 339 -5.68 14.04 39.82
C PRO D 339 -6.68 13.51 38.80
N LEU D 340 -6.21 13.31 37.57
CA LEU D 340 -7.13 12.92 36.50
C LEU D 340 -7.73 11.53 36.75
N VAL D 341 -6.93 10.59 37.22
CA VAL D 341 -7.40 9.23 37.48
C VAL D 341 -7.95 9.17 38.91
N LYS D 342 -9.25 8.98 39.04
CA LYS D 342 -9.89 8.92 40.34
C LYS D 342 -9.83 7.50 40.89
N PRO D 343 -9.64 7.34 42.20
CA PRO D 343 -9.60 5.98 42.77
C PRO D 343 -10.88 5.19 42.55
N GLU D 344 -12.02 5.87 42.51
CA GLU D 344 -13.29 5.18 42.29
C GLU D 344 -13.36 4.56 40.90
N GLU D 345 -12.80 5.24 39.89
CA GLU D 345 -12.79 4.67 38.55
C GLU D 345 -11.87 3.46 38.47
N ALA D 346 -10.67 3.57 39.08
CA ALA D 346 -9.77 2.43 39.09
C ALA D 346 -10.38 1.25 39.81
N LEU D 347 -11.08 1.50 40.93
CA LEU D 347 -11.75 0.41 41.64
C LEU D 347 -12.81 -0.25 40.76
N ALA D 348 -13.64 0.56 40.10
CA ALA D 348 -14.59 0.01 39.14
C ALA D 348 -13.90 -0.93 38.17
N VAL D 349 -12.71 -0.63 37.70
CA VAL D 349 -12.00 -1.49 36.72
C VAL D 349 -11.63 -2.79 37.42
N THR D 350 -11.23 -2.69 38.65
CA THR D 350 -10.77 -3.87 39.39
C THR D 350 -11.95 -4.81 39.61
N LYS D 351 -13.09 -4.24 39.88
CA LYS D 351 -14.27 -5.05 40.14
C LYS D 351 -14.76 -5.83 38.92
N ILE D 352 -14.70 -5.25 37.73
CA ILE D 352 -15.17 -5.93 36.52
C ILE D 352 -14.20 -7.05 36.20
N LEU D 353 -12.96 -6.74 36.30
CA LEU D 353 -11.93 -7.71 35.94
C LEU D 353 -12.01 -8.85 36.94
N ASP D 354 -12.21 -8.61 38.22
CA ASP D 354 -12.37 -9.73 39.18
C ASP D 354 -13.62 -10.52 38.87
N ALA D 355 -14.64 -9.84 38.42
CA ALA D 355 -15.85 -10.51 38.04
C ALA D 355 -15.72 -11.35 36.78
N ILE D 356 -14.75 -11.07 35.93
CA ILE D 356 -14.53 -11.92 34.73
C ILE D 356 -13.94 -13.20 35.22
N TYR D 357 -13.05 -13.09 36.19
CA TYR D 357 -12.43 -14.28 36.82
C TYR D 357 -13.49 -15.04 37.61
N LYS D 358 -14.38 -14.31 38.30
CA LYS D 358 -15.42 -14.95 39.13
C LYS D 358 -16.28 -15.85 38.23
N SER D 359 -16.35 -15.55 36.95
CA SER D 359 -17.04 -16.50 36.07
C SER D 359 -16.18 -17.77 35.99
N ALA D 360 -15.65 -18.22 37.13
CA ALA D 360 -15.02 -19.55 37.29
C ALA D 360 -16.15 -20.28 37.99
N LYS D 361 -17.22 -19.53 38.23
CA LYS D 361 -18.44 -20.07 38.82
C LYS D 361 -19.31 -20.54 37.64
N THR D 362 -18.78 -20.51 36.42
CA THR D 362 -19.56 -20.84 35.21
C THR D 362 -20.92 -20.13 35.34
N ASN D 363 -20.87 -18.88 35.79
CA ASN D 363 -22.12 -18.10 35.95
C ASN D 363 -21.88 -16.60 35.78
N THR D 364 -22.90 -15.90 35.30
CA THR D 364 -22.85 -14.45 35.11
C THR D 364 -22.89 -13.82 36.47
N ILE D 365 -21.99 -12.91 36.69
CA ILE D 365 -21.89 -12.22 37.98
C ILE D 365 -22.70 -10.95 37.89
N LYS D 366 -23.70 -10.86 38.73
CA LYS D 366 -24.56 -9.68 38.75
C LYS D 366 -24.11 -8.71 39.84
N PHE D 367 -24.25 -7.43 39.56
CA PHE D 367 -23.76 -6.40 40.45
C PHE D 367 -24.88 -5.76 41.26
N GLY E 1 34.52 -24.91 36.82
CA GLY E 1 34.06 -23.88 35.88
C GLY E 1 34.60 -24.14 34.48
N MET E 2 33.89 -23.68 33.46
CA MET E 2 34.36 -23.86 32.06
C MET E 2 35.37 -22.77 31.71
N SER E 3 36.63 -23.17 31.49
CA SER E 3 37.71 -22.18 31.25
C SER E 3 37.45 -21.44 29.93
N LYS E 4 37.56 -20.11 29.98
CA LYS E 4 37.36 -19.27 28.77
C LYS E 4 38.46 -19.54 27.75
N LEU E 5 38.08 -19.81 26.50
CA LEU E 5 39.06 -20.03 25.44
C LEU E 5 39.89 -18.77 25.22
N LYS E 6 41.17 -19.00 24.91
CA LYS E 6 42.04 -17.87 24.62
C LYS E 6 42.31 -17.84 23.12
N ILE E 7 41.96 -16.70 22.54
CA ILE E 7 41.86 -16.54 21.10
C ILE E 7 43.04 -15.72 20.59
N GLY E 8 43.40 -15.95 19.33
CA GLY E 8 44.38 -15.13 18.64
C GLY E 8 43.83 -14.62 17.32
N ILE E 9 43.74 -13.30 17.16
CA ILE E 9 43.18 -12.70 15.96
C ILE E 9 44.32 -12.37 15.01
N ILE E 10 44.32 -13.02 13.85
CA ILE E 10 45.26 -12.72 12.78
C ILE E 10 44.50 -11.88 11.74
N GLY E 11 44.89 -10.62 11.62
CA GLY E 11 44.17 -9.68 10.78
C GLY E 11 43.25 -8.81 11.62
N CYS E 12 43.63 -7.56 11.79
CA CYS E 12 42.85 -6.68 12.69
C CYS E 12 42.26 -5.52 11.88
N GLY E 13 41.59 -5.86 10.79
CA GLY E 13 40.92 -4.88 9.94
C GLY E 13 39.44 -4.74 10.16
N GLY E 14 38.70 -4.62 9.10
CA GLY E 14 37.28 -4.31 9.22
C GLY E 14 36.41 -5.41 9.70
N ILE E 15 36.62 -6.62 9.24
CA ILE E 15 35.80 -7.77 9.63
C ILE E 15 36.04 -8.05 11.11
N ALA E 16 37.24 -7.81 11.53
CA ALA E 16 37.60 -8.02 12.91
C ALA E 16 36.97 -6.97 13.78
N ASN E 17 36.91 -5.76 13.30
CA ASN E 17 36.35 -4.66 14.06
C ASN E 17 34.84 -4.63 13.88
N GLN E 18 34.33 -4.97 12.71
CA GLN E 18 32.88 -4.91 12.59
C GLN E 18 32.19 -6.12 13.19
N LYS E 19 32.81 -7.30 13.11
CA LYS E 19 32.17 -8.55 13.47
C LYS E 19 32.86 -9.29 14.59
N HIS E 20 34.18 -9.50 14.48
CA HIS E 20 34.84 -10.44 15.36
C HIS E 20 35.07 -9.89 16.75
N PHE E 21 35.64 -8.69 16.87
CA PHE E 21 35.84 -8.10 18.20
C PHE E 21 34.52 -7.86 18.92
N PRO E 22 33.50 -7.23 18.31
CA PRO E 22 32.26 -7.02 19.08
C PRO E 22 31.57 -8.31 19.47
N ALA E 23 31.71 -9.37 18.66
CA ALA E 23 31.11 -10.65 19.04
C ALA E 23 31.84 -11.26 20.23
N LEU E 24 33.17 -11.23 20.22
CA LEU E 24 33.92 -11.80 21.34
C LEU E 24 33.68 -11.01 22.63
N LYS E 25 33.45 -9.70 22.53
CA LYS E 25 33.08 -8.95 23.73
C LYS E 25 31.65 -9.27 24.16
N ASN E 26 30.76 -9.60 23.21
CA ASN E 26 29.42 -10.03 23.58
C ASN E 26 29.40 -11.44 24.13
N ASN E 27 30.42 -12.24 23.85
CA ASN E 27 30.55 -13.58 24.39
C ASN E 27 31.76 -13.68 25.32
N ALA E 28 32.08 -12.57 25.99
CA ALA E 28 33.29 -12.48 26.82
C ALA E 28 33.31 -13.52 27.93
N ASP E 29 32.15 -14.06 28.32
CA ASP E 29 32.13 -15.13 29.31
C ASP E 29 32.81 -16.40 28.82
N LEU E 30 33.06 -16.54 27.52
CA LEU E 30 33.64 -17.74 26.96
C LEU E 30 35.04 -17.55 26.41
N ASN E 31 35.54 -16.32 26.35
CA ASN E 31 36.78 -16.09 25.63
C ASN E 31 37.49 -14.86 26.18
N GLU E 32 38.80 -14.82 25.90
CA GLU E 32 39.63 -13.63 26.05
C GLU E 32 40.69 -13.69 24.98
N ILE E 33 41.04 -12.55 24.41
CA ILE E 33 41.96 -12.50 23.27
C ILE E 33 43.37 -12.23 23.79
N VAL E 34 44.32 -13.04 23.34
CA VAL E 34 45.68 -13.01 23.87
C VAL E 34 46.72 -12.78 22.76
N PHE E 36 46.73 -10.88 19.21
CA PHE E 36 46.48 -9.89 18.16
C PHE E 36 47.64 -9.75 17.17
N CYS E 37 47.34 -9.90 15.88
CA CYS E 37 48.40 -9.65 14.91
C CYS E 37 47.77 -9.06 13.64
N ASP E 38 48.44 -8.03 13.12
CA ASP E 38 48.19 -7.38 11.82
C ASP E 38 49.55 -6.94 11.24
N ILE E 39 49.72 -6.99 9.93
CA ILE E 39 50.99 -6.62 9.27
C ILE E 39 51.12 -5.14 9.51
N GLN E 40 50.01 -4.46 9.66
CA GLN E 40 50.04 -3.04 10.06
C GLN E 40 49.96 -3.08 11.57
N ILE E 41 51.09 -2.90 12.19
CA ILE E 41 51.18 -3.14 13.63
C ILE E 41 50.27 -2.20 14.41
N ASP E 42 50.02 -1.00 13.89
CA ASP E 42 49.19 -0.09 14.68
C ASP E 42 47.74 -0.56 14.75
N ARG E 43 47.30 -1.41 13.83
CA ARG E 43 45.95 -1.93 13.95
C ARG E 43 45.87 -3.04 14.99
N ALA E 44 46.95 -3.82 15.15
CA ALA E 44 47.00 -4.83 16.20
C ALA E 44 47.11 -4.19 17.58
N GLU E 45 47.93 -3.15 17.72
CA GLU E 45 48.02 -2.46 19.00
C GLU E 45 46.72 -1.75 19.35
N LYS E 46 46.08 -1.14 18.36
CA LYS E 46 44.80 -0.48 18.60
C LYS E 46 43.74 -1.47 19.04
N ALA E 47 43.73 -2.67 18.46
CA ALA E 47 42.78 -3.68 18.87
C ALA E 47 43.09 -4.21 20.26
N ALA E 48 44.36 -4.55 20.52
CA ALA E 48 44.73 -5.08 21.82
C ALA E 48 44.45 -4.10 22.94
N ALA E 49 44.51 -2.80 22.67
CA ALA E 49 44.18 -1.82 23.70
C ALA E 49 42.69 -1.79 23.98
N GLU E 50 41.86 -2.07 22.97
CA GLU E 50 40.41 -1.95 23.11
C GLU E 50 39.71 -3.30 23.28
N PHE E 51 40.39 -4.37 22.99
CA PHE E 51 39.75 -5.71 23.12
C PHE E 51 40.64 -6.78 23.72
N GLY E 52 41.83 -6.45 24.05
CA GLY E 52 42.74 -7.43 24.55
C GLY E 52 42.71 -7.69 26.02
N ALA E 53 43.41 -8.74 26.42
CA ALA E 53 43.53 -9.09 27.86
C ALA E 53 44.71 -8.30 28.41
N GLU E 54 45.05 -8.48 29.68
CA GLU E 54 46.09 -7.59 30.26
C GLU E 54 47.36 -7.69 29.42
N GLY E 55 47.91 -8.89 29.26
CA GLY E 55 49.20 -8.96 28.56
C GLY E 55 49.06 -9.56 27.18
N ALA E 56 48.21 -8.97 26.35
CA ALA E 56 47.93 -9.59 25.05
C ALA E 56 49.12 -9.41 24.11
N GLN E 57 49.42 -10.46 23.37
CA GLN E 57 50.52 -10.39 22.40
C GLN E 57 50.10 -9.53 21.22
N VAL E 58 50.91 -8.53 20.89
CA VAL E 58 50.67 -7.73 19.66
C VAL E 58 51.90 -7.93 18.78
N THR E 59 51.74 -8.63 17.66
CA THR E 59 52.85 -8.86 16.75
C THR E 59 52.41 -8.54 15.34
N ALA E 60 53.41 -8.39 14.46
CA ALA E 60 53.14 -8.19 13.05
C ALA E 60 53.37 -9.44 12.24
N ASP E 61 54.14 -10.38 12.75
CA ASP E 61 54.34 -11.68 12.12
C ASP E 61 53.32 -12.67 12.70
N TYR E 62 52.60 -13.36 11.82
CA TYR E 62 51.59 -14.29 12.28
C TYR E 62 52.21 -15.60 12.77
N LYS E 63 53.38 -15.98 12.26
CA LYS E 63 54.07 -17.17 12.75
C LYS E 63 54.58 -17.00 14.17
N GLU E 64 54.66 -15.76 14.66
CA GLU E 64 54.98 -15.48 16.06
C GLU E 64 53.77 -15.71 16.96
N LEU E 65 52.57 -15.34 16.48
CA LEU E 65 51.36 -15.58 17.24
C LEU E 65 50.99 -17.06 17.27
N LEU E 66 51.33 -17.80 16.21
CA LEU E 66 51.05 -19.23 16.23
C LEU E 66 52.00 -19.95 17.16
N ALA E 67 53.25 -19.48 17.25
CA ALA E 67 54.20 -20.06 18.19
C ALA E 67 53.84 -19.78 19.64
N ASN E 68 52.93 -18.84 19.90
CA ASN E 68 52.46 -18.60 21.26
C ASN E 68 51.70 -19.82 21.76
N PRO E 69 52.18 -20.50 22.81
CA PRO E 69 51.43 -21.67 23.33
C PRO E 69 50.14 -21.30 24.03
N GLU E 70 49.91 -20.01 24.32
CA GLU E 70 48.71 -19.58 25.02
C GLU E 70 47.50 -19.39 24.11
N VAL E 71 47.68 -19.37 22.78
CA VAL E 71 46.54 -19.24 21.88
C VAL E 71 46.05 -20.63 21.50
N GLU E 72 44.74 -20.83 21.59
CA GLU E 72 44.10 -22.09 21.27
C GLU E 72 43.16 -22.01 20.08
N VAL E 73 42.48 -20.89 19.90
CA VAL E 73 41.56 -20.63 18.79
C VAL E 73 42.11 -19.46 17.99
N VAL E 74 42.31 -19.63 16.69
CA VAL E 74 42.84 -18.60 15.82
C VAL E 74 41.74 -18.18 14.85
N HIS E 75 41.35 -16.91 14.91
CA HIS E 75 40.42 -16.32 13.95
C HIS E 75 41.24 -15.67 12.84
N VAL E 76 41.05 -16.12 11.61
CA VAL E 76 41.83 -15.65 10.47
C VAL E 76 41.00 -14.62 9.73
N CYS E 77 41.34 -13.35 9.87
CA CYS E 77 40.58 -12.23 9.33
C CYS E 77 41.38 -11.45 8.29
N THR E 78 42.20 -12.15 7.59
CA THR E 78 43.08 -11.56 6.59
C THR E 78 42.39 -11.58 5.24
N PRO E 79 42.96 -10.99 4.20
CA PRO E 79 42.40 -11.15 2.90
C PRO E 79 42.47 -12.61 2.42
N ASN E 80 41.75 -12.92 1.39
CA ASN E 80 41.60 -14.32 0.94
C ASN E 80 42.88 -14.93 0.39
N VAL E 81 43.75 -14.16 -0.19
CA VAL E 81 45.01 -14.63 -0.79
C VAL E 81 45.80 -15.36 0.28
N SER E 82 45.67 -14.95 1.53
CA SER E 82 46.43 -15.43 2.68
C SER E 82 45.72 -16.49 3.50
N HIS E 83 44.45 -16.68 3.36
CA HIS E 83 43.70 -17.62 4.19
C HIS E 83 44.36 -18.98 4.37
N SER E 84 44.64 -19.66 3.27
CA SER E 84 45.25 -21.00 3.30
C SER E 84 46.45 -21.03 4.21
N GLU E 85 47.49 -20.32 3.85
CA GLU E 85 48.74 -20.34 4.60
C GLU E 85 48.55 -20.03 6.08
N ILE E 86 47.84 -19.02 6.42
CA ILE E 86 47.77 -18.68 7.83
C ILE E 86 46.97 -19.74 8.51
N THR E 87 46.22 -20.49 7.75
CA THR E 87 45.29 -21.44 8.36
C THR E 87 45.89 -22.80 8.16
N ILE E 88 46.41 -23.06 6.97
CA ILE E 88 46.97 -24.37 6.61
C ILE E 88 48.08 -24.60 7.61
N ALA E 89 48.52 -25.84 7.76
CA ALA E 89 49.47 -26.12 8.85
C ALA E 89 49.45 -24.85 9.68
N ALA E 90 50.36 -23.90 9.39
CA ALA E 90 50.42 -22.72 10.23
C ALA E 90 49.03 -22.57 10.83
N PHE E 91 48.87 -22.99 12.08
CA PHE E 91 47.56 -22.95 12.79
C PHE E 91 47.11 -24.40 13.02
N GLU E 92 46.56 -25.05 12.01
CA GLU E 92 46.16 -26.47 12.16
C GLU E 92 47.45 -27.22 12.48
N ALA E 93 48.53 -26.48 12.62
CA ALA E 93 49.79 -27.07 13.10
C ALA E 93 49.86 -26.61 14.55
N GLY E 94 48.76 -26.81 15.29
CA GLY E 94 48.68 -26.48 16.73
C GLY E 94 47.29 -26.08 17.22
N LYS E 95 46.51 -25.31 16.46
CA LYS E 95 45.27 -24.70 17.01
C LYS E 95 43.98 -24.90 16.21
N HIS E 96 42.87 -24.47 16.81
CA HIS E 96 41.56 -24.51 16.11
C HIS E 96 41.44 -23.24 15.28
N VAL E 97 40.76 -23.31 14.15
CA VAL E 97 40.71 -22.15 13.23
C VAL E 97 39.33 -21.73 12.76
N TYR E 98 39.04 -20.46 12.90
CA TYR E 98 37.87 -19.85 12.28
C TYR E 98 38.42 -18.96 11.18
N CYS E 99 38.40 -19.45 9.97
CA CYS E 99 38.79 -18.64 8.81
C CYS E 99 37.55 -17.99 8.26
N GLU E 100 37.73 -16.77 7.92
CA GLU E 100 36.64 -15.97 7.38
C GLU E 100 36.25 -16.37 5.98
N LYS E 101 35.03 -15.95 5.66
CA LYS E 101 34.27 -16.29 4.43
C LYS E 101 35.01 -17.05 3.35
N PRO E 102 35.35 -16.47 2.19
CA PRO E 102 35.83 -17.30 1.13
C PRO E 102 36.89 -18.16 1.83
N MET E 103 36.70 -19.47 1.86
CA MET E 103 37.78 -20.34 2.39
C MET E 103 39.01 -19.92 1.60
N SER E 104 38.89 -19.90 0.29
CA SER E 104 39.95 -19.32 -0.53
C SER E 104 39.33 -18.95 -1.86
N HIS E 105 40.10 -18.26 -2.63
CA HIS E 105 39.66 -17.88 -3.95
C HIS E 105 39.95 -19.06 -4.80
N SER E 106 40.69 -19.96 -4.21
CA SER E 106 41.18 -21.02 -5.07
C SER E 106 40.80 -22.38 -4.49
N THR E 107 40.36 -23.26 -5.38
CA THR E 107 39.94 -24.61 -5.00
C THR E 107 41.06 -25.39 -4.32
N GLU E 108 42.22 -25.45 -5.00
CA GLU E 108 43.26 -26.31 -4.43
C GLU E 108 43.87 -25.71 -3.18
N GLU E 109 43.88 -24.38 -3.01
CA GLU E 109 44.21 -23.82 -1.70
C GLU E 109 43.20 -24.27 -0.65
N ALA E 110 41.91 -24.20 -0.96
CA ALA E 110 40.88 -24.58 0.00
C ALA E 110 40.86 -26.08 0.27
N GLU E 111 41.25 -26.89 -0.73
CA GLU E 111 41.35 -28.33 -0.49
C GLU E 111 42.50 -28.64 0.46
N LYS E 112 43.64 -27.97 0.31
CA LYS E 112 44.70 -28.21 1.29
C LYS E 112 44.29 -27.75 2.68
N MET E 113 43.37 -26.78 2.79
CA MET E 113 42.95 -26.32 4.11
C MET E 113 42.16 -27.38 4.84
N VAL E 114 41.19 -28.03 4.17
CA VAL E 114 40.46 -29.10 4.83
C VAL E 114 41.38 -30.28 5.11
N GLU E 115 42.29 -30.59 4.18
CA GLU E 115 43.15 -31.74 4.41
C GLU E 115 44.14 -31.46 5.54
N ALA E 116 44.62 -30.23 5.67
CA ALA E 116 45.40 -29.86 6.84
C ALA E 116 44.54 -29.82 8.10
N TRP E 117 43.25 -29.61 8.01
CA TRP E 117 42.40 -29.67 9.21
C TRP E 117 42.25 -31.10 9.71
N LYS E 118 42.05 -32.05 8.82
CA LYS E 118 41.73 -33.43 9.20
C LYS E 118 42.91 -34.15 9.87
N LYS E 119 44.13 -33.67 9.66
CA LYS E 119 45.33 -34.28 10.26
C LYS E 119 45.69 -33.50 11.52
N SER E 120 44.86 -32.55 11.91
CA SER E 120 45.16 -31.68 13.08
C SER E 120 44.37 -32.13 14.30
N GLY E 121 43.20 -32.70 14.06
CA GLY E 121 42.33 -33.04 15.19
C GLY E 121 41.73 -31.79 15.78
N LYS E 122 41.81 -30.68 15.07
CA LYS E 122 41.32 -29.43 15.66
C LYS E 122 40.02 -29.02 14.99
N GLN E 123 39.37 -28.04 15.57
CA GLN E 123 38.07 -27.55 15.05
C GLN E 123 38.25 -26.48 13.97
N PHE E 124 37.51 -26.63 12.90
CA PHE E 124 37.52 -25.69 11.78
C PHE E 124 36.11 -25.27 11.42
N THR E 125 35.93 -23.99 11.31
CA THR E 125 34.70 -23.45 10.76
C THR E 125 35.01 -22.21 9.93
N ILE E 126 34.09 -21.88 9.05
CA ILE E 126 34.21 -20.76 8.12
C ILE E 126 33.12 -19.75 8.44
N GLY E 127 33.45 -18.47 8.28
CA GLY E 127 32.58 -17.40 8.72
C GLY E 127 31.39 -17.06 7.83
N TYR E 128 30.54 -18.04 7.55
CA TYR E 128 29.29 -17.79 6.82
C TYR E 128 28.16 -17.44 7.78
N GLN E 129 28.32 -16.30 8.46
CA GLN E 129 27.41 -15.95 9.55
C GLN E 129 25.98 -15.71 9.09
N ASN E 130 25.74 -15.59 7.78
CA ASN E 130 24.39 -15.37 7.30
C ASN E 130 23.47 -16.55 7.63
N ARG E 131 24.04 -17.74 7.88
CA ARG E 131 23.20 -18.90 8.18
C ARG E 131 22.40 -18.72 9.45
N PHE E 132 22.83 -17.83 10.34
CA PHE E 132 22.24 -17.68 11.65
C PHE E 132 21.18 -16.58 11.71
N ARG E 133 21.00 -15.85 10.61
CA ARG E 133 19.83 -14.97 10.52
C ARG E 133 18.57 -15.77 10.78
N GLU E 134 17.68 -15.22 11.61
CA GLU E 134 16.56 -16.00 12.13
C GLU E 134 15.77 -16.63 11.00
N GLU E 135 15.44 -15.84 9.97
CA GLU E 135 14.61 -16.36 8.89
C GLU E 135 15.35 -17.34 8.00
N VAL E 136 16.68 -17.36 8.02
CA VAL E 136 17.40 -18.40 7.30
C VAL E 136 17.39 -19.69 8.09
N MET E 137 17.58 -19.61 9.41
CA MET E 137 17.39 -20.75 10.28
C MET E 137 16.01 -21.35 10.06
N ASN E 138 14.96 -20.53 10.19
CA ASN E 138 13.59 -20.91 9.87
C ASN E 138 13.51 -21.77 8.61
N LEU E 139 13.95 -21.22 7.48
CA LEU E 139 13.88 -21.95 6.21
C LEU E 139 14.69 -23.24 6.29
N LYS E 140 15.89 -23.17 6.86
CA LYS E 140 16.72 -24.37 6.99
C LYS E 140 16.00 -25.46 7.75
N LYS E 141 15.26 -25.08 8.80
CA LYS E 141 14.52 -26.07 9.58
C LYS E 141 13.42 -26.72 8.74
N SER E 142 12.64 -25.92 8.01
CA SER E 142 11.56 -26.46 7.20
C SER E 142 12.08 -27.44 6.15
N CYS E 143 13.18 -27.08 5.47
CA CYS E 143 13.64 -28.02 4.46
C CYS E 143 14.21 -29.27 5.10
N ASP E 144 14.92 -29.19 6.23
CA ASP E 144 15.36 -30.38 6.93
C ASP E 144 14.18 -31.25 7.33
N LYS E 145 13.09 -30.63 7.79
CA LYS E 145 11.87 -31.36 8.10
C LYS E 145 11.11 -31.80 6.86
N GLY E 146 11.65 -31.56 5.67
CA GLY E 146 11.03 -32.01 4.44
C GLY E 146 9.78 -31.27 4.04
N GLU E 147 9.47 -30.16 4.68
CA GLU E 147 8.22 -29.46 4.43
C GLU E 147 8.21 -28.70 3.10
N LEU E 148 9.28 -28.80 2.32
CA LEU E 148 9.25 -28.39 0.93
C LEU E 148 9.31 -29.56 -0.03
N GLY E 149 9.62 -30.76 0.46
CA GLY E 149 9.87 -31.90 -0.40
C GLY E 149 11.30 -31.88 -0.92
N GLU E 150 11.49 -32.55 -2.05
CA GLU E 150 12.78 -32.41 -2.71
C GLU E 150 12.81 -31.07 -3.45
N ILE E 151 13.79 -30.25 -3.07
CA ILE E 151 14.04 -29.01 -3.78
C ILE E 151 14.78 -29.36 -5.07
N TYR E 152 14.16 -29.08 -6.21
CA TYR E 152 14.76 -29.40 -7.51
C TYR E 152 15.22 -28.18 -8.28
N TYR E 153 14.83 -26.98 -7.85
CA TYR E 153 15.31 -25.76 -8.48
C TYR E 153 15.50 -24.71 -7.40
N GLY E 154 16.71 -24.13 -7.34
CA GLY E 154 17.02 -23.11 -6.38
C GLY E 154 17.72 -21.94 -7.05
N LYS E 155 17.66 -20.79 -6.38
CA LYS E 155 18.25 -19.58 -6.92
C LYS E 155 19.06 -18.89 -5.83
N ALA E 156 20.33 -18.62 -6.11
CA ALA E 156 21.17 -17.84 -5.22
C ALA E 156 21.17 -16.39 -5.69
N HIS E 157 20.68 -15.49 -4.84
CA HIS E 157 20.57 -14.07 -5.18
C HIS E 157 21.68 -13.30 -4.46
N ALA E 158 22.54 -12.64 -5.23
CA ALA E 158 23.61 -11.82 -4.68
C ALA E 158 23.77 -10.56 -5.53
N VAL E 159 22.67 -9.88 -5.82
CA VAL E 159 22.64 -8.77 -6.76
C VAL E 159 22.54 -7.45 -6.01
N ARG E 160 23.40 -6.51 -6.38
CA ARG E 160 23.25 -5.10 -6.01
C ARG E 160 23.11 -4.30 -7.28
N ARG E 161 22.08 -3.46 -7.35
CA ARG E 161 21.89 -2.61 -8.53
C ARG E 161 23.11 -1.72 -8.76
N ARG E 162 23.49 -0.91 -7.76
CA ARG E 162 24.75 -0.16 -7.82
C ARG E 162 25.19 0.08 -6.36
N ALA E 163 26.01 -0.83 -5.85
CA ALA E 163 26.60 -0.69 -4.53
C ALA E 163 27.97 -1.37 -4.54
N VAL E 164 28.88 -0.83 -5.34
CA VAL E 164 30.26 -1.32 -5.37
C VAL E 164 30.95 -0.84 -4.10
N PRO E 165 31.47 -1.73 -3.26
CA PRO E 165 32.12 -1.29 -2.01
C PRO E 165 33.38 -0.50 -2.31
N THR E 166 33.34 0.79 -1.99
CA THR E 166 34.40 1.72 -2.33
C THR E 166 35.48 1.84 -1.27
N TRP E 167 35.47 0.97 -0.27
CA TRP E 167 36.45 1.00 0.80
C TRP E 167 37.07 -0.39 0.95
N GLY E 168 38.08 -0.46 1.81
CA GLY E 168 38.61 -1.73 2.23
C GLY E 168 39.23 -2.55 1.12
N VAL E 169 39.19 -3.86 1.31
CA VAL E 169 39.92 -4.82 0.49
C VAL E 169 39.14 -5.27 -0.74
N PHE E 170 37.87 -4.90 -0.86
CA PHE E 170 36.94 -5.67 -1.68
C PHE E 170 37.26 -5.54 -3.17
N MET E 171 37.70 -4.38 -3.61
CA MET E 171 37.99 -4.13 -5.02
C MET E 171 39.39 -4.58 -5.43
N ASP E 172 40.18 -5.07 -4.48
CA ASP E 172 41.58 -5.43 -4.72
C ASP E 172 41.64 -6.89 -5.15
N LYS E 173 41.75 -7.13 -6.47
CA LYS E 173 41.64 -8.48 -6.99
C LYS E 173 42.80 -9.38 -6.55
N GLU E 174 43.92 -8.80 -6.16
CA GLU E 174 45.01 -9.70 -5.76
C GLU E 174 44.87 -10.15 -4.31
N ALA E 175 44.20 -9.38 -3.44
CA ALA E 175 43.87 -9.86 -2.11
C ALA E 175 42.65 -10.78 -2.13
N GLN E 176 41.57 -10.36 -2.79
CA GLN E 176 40.31 -11.08 -2.72
C GLN E 176 40.13 -12.13 -3.81
N GLY E 177 40.86 -12.04 -4.93
CA GLY E 177 40.77 -13.05 -5.96
C GLY E 177 39.59 -12.90 -6.91
N GLY E 178 38.68 -11.97 -6.67
CA GLY E 178 37.54 -11.78 -7.54
C GLY E 178 36.64 -10.73 -6.94
N GLY E 179 35.64 -10.33 -7.74
CA GLY E 179 34.74 -9.29 -7.34
C GLY E 179 33.47 -9.82 -6.70
N PRO E 180 32.32 -9.31 -7.14
CA PRO E 180 31.05 -9.66 -6.46
C PRO E 180 30.78 -11.15 -6.40
N LEU E 181 31.28 -11.94 -7.36
CA LEU E 181 30.97 -13.36 -7.35
C LEU E 181 31.50 -14.04 -6.10
N ILE E 182 32.69 -13.67 -5.64
CA ILE E 182 33.20 -14.20 -4.37
C ILE E 182 33.10 -13.21 -3.24
N ASP E 183 32.68 -11.97 -3.52
CA ASP E 183 32.41 -11.04 -2.43
C ASP E 183 31.08 -11.35 -1.75
N ILE E 184 30.00 -11.49 -2.52
CA ILE E 184 28.71 -11.77 -1.89
C ILE E 184 28.02 -12.96 -2.53
N GLY E 185 28.48 -13.40 -3.70
CA GLY E 185 27.96 -14.63 -4.27
C GLY E 185 28.08 -15.81 -3.31
N THR E 186 29.26 -15.93 -2.66
CA THR E 186 29.48 -16.89 -1.59
C THR E 186 28.29 -17.02 -0.65
N HIS E 187 27.90 -15.90 -0.03
CA HIS E 187 26.80 -15.89 0.92
C HIS E 187 25.55 -16.53 0.34
N ALA E 188 25.07 -16.00 -0.79
CA ALA E 188 23.83 -16.49 -1.39
C ALA E 188 23.91 -17.97 -1.73
N LEU E 189 25.04 -18.43 -2.26
CA LEU E 189 25.14 -19.83 -2.65
C LEU E 189 25.26 -20.74 -1.43
N ASP E 190 25.98 -20.30 -0.40
CA ASP E 190 26.11 -21.09 0.82
C ASP E 190 24.74 -21.40 1.41
N ILE E 191 23.89 -20.37 1.55
CA ILE E 191 22.54 -20.57 2.06
C ILE E 191 21.75 -21.50 1.14
N THR E 192 21.88 -21.30 -0.17
CA THR E 192 21.11 -22.10 -1.12
C THR E 192 21.47 -23.57 -1.03
N LEU E 193 22.77 -23.88 -0.99
CA LEU E 193 23.21 -25.27 -0.89
C LEU E 193 22.93 -25.84 0.48
N TRP E 194 23.05 -25.02 1.53
CA TRP E 194 22.72 -25.46 2.88
C TRP E 194 21.27 -25.91 2.97
N CYS E 195 20.34 -25.06 2.53
CA CYS E 195 18.92 -25.38 2.68
C CYS E 195 18.51 -26.55 1.81
N MET E 196 19.07 -26.65 0.60
CA MET E 196 18.80 -27.79 -0.26
C MET E 196 19.47 -29.06 0.25
N ASN E 197 20.47 -28.93 1.12
CA ASN E 197 21.32 -30.03 1.57
C ASN E 197 21.79 -30.86 0.38
N ASN E 198 22.30 -30.15 -0.60
CA ASN E 198 22.72 -30.75 -1.87
C ASN E 198 24.08 -30.16 -2.24
N TYR E 199 25.10 -31.02 -2.26
CA TYR E 199 26.46 -30.59 -2.58
C TYR E 199 27.11 -31.40 -3.70
N ASP E 200 26.40 -32.36 -4.29
CA ASP E 200 27.04 -33.14 -5.34
C ASP E 200 26.81 -32.45 -6.67
N VAL E 201 27.82 -31.67 -7.00
CA VAL E 201 27.82 -30.86 -8.22
C VAL E 201 28.07 -31.75 -9.43
N ASP E 202 27.27 -31.58 -10.49
CA ASP E 202 27.59 -32.31 -11.70
C ASP E 202 28.09 -31.41 -12.82
N SER E 203 27.54 -30.22 -13.05
CA SER E 203 28.13 -29.31 -14.02
C SER E 203 27.87 -27.87 -13.59
N VAL E 204 28.75 -26.98 -14.05
CA VAL E 204 28.72 -25.56 -13.76
C VAL E 204 28.96 -24.80 -15.06
N THR E 205 28.00 -24.01 -15.50
CA THR E 205 28.15 -23.10 -16.62
C THR E 205 28.00 -21.68 -16.12
N GLY E 206 28.90 -20.80 -16.54
CA GLY E 206 28.96 -19.45 -15.99
C GLY E 206 29.23 -18.41 -17.05
N SER E 207 28.88 -17.16 -16.68
CA SER E 207 29.27 -16.00 -17.45
C SER E 207 29.61 -14.87 -16.48
N VAL E 208 30.66 -14.14 -16.85
CA VAL E 208 31.23 -13.10 -15.98
C VAL E 208 31.37 -11.83 -16.81
N PHE E 209 30.87 -10.73 -16.26
CA PHE E 209 30.62 -9.52 -17.03
C PHE E 209 31.51 -8.40 -16.55
N TYR E 210 32.22 -7.77 -17.49
CA TYR E 210 33.03 -6.58 -17.26
C TYR E 210 32.41 -5.47 -18.11
N LYS E 211 31.31 -4.90 -17.63
CA LYS E 211 30.56 -3.94 -18.43
C LYS E 211 30.51 -2.57 -17.79
N LEU E 212 29.86 -2.42 -16.63
CA LEU E 212 29.84 -1.11 -15.99
C LEU E 212 31.11 -0.83 -15.21
N GLY E 213 31.94 -1.84 -14.99
CA GLY E 213 33.08 -1.67 -14.10
C GLY E 213 34.08 -0.64 -14.59
N GLN E 214 34.48 -0.73 -15.86
CA GLN E 214 35.42 0.23 -16.40
C GLN E 214 34.73 1.22 -17.32
N LYS E 215 33.43 1.45 -17.09
CA LYS E 215 32.64 2.36 -17.88
C LYS E 215 32.65 3.74 -17.21
N GLU E 216 32.83 4.79 -18.01
CA GLU E 216 33.04 6.11 -17.43
C GLU E 216 31.84 6.52 -16.57
N ASN E 217 30.64 6.43 -17.12
CA ASN E 217 29.43 6.74 -16.35
C ASN E 217 29.09 5.65 -15.33
N GLY E 218 29.73 4.47 -15.43
CA GLY E 218 29.44 3.35 -14.59
C GLY E 218 29.19 3.66 -13.12
N PRO E 219 30.10 4.39 -12.47
CA PRO E 219 29.92 4.68 -11.04
C PRO E 219 28.74 5.60 -10.72
N GLU E 220 28.11 6.21 -11.72
CA GLU E 220 26.98 7.10 -11.48
C GLU E 220 25.94 6.43 -10.61
N GLY E 221 25.66 7.03 -9.46
CA GLY E 221 24.62 6.54 -8.58
C GLY E 221 25.03 5.43 -7.64
N ASN E 222 26.33 5.17 -7.46
CA ASN E 222 26.72 4.08 -6.58
C ASN E 222 26.47 4.46 -5.13
N LEU E 223 25.81 3.55 -4.41
CA LEU E 223 25.46 3.75 -3.00
C LEU E 223 26.62 4.31 -2.19
N PHE E 224 27.81 3.75 -2.40
CA PHE E 224 28.97 4.06 -1.59
C PHE E 224 29.86 5.12 -2.20
N GLY E 225 29.40 5.79 -3.25
CA GLY E 225 30.15 6.87 -3.85
C GLY E 225 30.92 6.42 -5.08
N PRO E 226 31.69 7.33 -5.66
CA PRO E 226 32.40 6.99 -6.90
C PRO E 226 33.50 5.99 -6.65
N TRP E 227 33.74 5.18 -7.66
CA TRP E 227 34.96 4.42 -7.82
C TRP E 227 35.60 4.83 -9.13
N ASP E 228 36.89 4.53 -9.30
CA ASP E 228 37.59 4.92 -10.50
C ASP E 228 37.50 3.81 -11.52
N PRO E 229 36.71 3.96 -12.58
CA PRO E 229 36.60 2.86 -13.56
C PRO E 229 37.93 2.53 -14.24
N LYS E 230 38.87 3.47 -14.29
CA LYS E 230 40.10 3.13 -14.99
C LYS E 230 40.98 2.18 -14.18
N THR E 231 40.83 2.11 -12.86
CA THR E 231 41.54 1.11 -12.08
C THR E 231 40.65 -0.05 -11.65
N PHE E 232 39.37 -0.03 -12.00
CA PHE E 232 38.50 -1.15 -11.68
C PHE E 232 39.01 -2.41 -12.35
N GLU E 233 39.16 -3.46 -11.56
CA GLU E 233 39.99 -4.62 -11.89
C GLU E 233 39.22 -5.93 -11.93
N VAL E 234 37.99 -5.97 -11.42
CA VAL E 234 37.22 -7.20 -11.32
C VAL E 234 35.91 -7.04 -12.09
N GLU E 235 35.12 -8.12 -12.12
CA GLU E 235 33.83 -8.11 -12.76
C GLU E 235 32.85 -7.22 -12.00
N ASP E 236 31.79 -6.79 -12.69
CA ASP E 236 30.69 -6.14 -11.99
C ASP E 236 29.49 -7.05 -11.79
N SER E 237 29.40 -8.15 -12.53
CA SER E 237 28.29 -9.08 -12.33
C SER E 237 28.69 -10.42 -12.92
N ALA E 238 27.92 -11.44 -12.55
CA ALA E 238 28.18 -12.79 -12.99
C ALA E 238 26.91 -13.61 -12.77
N VAL E 239 26.67 -14.57 -13.65
CA VAL E 239 25.53 -15.48 -13.54
C VAL E 239 26.04 -16.90 -13.77
N GLY E 240 25.46 -17.85 -13.04
CA GLY E 240 25.91 -19.23 -13.10
C GLY E 240 24.73 -20.17 -13.14
N PHE E 241 24.96 -21.34 -13.73
CA PHE E 241 23.93 -22.37 -13.89
C PHE E 241 24.53 -23.67 -13.37
N VAL E 242 24.12 -24.08 -12.18
CA VAL E 242 24.71 -25.20 -11.46
C VAL E 242 23.73 -26.36 -11.45
N LYS E 243 24.11 -27.43 -12.11
CA LYS E 243 23.28 -28.64 -12.15
C LYS E 243 23.88 -29.62 -11.13
N MET E 244 23.03 -30.22 -10.31
CA MET E 244 23.52 -31.18 -9.30
C MET E 244 23.29 -32.60 -9.81
N LYS E 245 23.98 -33.58 -9.24
CA LYS E 245 23.91 -34.98 -9.72
C LYS E 245 22.49 -35.56 -9.57
N ASN E 246 21.75 -35.20 -8.52
CA ASN E 246 20.36 -35.67 -8.41
C ASN E 246 19.42 -34.96 -9.40
N GLY E 247 19.95 -34.14 -10.30
CA GLY E 247 19.13 -33.44 -11.27
C GLY E 247 18.63 -32.08 -10.85
N ALA E 248 18.86 -31.69 -9.60
CA ALA E 248 18.44 -30.36 -9.15
C ALA E 248 19.36 -29.30 -9.73
N THR E 249 18.79 -28.11 -9.98
CA THR E 249 19.49 -27.01 -10.63
C THR E 249 19.47 -25.76 -9.76
N ILE E 250 20.59 -25.04 -9.73
CA ILE E 250 20.71 -23.78 -8.99
C ILE E 250 21.16 -22.68 -9.96
N GLY E 251 20.34 -21.65 -10.10
CA GLY E 251 20.76 -20.44 -10.79
C GLY E 251 21.38 -19.46 -9.80
N LEU E 252 22.36 -18.71 -10.27
CA LEU E 252 23.10 -17.78 -9.42
C LEU E 252 23.22 -16.43 -10.11
N GLU E 253 23.02 -15.36 -9.34
CA GLU E 253 23.21 -14.00 -9.84
C GLU E 253 23.97 -13.20 -8.80
N ALA E 254 25.03 -12.53 -9.22
CA ALA E 254 25.89 -11.81 -8.30
C ALA E 254 26.41 -10.57 -8.99
N SER E 255 26.36 -9.44 -8.30
CA SER E 255 26.77 -8.20 -8.92
C SER E 255 26.98 -7.13 -7.87
N TRP E 256 27.89 -6.21 -8.19
CA TRP E 256 28.02 -4.94 -7.51
C TRP E 256 27.32 -3.82 -8.25
N ALA E 257 27.22 -3.97 -9.58
CA ALA E 257 26.68 -2.94 -10.44
C ALA E 257 26.03 -3.64 -11.62
N ILE E 258 24.70 -3.54 -11.72
CA ILE E 258 23.95 -4.06 -12.86
C ILE E 258 22.66 -3.27 -12.94
N ASN E 259 22.18 -3.06 -14.17
CA ASN E 259 20.99 -2.24 -14.38
C ASN E 259 19.75 -3.11 -14.27
N MET E 260 19.60 -3.66 -13.06
CA MET E 260 18.46 -4.46 -12.66
C MET E 260 17.83 -3.80 -11.44
N LEU E 261 16.49 -3.91 -11.37
CA LEU E 261 15.76 -3.14 -10.38
C LEU E 261 16.01 -3.63 -8.95
N ASP E 262 16.11 -4.95 -8.75
CA ASP E 262 15.99 -5.52 -7.40
C ASP E 262 17.37 -5.81 -6.82
N SER E 263 17.79 -5.00 -5.84
CA SER E 263 19.03 -5.27 -5.12
C SER E 263 18.72 -6.29 -4.02
N ARG E 264 18.95 -7.55 -4.37
CA ARG E 264 18.65 -8.69 -3.50
C ARG E 264 19.91 -9.50 -3.31
N GLU E 265 20.38 -9.61 -2.07
CA GLU E 265 21.60 -10.35 -1.75
C GLU E 265 21.41 -11.13 -0.45
N ALA E 266 22.27 -12.14 -0.28
CA ALA E 266 22.21 -13.05 0.86
C ALA E 266 20.85 -13.73 0.93
N SER E 267 20.18 -13.80 -0.21
CA SER E 267 18.82 -14.30 -0.28
C SER E 267 18.79 -15.56 -1.14
N THR E 268 17.69 -16.29 -1.06
CA THR E 268 17.57 -17.52 -1.83
C THR E 268 16.13 -17.76 -2.23
N THR E 269 15.96 -18.56 -3.28
CA THR E 269 14.65 -19.01 -3.73
C THR E 269 14.72 -20.51 -3.90
N LEU E 270 13.75 -21.23 -3.34
CA LEU E 270 13.71 -22.68 -3.33
C LEU E 270 12.35 -23.15 -3.81
N CYS E 271 12.36 -24.02 -4.81
CA CYS E 271 11.08 -24.64 -5.14
C CYS E 271 11.24 -26.15 -4.96
N GLY E 272 10.23 -26.63 -4.24
CA GLY E 272 10.15 -28.01 -3.80
C GLY E 272 8.90 -28.72 -4.28
N THR E 273 8.91 -30.05 -4.13
CA THR E 273 7.80 -30.89 -4.56
C THR E 273 6.54 -30.69 -3.71
N GLU E 274 6.69 -30.23 -2.47
CA GLU E 274 5.57 -30.02 -1.57
C GLU E 274 5.26 -28.56 -1.30
N ALA E 275 6.24 -27.68 -1.46
CA ALA E 275 6.09 -26.25 -1.19
C ALA E 275 7.31 -25.54 -1.73
N GLY E 276 7.29 -24.21 -1.65
CA GLY E 276 8.42 -23.40 -2.02
C GLY E 276 8.61 -22.28 -1.03
N ALA E 277 9.69 -21.53 -1.20
CA ALA E 277 9.97 -20.42 -0.31
C ALA E 277 10.99 -19.49 -0.97
N GLU E 278 11.09 -18.29 -0.42
CA GLU E 278 12.14 -17.37 -0.83
C GLU E 278 12.41 -16.40 0.31
N ILE E 279 13.68 -16.00 0.42
CA ILE E 279 14.12 -15.01 1.38
C ILE E 279 14.47 -13.75 0.62
N HIS E 280 14.14 -12.59 1.21
CA HIS E 280 14.47 -11.29 0.65
C HIS E 280 15.33 -10.53 1.65
N SER E 281 16.54 -10.16 1.24
CA SER E 281 17.29 -9.13 1.95
C SER E 281 18.25 -8.44 0.98
N GLY E 282 18.82 -7.34 1.42
CA GLY E 282 19.74 -6.58 0.60
C GLY E 282 19.28 -5.15 0.47
N MET E 283 20.00 -4.40 -0.35
CA MET E 283 19.82 -2.95 -0.38
C MET E 283 18.40 -2.53 -0.76
N SER E 284 17.57 -3.46 -1.22
CA SER E 284 16.19 -3.14 -1.55
C SER E 284 15.21 -3.55 -0.46
N TYR E 285 15.70 -3.96 0.71
CA TYR E 285 14.84 -4.50 1.76
C TYR E 285 15.24 -3.94 3.12
N PRO E 286 14.52 -2.92 3.61
CA PRO E 286 14.80 -2.43 4.96
C PRO E 286 14.55 -3.46 6.02
N LYS E 287 13.75 -4.48 5.72
CA LYS E 287 13.53 -5.60 6.62
C LYS E 287 13.64 -6.89 5.83
N ASN E 288 14.32 -7.87 6.43
CA ASN E 288 14.46 -9.18 5.82
C ASN E 288 13.10 -9.87 5.78
N GLU E 289 12.88 -10.66 4.75
CA GLU E 289 11.59 -11.28 4.49
C GLU E 289 11.77 -12.77 4.23
N LEU E 290 10.78 -13.55 4.63
CA LEU E 290 10.73 -14.96 4.30
C LEU E 290 9.29 -15.28 3.92
N ILE E 291 9.10 -15.87 2.75
CA ILE E 291 7.77 -16.18 2.24
C ILE E 291 7.76 -17.63 1.77
N TYR E 292 7.01 -18.48 2.46
CA TYR E 292 6.71 -19.81 1.96
C TYR E 292 5.53 -19.73 1.00
N ASN E 293 5.48 -20.67 0.07
CA ASN E 293 4.34 -20.75 -0.84
C ASN E 293 4.00 -22.21 -1.07
N ARG E 294 2.71 -22.52 -1.04
CA ARG E 294 2.24 -23.89 -1.11
C ARG E 294 0.77 -23.89 -1.45
N ALA E 295 0.28 -25.05 -1.89
CA ALA E 295 -1.15 -25.27 -2.05
C ALA E 295 -1.68 -25.88 -0.75
N ARG E 296 -2.63 -25.21 -0.11
CA ARG E 296 -3.24 -25.70 1.12
C ARG E 296 -4.74 -25.81 0.91
N ASN E 297 -5.25 -27.04 0.95
CA ASN E 297 -6.68 -27.29 0.79
C ASN E 297 -7.20 -26.63 -0.48
N ASN E 298 -6.48 -26.89 -1.58
CA ASN E 298 -6.89 -26.51 -2.94
C ASN E 298 -6.85 -25.00 -3.15
N GLN E 299 -5.98 -24.30 -2.45
CA GLN E 299 -5.85 -22.86 -2.62
C GLN E 299 -4.39 -22.48 -2.54
N LEU E 300 -3.96 -21.59 -3.42
CA LEU E 300 -2.60 -21.06 -3.35
C LEU E 300 -2.50 -20.11 -2.16
N MET E 301 -1.56 -20.37 -1.27
CA MET E 301 -1.36 -19.52 -0.11
C MET E 301 0.11 -19.14 0.00
N GLU E 302 0.37 -18.13 0.82
CA GLU E 302 1.72 -17.65 1.08
C GLU E 302 1.84 -17.33 2.56
N GLU E 303 2.97 -17.74 3.16
CA GLU E 303 3.21 -17.57 4.58
C GLU E 303 4.43 -16.67 4.77
N THR E 304 4.22 -15.54 5.46
CA THR E 304 5.26 -14.53 5.65
C THR E 304 5.43 -14.23 7.13
N LEU E 305 6.55 -13.68 7.51
CA LEU E 305 6.79 -13.29 8.89
C LEU E 305 5.87 -12.15 9.22
N SER E 306 5.38 -12.13 10.42
CA SER E 306 4.59 -11.01 10.93
C SER E 306 5.53 -9.96 11.50
N GLU E 320 23.21 -9.08 15.50
CA GLU E 320 22.52 -10.29 15.97
C GLU E 320 23.27 -11.55 15.52
N GLU E 321 23.23 -11.85 14.22
CA GLU E 321 23.80 -13.11 13.74
C GLU E 321 25.32 -13.13 13.81
N GLY E 322 25.97 -11.99 13.96
CA GLY E 322 27.41 -11.99 14.18
C GLY E 322 27.77 -12.59 15.52
N THR E 323 26.95 -12.33 16.54
CA THR E 323 27.21 -12.86 17.88
C THR E 323 26.74 -14.30 18.03
N VAL E 324 25.58 -14.63 17.47
CA VAL E 324 25.11 -16.02 17.53
C VAL E 324 26.12 -16.95 16.90
N ASP E 325 26.71 -16.55 15.76
CA ASP E 325 27.74 -17.35 15.11
C ASP E 325 28.94 -17.57 16.02
N ASN E 326 29.42 -16.50 16.68
CA ASN E 326 30.63 -16.61 17.49
C ASN E 326 30.41 -17.53 18.69
N ARG E 327 29.26 -17.39 19.37
CA ARG E 327 29.00 -18.21 20.53
C ARG E 327 28.85 -19.69 20.13
N GLN E 328 28.01 -19.95 19.14
CA GLN E 328 27.94 -21.29 18.55
C GLN E 328 29.34 -21.88 18.34
N TRP E 329 30.28 -21.05 17.86
CA TRP E 329 31.61 -21.54 17.55
C TRP E 329 32.42 -21.78 18.82
N LEU E 330 32.43 -20.81 19.73
CA LEU E 330 33.13 -20.98 20.99
C LEU E 330 32.56 -22.17 21.76
N GLU E 331 31.24 -22.27 21.86
CA GLU E 331 30.63 -23.36 22.63
C GLU E 331 30.98 -24.71 22.04
N ALA E 332 30.89 -24.84 20.72
CA ALA E 332 31.28 -26.10 20.09
C ALA E 332 32.71 -26.49 20.43
N ILE E 333 33.59 -25.51 20.62
CA ILE E 333 34.96 -25.82 21.02
C ILE E 333 35.00 -26.32 22.45
N GLN E 334 34.37 -25.58 23.37
CA GLN E 334 34.37 -25.97 24.78
C GLN E 334 33.70 -27.32 25.00
N ASN E 335 32.65 -27.62 24.24
CA ASN E 335 31.90 -28.86 24.42
C ASN E 335 32.37 -29.98 23.52
N GLY E 336 33.38 -29.74 22.68
CA GLY E 336 33.87 -30.78 21.81
C GLY E 336 32.89 -31.23 20.74
N THR E 337 31.91 -30.40 20.40
CA THR E 337 30.94 -30.77 19.38
C THR E 337 31.18 -29.99 18.09
N GLU E 338 30.19 -29.99 17.20
CA GLU E 338 30.39 -29.62 15.82
C GLU E 338 29.95 -28.19 15.56
N PRO E 339 30.80 -27.35 14.98
CA PRO E 339 30.34 -26.03 14.57
C PRO E 339 29.41 -26.14 13.38
N LEU E 340 28.49 -25.18 13.27
CA LEU E 340 27.43 -25.32 12.27
C LEU E 340 28.00 -25.34 10.86
N VAL E 341 28.86 -24.39 10.52
CA VAL E 341 29.43 -24.30 9.18
C VAL E 341 30.52 -25.36 9.05
N LYS E 342 30.25 -26.40 8.26
CA LYS E 342 31.22 -27.47 8.05
C LYS E 342 32.17 -27.09 6.92
N PRO E 343 33.47 -27.37 7.09
CA PRO E 343 34.44 -27.00 6.05
C PRO E 343 34.12 -27.58 4.68
N GLU E 344 33.63 -28.82 4.62
CA GLU E 344 33.35 -29.43 3.33
C GLU E 344 32.25 -28.69 2.59
N GLU E 345 31.26 -28.15 3.31
CA GLU E 345 30.26 -27.32 2.66
C GLU E 345 30.88 -26.03 2.13
N ALA E 346 31.65 -25.34 2.99
CA ALA E 346 32.34 -24.13 2.52
C ALA E 346 33.26 -24.45 1.35
N LEU E 347 33.96 -25.58 1.39
CA LEU E 347 34.76 -26.01 0.26
C LEU E 347 33.92 -26.07 -1.02
N ALA E 348 32.74 -26.69 -0.93
CA ALA E 348 31.85 -26.79 -2.08
C ALA E 348 31.52 -25.41 -2.67
N VAL E 349 31.18 -24.45 -1.81
CA VAL E 349 30.86 -23.10 -2.28
C VAL E 349 32.03 -22.51 -3.05
N THR E 350 33.24 -22.59 -2.49
CA THR E 350 34.43 -22.14 -3.20
C THR E 350 34.59 -22.84 -4.54
N LYS E 351 34.41 -24.16 -4.55
CA LYS E 351 34.64 -24.83 -5.83
C LYS E 351 33.62 -24.40 -6.88
N ILE E 352 32.33 -24.25 -6.56
CA ILE E 352 31.36 -23.83 -7.58
C ILE E 352 31.68 -22.45 -8.10
N LEU E 353 31.85 -21.48 -7.19
CA LEU E 353 32.21 -20.13 -7.59
C LEU E 353 33.44 -20.13 -8.49
N ASP E 354 34.44 -20.93 -8.13
CA ASP E 354 35.63 -21.03 -8.96
C ASP E 354 35.28 -21.55 -10.35
N ALA E 355 34.39 -22.54 -10.41
CA ALA E 355 33.97 -23.09 -11.69
C ALA E 355 33.28 -22.04 -12.55
N ILE E 356 32.47 -21.16 -12.02
CA ILE E 356 31.79 -20.09 -12.79
C ILE E 356 32.83 -19.16 -13.44
N TYR E 357 33.79 -18.71 -12.69
CA TYR E 357 34.88 -17.90 -13.26
C TYR E 357 35.59 -18.68 -14.35
N LYS E 358 35.95 -19.94 -14.09
CA LYS E 358 36.68 -20.78 -15.06
C LYS E 358 35.83 -21.05 -16.31
N SER E 359 34.52 -20.95 -16.20
CA SER E 359 33.68 -21.03 -17.43
C SER E 359 33.98 -19.77 -18.24
N ALA E 360 35.14 -19.13 -18.02
CA ALA E 360 35.66 -18.03 -18.86
C ALA E 360 36.54 -18.72 -19.88
N LYS E 361 36.38 -20.04 -20.01
CA LYS E 361 37.05 -20.84 -21.04
C LYS E 361 35.96 -21.05 -22.07
N THR E 362 34.79 -20.47 -21.83
CA THR E 362 33.59 -20.58 -22.69
C THR E 362 33.21 -22.06 -22.75
N ASN E 363 33.38 -22.75 -21.63
CA ASN E 363 33.06 -24.19 -21.58
C ASN E 363 32.40 -24.54 -20.25
N THR E 364 31.48 -25.49 -20.27
CA THR E 364 30.86 -26.01 -19.06
C THR E 364 31.88 -26.87 -18.31
N ILE E 365 31.97 -26.66 -16.99
CA ILE E 365 32.85 -27.46 -16.16
C ILE E 365 32.08 -28.65 -15.60
N LYS E 366 32.49 -29.85 -16.02
CA LYS E 366 31.87 -31.03 -15.43
C LYS E 366 32.63 -31.44 -14.18
N PHE E 367 31.86 -31.85 -13.18
CA PHE E 367 32.43 -32.29 -11.90
C PHE E 367 32.35 -33.81 -11.79
N LYS F 4 43.50 27.82 5.94
CA LYS F 4 42.20 27.57 6.60
C LYS F 4 41.49 28.92 6.76
N LEU F 5 40.16 28.93 6.85
CA LEU F 5 39.46 30.24 6.86
C LEU F 5 38.84 30.51 8.24
N LYS F 6 38.96 31.75 8.70
CA LYS F 6 38.41 32.15 10.02
C LYS F 6 36.96 32.58 9.83
N ILE F 7 36.07 32.19 10.74
CA ILE F 7 34.64 32.41 10.58
C ILE F 7 34.11 33.08 11.82
N GLY F 8 33.38 34.23 11.61
CA GLY F 8 32.63 34.82 12.69
C GLY F 8 31.12 34.61 12.43
N ILE F 9 30.44 34.13 13.45
CA ILE F 9 29.03 33.73 13.36
C ILE F 9 28.20 34.75 14.14
N ILE F 10 27.46 35.60 13.43
CA ILE F 10 26.60 36.63 13.98
C ILE F 10 25.21 36.04 14.18
N GLY F 11 24.84 35.71 15.42
CA GLY F 11 23.52 35.18 15.69
C GLY F 11 23.52 33.67 15.87
N CYS F 12 23.72 33.21 17.10
CA CYS F 12 23.72 31.78 17.43
C CYS F 12 22.32 31.27 17.73
N GLY F 13 21.38 31.55 16.83
CA GLY F 13 20.01 31.11 16.99
C GLY F 13 19.81 29.70 16.52
N GLY F 14 18.57 29.38 16.16
CA GLY F 14 18.27 28.05 15.68
C GLY F 14 19.12 27.64 14.49
N ILE F 15 19.44 28.60 13.62
CA ILE F 15 20.13 28.26 12.38
C ILE F 15 21.64 28.07 12.60
N ALA F 16 22.27 28.90 13.44
CA ALA F 16 23.67 28.67 13.76
C ALA F 16 23.89 27.24 14.25
N ASN F 17 23.04 26.79 15.18
CA ASN F 17 23.15 25.43 15.69
C ASN F 17 22.71 24.41 14.66
N GLN F 18 21.44 24.50 14.21
CA GLN F 18 20.86 23.46 13.37
C GLN F 18 21.70 23.21 12.12
N LYS F 19 22.20 24.27 11.48
CA LYS F 19 22.83 24.09 10.18
C LYS F 19 24.30 24.52 10.16
N HIS F 20 24.59 25.74 10.62
CA HIS F 20 25.91 26.31 10.40
C HIS F 20 26.99 25.60 11.21
N PHE F 21 26.85 25.57 12.54
CA PHE F 21 27.86 24.93 13.37
C PHE F 21 28.23 23.53 12.88
N PRO F 22 27.29 22.59 12.73
CA PRO F 22 27.70 21.26 12.23
C PRO F 22 28.29 21.30 10.83
N ALA F 23 27.78 22.18 9.95
CA ALA F 23 28.35 22.29 8.61
C ALA F 23 29.82 22.74 8.68
N LEU F 24 30.09 23.87 9.33
CA LEU F 24 31.48 24.30 9.48
C LEU F 24 32.34 23.20 10.10
N LYS F 25 31.83 22.51 11.11
CA LYS F 25 32.57 21.39 11.68
C LYS F 25 32.95 20.38 10.60
N ASN F 26 31.96 19.68 10.03
CA ASN F 26 32.25 18.71 8.98
C ASN F 26 33.28 19.23 7.99
N ASN F 27 33.26 20.54 7.73
CA ASN F 27 34.22 21.19 6.85
C ASN F 27 35.36 21.82 7.65
N ALA F 28 35.80 21.15 8.72
CA ALA F 28 36.79 21.74 9.63
C ALA F 28 38.14 21.94 8.94
N ASP F 29 38.47 21.11 7.96
CA ASP F 29 39.73 21.27 7.24
C ASP F 29 39.82 22.59 6.49
N LEU F 30 38.76 23.39 6.48
CA LEU F 30 38.67 24.66 5.77
C LEU F 30 38.47 25.84 6.69
N ASN F 31 38.10 25.61 7.95
CA ASN F 31 37.71 26.71 8.81
C ASN F 31 37.94 26.36 10.28
N GLU F 32 37.65 27.33 11.13
CA GLU F 32 37.80 27.28 12.58
C GLU F 32 37.03 28.48 13.08
N ILE F 33 36.26 28.39 14.16
CA ILE F 33 35.38 29.52 14.42
C ILE F 33 35.80 30.25 15.67
N VAL F 34 35.73 31.57 15.52
CA VAL F 34 36.09 32.61 16.48
C VAL F 34 34.88 33.04 17.32
N PHE F 36 31.82 34.36 17.78
CA PHE F 36 30.49 34.04 18.29
C PHE F 36 29.78 35.29 18.84
N CYS F 37 28.75 35.74 18.17
CA CYS F 37 27.95 36.91 18.60
C CYS F 37 26.44 36.64 18.57
N ASP F 38 25.70 37.28 19.49
CA ASP F 38 24.23 37.10 19.67
C ASP F 38 23.86 38.01 20.84
N ILE F 39 22.91 38.93 20.68
CA ILE F 39 22.61 39.90 21.73
C ILE F 39 22.34 39.15 23.03
N GLN F 40 21.84 37.94 22.95
CA GLN F 40 21.74 37.11 24.15
C GLN F 40 23.11 36.49 24.18
N ILE F 41 24.03 37.08 24.95
CA ILE F 41 25.42 36.67 24.83
C ILE F 41 25.65 35.24 25.31
N ASP F 42 24.74 34.70 26.13
CA ASP F 42 24.95 33.35 26.65
C ASP F 42 24.81 32.29 25.56
N ARG F 43 24.10 32.60 24.48
CA ARG F 43 24.14 31.56 23.46
C ARG F 43 25.35 31.74 22.54
N ALA F 44 25.99 32.90 22.48
CA ALA F 44 27.32 32.98 21.87
C ALA F 44 28.35 32.24 22.71
N GLU F 45 28.20 32.29 24.04
CA GLU F 45 29.14 31.58 24.92
C GLU F 45 29.04 30.07 24.73
N LYS F 46 27.86 29.51 24.97
CA LYS F 46 27.63 28.07 24.82
C LYS F 46 28.08 27.57 23.47
N ALA F 47 27.83 28.36 22.43
CA ALA F 47 28.28 27.98 21.10
C ALA F 47 29.80 28.01 21.00
N ALA F 48 30.43 29.06 21.55
CA ALA F 48 31.88 29.15 21.48
C ALA F 48 32.55 27.95 22.14
N ALA F 49 31.97 27.46 23.25
CA ALA F 49 32.52 26.31 23.95
C ALA F 49 32.30 25.00 23.21
N GLU F 50 31.50 24.99 22.13
CA GLU F 50 31.29 23.79 21.35
C GLU F 50 31.91 23.82 19.96
N PHE F 51 32.12 25.01 19.42
CA PHE F 51 32.58 25.04 18.01
C PHE F 51 33.70 26.07 17.95
N GLY F 52 33.95 26.69 19.10
CA GLY F 52 34.98 27.72 19.16
C GLY F 52 36.33 27.11 18.83
N ALA F 53 37.09 27.78 17.98
CA ALA F 53 38.44 27.29 17.69
C ALA F 53 39.10 26.92 19.01
N GLU F 54 39.62 27.92 19.71
CA GLU F 54 40.36 27.69 20.97
C GLU F 54 40.19 28.95 21.81
N GLY F 55 41.01 29.95 21.57
CA GLY F 55 40.79 31.24 22.23
C GLY F 55 39.90 32.05 21.31
N ALA F 56 38.61 32.17 21.62
CA ALA F 56 37.72 32.78 20.63
C ALA F 56 37.40 34.24 20.88
N GLN F 57 36.13 34.51 20.73
CA GLN F 57 35.58 35.85 21.00
C GLN F 57 34.11 35.65 21.11
N VAL F 58 33.52 36.21 22.17
CA VAL F 58 32.07 36.01 22.43
C VAL F 58 31.46 37.38 22.76
N THR F 59 31.31 38.23 21.74
CA THR F 59 30.69 39.56 21.93
C THR F 59 29.18 39.41 21.76
N ALA F 60 28.43 40.31 22.37
CA ALA F 60 26.97 40.30 22.14
C ALA F 60 26.74 41.44 21.16
N ASP F 61 27.80 42.20 20.90
CA ASP F 61 27.68 43.34 19.95
C ASP F 61 28.36 42.92 18.65
N TYR F 62 27.61 42.98 17.56
CA TYR F 62 28.12 42.55 16.26
C TYR F 62 29.10 43.55 15.68
N LYS F 63 28.93 44.84 15.97
CA LYS F 63 29.89 45.83 15.51
C LYS F 63 31.27 45.61 16.13
N GLU F 64 31.35 44.79 17.18
CA GLU F 64 32.56 44.29 17.84
C GLU F 64 33.24 43.16 17.08
N LEU F 65 32.42 42.19 16.67
CA LEU F 65 32.93 41.02 15.97
C LEU F 65 33.50 41.41 14.61
N LEU F 66 32.84 42.34 13.93
CA LEU F 66 33.44 42.83 12.70
C LEU F 66 34.73 43.60 12.97
N ALA F 67 34.91 44.19 14.17
CA ALA F 67 36.17 44.87 14.44
C ALA F 67 37.33 43.88 14.45
N ASN F 68 37.15 42.71 15.06
CA ASN F 68 38.11 41.62 15.11
C ASN F 68 38.72 41.39 13.72
N PRO F 69 39.97 41.77 13.49
CA PRO F 69 40.55 41.59 12.14
C PRO F 69 40.91 40.13 11.83
N GLU F 70 40.84 39.24 12.82
CA GLU F 70 41.14 37.82 12.63
C GLU F 70 39.95 37.03 12.11
N VAL F 71 38.86 37.70 11.74
CA VAL F 71 37.72 37.07 11.08
C VAL F 71 37.64 37.61 9.65
N GLU F 72 37.65 36.70 8.68
CA GLU F 72 37.64 37.08 7.27
C GLU F 72 36.37 36.68 6.54
N VAL F 73 35.50 35.85 7.14
CA VAL F 73 34.20 35.50 6.58
C VAL F 73 33.18 35.55 7.71
N VAL F 74 32.07 36.25 7.49
CA VAL F 74 30.99 36.34 8.46
C VAL F 74 29.78 35.59 7.93
N HIS F 75 28.96 35.08 8.84
CA HIS F 75 27.73 34.35 8.50
C HIS F 75 26.57 35.02 9.23
N VAL F 76 25.89 35.94 8.54
CA VAL F 76 24.76 36.66 9.13
C VAL F 76 23.62 35.68 9.38
N CYS F 77 23.36 35.35 10.66
CA CYS F 77 22.31 34.42 11.02
C CYS F 77 21.25 35.08 11.91
N THR F 78 20.97 36.34 11.62
CA THR F 78 20.03 37.14 12.39
C THR F 78 18.69 37.23 11.68
N PRO F 79 17.72 37.82 12.35
CA PRO F 79 16.45 37.96 11.76
C PRO F 79 16.70 38.80 10.53
N ASN F 80 15.70 38.92 9.70
CA ASN F 80 15.85 39.52 8.38
C ASN F 80 16.07 41.04 8.36
N VAL F 81 15.49 41.80 9.28
CA VAL F 81 15.62 43.27 9.17
C VAL F 81 17.03 43.64 9.52
N SER F 82 17.71 42.75 10.19
CA SER F 82 19.12 42.94 10.52
C SER F 82 20.00 42.70 9.31
N HIS F 83 19.69 41.68 8.52
CA HIS F 83 20.56 41.29 7.39
C HIS F 83 21.19 42.49 6.70
N SER F 84 20.37 43.44 6.30
CA SER F 84 20.89 44.58 5.52
C SER F 84 21.97 45.32 6.28
N GLU F 85 21.67 45.73 7.53
CA GLU F 85 22.59 46.53 8.34
C GLU F 85 23.93 45.88 8.64
N ILE F 86 23.89 44.68 9.20
CA ILE F 86 25.14 43.93 9.24
C ILE F 86 25.28 43.65 7.76
N THR F 87 26.39 43.14 7.26
CA THR F 87 26.39 42.77 5.84
C THR F 87 26.27 43.97 4.91
N ILE F 88 26.35 45.20 5.38
CA ILE F 88 26.42 46.35 4.41
C ILE F 88 27.61 47.16 4.88
N ALA F 89 28.76 47.01 4.23
CA ALA F 89 30.01 47.63 4.71
C ALA F 89 30.23 46.97 6.06
N ALA F 90 29.24 47.10 6.95
CA ALA F 90 29.34 46.44 8.25
C ALA F 90 30.06 45.13 7.97
N PHE F 91 29.53 44.35 7.03
CA PHE F 91 30.28 43.15 6.66
C PHE F 91 31.17 43.49 5.47
N GLU F 92 30.60 44.04 4.41
CA GLU F 92 31.42 44.27 3.19
C GLU F 92 32.69 45.05 3.55
N ALA F 93 32.55 46.13 4.31
CA ALA F 93 33.75 46.90 4.75
C ALA F 93 34.67 45.95 5.52
N GLY F 94 34.18 44.92 6.18
CA GLY F 94 35.14 44.10 6.93
C GLY F 94 35.52 42.78 6.25
N LYS F 95 34.59 42.12 5.57
CA LYS F 95 34.95 40.78 5.04
C LYS F 95 33.88 40.14 4.17
N HIS F 96 34.19 38.95 3.66
CA HIS F 96 33.20 38.17 2.87
C HIS F 96 32.04 37.78 3.78
N VAL F 97 30.85 37.69 3.21
CA VAL F 97 29.64 37.43 3.99
C VAL F 97 28.84 36.30 3.37
N TYR F 98 28.23 35.50 4.23
CA TYR F 98 27.21 34.52 3.88
C TYR F 98 25.96 34.98 4.61
N CYS F 99 25.03 35.63 3.93
CA CYS F 99 23.74 35.98 4.57
C CYS F 99 22.72 34.88 4.39
N GLU F 100 21.79 34.76 5.34
CA GLU F 100 20.80 33.63 5.30
C GLU F 100 19.89 33.74 4.06
N LYS F 101 19.12 32.69 3.78
CA LYS F 101 18.24 32.64 2.58
C LYS F 101 17.44 33.93 2.35
N PRO F 102 16.78 34.56 3.37
CA PRO F 102 15.93 35.72 3.11
C PRO F 102 16.68 36.88 2.47
N MET F 103 17.94 37.11 2.60
CA MET F 103 18.59 38.33 2.02
C MET F 103 18.02 39.54 2.70
N SER F 104 16.94 40.05 2.18
CA SER F 104 16.23 41.12 2.91
C SER F 104 14.74 40.91 2.78
N HIS F 105 13.97 41.59 3.63
CA HIS F 105 12.52 41.60 3.51
C HIS F 105 12.18 42.77 2.61
N SER F 106 13.21 43.53 2.23
CA SER F 106 13.00 44.78 1.49
C SER F 106 13.75 44.74 0.20
N THR F 107 13.07 45.08 -0.84
CA THR F 107 13.82 45.19 -2.08
C THR F 107 14.92 46.25 -1.98
N GLU F 108 14.57 47.46 -1.52
CA GLU F 108 15.57 48.52 -1.51
C GLU F 108 16.77 48.15 -0.65
N GLU F 109 16.55 47.62 0.55
CA GLU F 109 17.73 47.28 1.34
C GLU F 109 18.53 46.15 0.71
N ALA F 110 17.89 45.21 0.02
CA ALA F 110 18.65 44.21 -0.71
C ALA F 110 19.39 44.83 -1.89
N GLU F 111 18.81 45.87 -2.51
CA GLU F 111 19.53 46.57 -3.56
C GLU F 111 20.84 47.14 -3.04
N LYS F 112 20.79 47.85 -1.91
CA LYS F 112 22.00 48.39 -1.31
C LYS F 112 22.97 47.27 -0.96
N MET F 113 22.46 46.14 -0.46
CA MET F 113 23.33 45.00 -0.12
C MET F 113 24.14 44.55 -1.31
N VAL F 114 23.55 44.54 -2.51
CA VAL F 114 24.30 44.17 -3.71
C VAL F 114 25.31 45.26 -4.04
N GLU F 115 24.93 46.52 -3.88
CA GLU F 115 25.86 47.63 -4.22
C GLU F 115 27.02 47.60 -3.25
N ALA F 116 26.79 47.16 -2.06
CA ALA F 116 27.84 47.20 -1.05
C ALA F 116 28.78 46.04 -1.11
N TRP F 117 28.44 45.05 -1.87
CA TRP F 117 29.30 43.86 -1.92
C TRP F 117 30.20 44.15 -3.07
N LYS F 118 29.60 44.67 -4.10
CA LYS F 118 30.36 44.94 -5.31
C LYS F 118 31.43 45.94 -4.88
N LYS F 119 31.01 47.09 -4.41
CA LYS F 119 31.95 48.12 -3.95
C LYS F 119 32.80 47.56 -2.84
N SER F 120 33.06 46.28 -2.80
CA SER F 120 33.96 45.85 -1.71
C SER F 120 34.86 44.76 -2.24
N GLY F 121 34.63 44.33 -3.47
CA GLY F 121 35.52 43.34 -4.11
C GLY F 121 35.65 42.07 -3.30
N LYS F 122 34.55 41.65 -2.66
CA LYS F 122 34.61 40.46 -1.79
C LYS F 122 33.51 39.48 -2.23
N GLN F 123 33.53 38.27 -1.69
CA GLN F 123 32.55 37.22 -2.07
C GLN F 123 31.22 37.43 -1.35
N PHE F 124 30.13 36.90 -1.89
CA PHE F 124 28.78 37.09 -1.36
C PHE F 124 27.90 35.95 -1.82
N THR F 125 27.19 35.34 -0.88
CA THR F 125 26.19 34.34 -1.24
C THR F 125 25.12 34.28 -0.17
N ILE F 126 23.97 33.78 -0.56
CA ILE F 126 22.81 33.67 0.35
C ILE F 126 22.58 32.22 0.74
N GLY F 127 21.93 31.98 1.87
CA GLY F 127 21.67 30.63 2.39
C GLY F 127 20.57 29.77 1.80
N TYR F 128 20.60 29.52 0.51
CA TYR F 128 19.60 28.68 -0.18
C TYR F 128 20.14 27.26 -0.34
N GLN F 129 20.20 26.51 0.73
CA GLN F 129 20.84 25.18 0.73
C GLN F 129 19.96 24.08 0.18
N ASN F 130 18.66 24.35 0.00
CA ASN F 130 17.71 23.31 -0.49
C ASN F 130 18.06 22.94 -1.93
N ARG F 131 18.79 23.82 -2.64
CA ARG F 131 19.14 23.57 -4.06
C ARG F 131 20.19 22.45 -4.15
N PHE F 132 21.10 22.39 -3.18
CA PHE F 132 22.18 21.37 -3.20
C PHE F 132 21.59 19.96 -3.10
N ARG F 133 20.43 19.83 -2.44
CA ARG F 133 19.76 18.53 -2.30
C ARG F 133 19.80 17.83 -3.65
N GLU F 134 20.38 16.67 -3.72
CA GLU F 134 20.58 15.89 -4.95
C GLU F 134 19.38 15.77 -5.86
N GLU F 135 18.18 15.72 -5.34
CA GLU F 135 16.96 15.67 -6.18
C GLU F 135 16.83 17.02 -6.85
N VAL F 136 17.20 18.08 -6.18
CA VAL F 136 17.04 19.44 -6.73
C VAL F 136 18.09 19.66 -7.81
N MET F 137 19.28 19.19 -7.58
CA MET F 137 20.35 19.22 -8.54
C MET F 137 20.01 18.37 -9.75
N ASN F 138 19.46 17.19 -9.57
CA ASN F 138 19.08 16.31 -10.67
C ASN F 138 18.18 17.07 -11.61
N LEU F 139 17.19 17.71 -11.05
CA LEU F 139 16.20 18.48 -11.83
C LEU F 139 16.87 19.61 -12.56
N LYS F 140 17.65 20.40 -11.85
CA LYS F 140 18.41 21.50 -12.44
C LYS F 140 19.30 21.04 -13.57
N LYS F 141 19.96 19.94 -13.40
CA LYS F 141 20.88 19.41 -14.41
C LYS F 141 20.07 19.06 -15.65
N SER F 142 18.94 18.45 -15.44
CA SER F 142 18.06 18.06 -16.53
C SER F 142 17.47 19.29 -17.24
N CYS F 143 17.16 20.33 -16.54
CA CYS F 143 16.53 21.53 -17.11
C CYS F 143 17.58 22.29 -17.92
N ASP F 144 18.82 22.22 -17.51
CA ASP F 144 19.94 22.88 -18.18
C ASP F 144 20.34 22.09 -19.40
N LYS F 145 20.14 20.80 -19.35
CA LYS F 145 20.39 19.90 -20.49
C LYS F 145 19.19 19.86 -21.43
N GLY F 146 18.13 20.61 -21.13
CA GLY F 146 16.96 20.71 -22.02
C GLY F 146 16.08 19.49 -21.98
N GLU F 147 16.17 18.70 -20.92
CA GLU F 147 15.42 17.42 -20.86
C GLU F 147 13.95 17.64 -20.45
N LEU F 148 13.53 18.90 -20.23
CA LEU F 148 12.11 19.21 -19.93
C LEU F 148 11.61 20.19 -20.98
N GLY F 149 12.44 20.42 -21.96
CA GLY F 149 12.15 21.42 -22.96
C GLY F 149 12.08 22.79 -22.36
N GLU F 150 11.26 23.61 -22.94
CA GLU F 150 11.01 24.96 -22.43
C GLU F 150 9.95 24.87 -21.36
N ILE F 151 10.28 25.37 -20.18
CA ILE F 151 9.35 25.35 -19.04
C ILE F 151 8.45 26.56 -19.10
N TYR F 152 7.18 26.31 -19.32
CA TYR F 152 6.19 27.37 -19.48
C TYR F 152 5.26 27.51 -18.28
N TYR F 153 5.22 26.52 -17.42
CA TYR F 153 4.38 26.57 -16.21
C TYR F 153 5.11 25.99 -15.03
N GLY F 154 5.26 26.85 -14.05
CA GLY F 154 5.96 26.46 -12.85
C GLY F 154 5.20 26.74 -11.61
N LYS F 155 5.34 25.85 -10.67
CA LYS F 155 4.72 26.02 -9.34
C LYS F 155 5.78 25.91 -8.25
N ALA F 156 5.79 26.86 -7.37
CA ALA F 156 6.65 26.87 -6.19
C ALA F 156 5.82 26.53 -4.98
N HIS F 157 6.29 25.56 -4.29
CA HIS F 157 5.56 25.02 -3.15
C HIS F 157 6.27 25.28 -1.82
N ALA F 158 5.59 26.01 -0.97
CA ALA F 158 6.08 26.37 0.36
C ALA F 158 4.92 26.38 1.32
N VAL F 159 4.15 25.28 1.39
CA VAL F 159 2.91 25.29 2.23
C VAL F 159 3.02 24.32 3.40
N ARG F 160 2.54 24.71 4.59
CA ARG F 160 2.52 23.81 5.77
C ARG F 160 1.18 23.99 6.48
N ARG F 161 0.40 22.92 6.62
CA ARG F 161 -0.95 23.01 7.25
C ARG F 161 -0.86 23.76 8.59
N ARG F 162 -0.01 23.29 9.51
CA ARG F 162 0.16 23.95 10.81
C ARG F 162 1.55 23.66 11.39
N ALA F 163 2.53 24.42 10.96
CA ALA F 163 3.89 24.33 11.53
C ALA F 163 4.45 25.74 11.57
N VAL F 164 3.80 26.63 12.32
CA VAL F 164 4.26 28.02 12.48
C VAL F 164 5.47 28.04 13.42
N PRO F 165 6.58 28.69 13.02
CA PRO F 165 7.80 28.69 13.83
C PRO F 165 7.60 29.38 15.18
N THR F 166 7.85 28.67 16.28
CA THR F 166 7.57 29.21 17.62
C THR F 166 8.84 29.53 18.41
N TRP F 167 10.02 29.26 17.89
CA TRP F 167 11.28 29.42 18.61
C TRP F 167 11.99 30.75 18.35
N GLY F 168 11.30 31.82 18.06
CA GLY F 168 12.01 33.09 17.94
C GLY F 168 11.08 34.27 17.80
N VAL F 169 11.26 35.04 16.74
CA VAL F 169 10.47 36.27 16.54
C VAL F 169 9.92 36.25 15.13
N PHE F 170 9.71 35.05 14.58
CA PHE F 170 9.27 34.84 13.18
C PHE F 170 7.93 35.52 12.96
N MET F 171 7.31 35.90 14.06
CA MET F 171 6.01 36.55 13.97
C MET F 171 6.13 38.03 14.31
N ASP F 172 7.35 38.56 14.41
CA ASP F 172 7.58 40.02 14.66
C ASP F 172 7.84 40.76 13.37
N LYS F 173 6.93 41.62 13.02
CA LYS F 173 7.05 42.37 11.77
C LYS F 173 8.03 43.50 11.93
N GLU F 174 8.68 43.61 13.06
CA GLU F 174 9.72 44.65 13.10
C GLU F 174 11.05 43.98 12.91
N ALA F 175 11.08 42.67 13.03
CA ALA F 175 12.34 41.94 13.01
C ALA F 175 12.46 41.01 11.81
N GLN F 176 11.36 40.47 11.38
CA GLN F 176 11.40 39.47 10.31
C GLN F 176 10.94 40.14 9.02
N GLY F 177 10.12 41.14 9.14
CA GLY F 177 9.70 41.88 7.96
C GLY F 177 8.53 41.24 7.30
N GLY F 178 8.31 39.98 7.63
CA GLY F 178 7.20 39.27 7.07
C GLY F 178 7.17 37.85 7.55
N GLY F 179 6.21 37.12 7.06
CA GLY F 179 6.06 35.74 7.48
C GLY F 179 6.38 34.72 6.43
N PRO F 180 5.50 33.74 6.27
CA PRO F 180 5.74 32.66 5.35
C PRO F 180 6.17 32.96 3.92
N LEU F 181 5.72 34.03 3.30
CA LEU F 181 6.15 34.43 1.95
C LEU F 181 7.66 34.60 1.92
N ILE F 182 8.23 35.11 2.98
CA ILE F 182 9.68 35.38 3.01
C ILE F 182 10.43 34.32 3.81
N ASP F 183 9.81 33.61 4.71
CA ASP F 183 10.50 32.53 5.45
C ASP F 183 10.68 31.29 4.60
N ILE F 184 9.66 30.90 3.90
CA ILE F 184 9.70 29.59 3.20
C ILE F 184 9.42 29.72 1.70
N GLY F 185 8.67 30.70 1.29
CA GLY F 185 8.48 30.87 -0.14
C GLY F 185 9.75 31.10 -0.89
N THR F 186 10.65 31.84 -0.29
CA THR F 186 11.97 32.12 -0.83
C THR F 186 12.67 30.85 -1.30
N HIS F 187 12.58 29.83 -0.50
CA HIS F 187 13.25 28.58 -0.84
C HIS F 187 12.69 28.01 -2.13
N ALA F 188 11.40 28.00 -2.28
CA ALA F 188 10.73 27.38 -3.42
C ALA F 188 10.80 28.18 -4.69
N LEU F 189 10.63 29.48 -4.65
CA LEU F 189 10.75 30.32 -5.85
C LEU F 189 12.15 30.25 -6.39
N ASP F 190 13.12 30.24 -5.53
CA ASP F 190 14.50 30.11 -5.95
C ASP F 190 14.69 28.84 -6.73
N ILE F 191 14.30 27.74 -6.16
CA ILE F 191 14.52 26.48 -6.82
C ILE F 191 13.81 26.59 -8.15
N THR F 192 12.67 27.23 -8.18
CA THR F 192 11.84 27.33 -9.40
C THR F 192 12.53 28.20 -10.44
N LEU F 193 13.00 29.35 -10.06
CA LEU F 193 13.67 30.29 -10.97
C LEU F 193 15.04 29.80 -11.41
N TRP F 194 15.71 29.04 -10.60
CA TRP F 194 17.05 28.50 -10.91
C TRP F 194 16.92 27.33 -11.86
N CYS F 195 15.90 26.56 -11.65
CA CYS F 195 15.65 25.42 -12.54
C CYS F 195 15.14 25.95 -13.87
N MET F 196 14.37 27.00 -13.88
CA MET F 196 13.81 27.47 -15.15
C MET F 196 14.82 28.35 -15.86
N ASN F 197 15.82 28.82 -15.15
CA ASN F 197 16.77 29.80 -15.69
C ASN F 197 15.98 30.99 -16.22
N ASN F 198 15.07 31.49 -15.43
CA ASN F 198 14.20 32.60 -15.80
C ASN F 198 13.99 33.51 -14.60
N TYR F 199 14.63 34.62 -14.60
CA TYR F 199 14.53 35.60 -13.52
C TYR F 199 14.06 36.92 -14.13
N ASP F 200 13.57 36.88 -15.35
CA ASP F 200 13.06 38.07 -16.06
C ASP F 200 11.56 38.24 -15.92
N VAL F 201 11.13 38.95 -14.90
CA VAL F 201 9.69 39.14 -14.59
C VAL F 201 9.06 40.24 -15.42
N ASP F 202 7.78 40.12 -15.64
CA ASP F 202 6.97 41.14 -16.32
C ASP F 202 5.90 41.59 -15.36
N SER F 203 5.25 40.66 -14.70
CA SER F 203 4.08 40.98 -13.87
C SER F 203 4.02 40.08 -12.65
N VAL F 204 3.58 40.62 -11.53
CA VAL F 204 3.37 39.86 -10.30
C VAL F 204 2.00 40.23 -9.75
N THR F 205 1.18 39.23 -9.46
CA THR F 205 -0.14 39.38 -8.84
C THR F 205 -0.13 38.51 -7.59
N GLY F 206 -0.73 38.99 -6.54
CA GLY F 206 -0.75 38.26 -5.28
C GLY F 206 -1.85 38.54 -4.32
N SER F 207 -2.00 37.63 -3.40
CA SER F 207 -3.02 37.71 -2.37
C SER F 207 -2.31 37.27 -1.10
N VAL F 208 -2.46 38.02 -0.02
CA VAL F 208 -1.83 37.70 1.27
C VAL F 208 -2.93 37.54 2.32
N PHE F 209 -2.82 36.52 3.13
CA PHE F 209 -3.92 36.15 4.02
C PHE F 209 -3.52 36.20 5.48
N TYR F 210 -4.35 36.81 6.26
CA TYR F 210 -4.15 36.95 7.71
C TYR F 210 -5.42 36.44 8.32
N LYS F 211 -5.42 35.18 8.60
CA LYS F 211 -6.72 34.60 8.95
C LYS F 211 -6.56 33.65 10.10
N LEU F 212 -5.71 32.68 9.97
CA LEU F 212 -5.61 31.65 11.00
C LEU F 212 -4.67 32.10 12.13
N GLY F 213 -3.88 33.11 11.91
CA GLY F 213 -2.84 33.45 12.90
C GLY F 213 -3.33 34.13 14.13
N GLN F 214 -4.44 34.81 14.00
CA GLN F 214 -4.96 35.59 15.14
C GLN F 214 -6.25 34.95 15.62
N LYS F 215 -6.49 33.72 15.25
CA LYS F 215 -7.71 33.00 15.63
C LYS F 215 -7.32 32.18 16.84
N GLU F 216 -8.18 32.16 17.82
CA GLU F 216 -7.88 31.53 19.10
C GLU F 216 -7.68 30.03 18.89
N ASN F 217 -8.38 29.47 17.91
CA ASN F 217 -8.30 28.01 17.69
C ASN F 217 -7.18 27.75 16.68
N GLY F 218 -6.68 28.79 16.04
CA GLY F 218 -5.65 28.64 14.99
C GLY F 218 -4.46 27.82 15.44
N PRO F 219 -3.84 28.13 16.60
CA PRO F 219 -2.65 27.43 17.04
C PRO F 219 -2.89 25.93 17.25
N GLU F 220 -4.07 25.46 16.90
CA GLU F 220 -4.39 24.04 17.18
C GLU F 220 -3.73 23.12 16.15
N GLY F 221 -3.04 22.10 16.64
CA GLY F 221 -2.40 21.09 15.76
C GLY F 221 -1.02 21.52 15.35
N ASN F 222 -0.65 22.73 15.71
CA ASN F 222 0.64 23.28 15.28
C ASN F 222 1.78 22.40 15.77
N LEU F 223 2.55 21.87 14.84
CA LEU F 223 3.78 21.19 15.26
C LEU F 223 4.53 22.34 15.91
N PHE F 224 5.64 22.10 16.56
CA PHE F 224 6.36 23.30 17.09
C PHE F 224 5.58 23.89 18.26
N GLY F 225 4.26 23.69 18.33
CA GLY F 225 3.63 24.15 19.54
C GLY F 225 2.65 25.25 19.41
N PRO F 226 2.08 25.63 20.54
CA PRO F 226 1.15 26.68 20.59
C PRO F 226 1.76 28.06 20.46
N TRP F 227 1.05 28.98 19.87
CA TRP F 227 1.48 30.39 19.74
C TRP F 227 0.38 31.33 20.21
N ASP F 228 0.70 32.59 20.41
CA ASP F 228 -0.28 33.57 20.91
C ASP F 228 -0.90 34.31 19.74
N PRO F 229 -2.18 34.10 19.53
CA PRO F 229 -2.81 34.69 18.40
C PRO F 229 -2.90 36.21 18.46
N LYS F 230 -2.38 36.78 19.51
CA LYS F 230 -2.55 38.25 19.71
C LYS F 230 -1.27 38.95 19.39
N THR F 231 -0.23 38.19 19.25
CA THR F 231 1.11 38.73 18.97
C THR F 231 1.51 38.26 17.56
N PHE F 232 0.54 37.87 16.72
CA PHE F 232 0.80 37.42 15.33
C PHE F 232 0.68 38.61 14.41
N GLU F 233 1.81 39.07 13.94
CA GLU F 233 1.84 40.33 13.20
C GLU F 233 2.10 40.10 11.72
N VAL F 234 2.27 38.86 11.36
CA VAL F 234 2.54 38.49 9.97
C VAL F 234 1.37 37.71 9.40
N GLU F 235 1.45 37.39 8.14
CA GLU F 235 0.44 36.62 7.45
C GLU F 235 0.62 35.16 7.74
N ASP F 236 -0.39 34.40 7.51
CA ASP F 236 -0.35 32.96 7.74
C ASP F 236 -0.18 32.30 6.38
N SER F 237 -0.44 33.04 5.36
CA SER F 237 -0.38 32.50 4.01
C SER F 237 -0.38 33.58 2.94
N ALA F 238 0.19 33.26 1.82
CA ALA F 238 0.10 34.08 0.61
C ALA F 238 0.15 33.17 -0.61
N VAL F 239 -0.37 33.64 -1.70
CA VAL F 239 -0.43 32.90 -2.95
C VAL F 239 -0.03 33.91 -4.01
N GLY F 240 0.68 33.47 -5.02
CA GLY F 240 1.17 34.36 -6.05
C GLY F 240 1.03 33.91 -7.47
N PHE F 241 1.18 34.82 -8.41
CA PHE F 241 0.99 34.57 -9.86
C PHE F 241 1.94 35.49 -10.60
N VAL F 242 3.01 34.91 -11.04
CA VAL F 242 4.07 35.67 -11.68
C VAL F 242 4.19 35.27 -13.14
N LYS F 243 4.11 36.28 -13.97
CA LYS F 243 4.27 36.10 -15.40
C LYS F 243 5.64 36.60 -15.78
N MET F 244 6.31 35.83 -16.56
CA MET F 244 7.65 36.16 -17.03
C MET F 244 7.58 36.68 -18.46
N LYS F 245 8.61 37.34 -18.89
CA LYS F 245 8.60 38.04 -20.17
C LYS F 245 8.60 37.06 -21.32
N ASN F 246 9.10 35.88 -21.11
CA ASN F 246 9.07 34.78 -22.10
C ASN F 246 7.70 34.18 -22.15
N GLY F 247 6.85 34.47 -21.18
CA GLY F 247 5.47 34.03 -21.17
C GLY F 247 5.17 32.98 -20.13
N ALA F 248 6.20 32.40 -19.60
CA ALA F 248 6.02 31.40 -18.55
C ALA F 248 5.40 32.00 -17.32
N THR F 249 4.56 31.24 -16.70
CA THR F 249 3.85 31.69 -15.53
C THR F 249 4.26 30.81 -14.38
N ILE F 250 4.46 31.39 -13.22
CA ILE F 250 4.84 30.63 -12.02
C ILE F 250 3.81 30.92 -10.95
N GLY F 251 3.35 29.89 -10.31
CA GLY F 251 2.45 30.03 -9.19
C GLY F 251 3.15 29.74 -7.90
N LEU F 252 2.81 30.48 -6.87
CA LEU F 252 3.43 30.28 -5.57
C LEU F 252 2.36 30.18 -4.52
N GLU F 253 2.53 29.23 -3.66
CA GLU F 253 1.70 29.09 -2.47
C GLU F 253 2.63 29.00 -1.27
N ALA F 254 2.41 29.83 -0.27
CA ALA F 254 3.19 29.86 0.98
C ALA F 254 2.33 29.96 2.22
N SER F 255 2.64 29.17 3.21
CA SER F 255 1.87 29.05 4.45
C SER F 255 2.67 28.52 5.63
N TRP F 256 2.28 28.89 6.80
CA TRP F 256 2.79 28.29 8.04
C TRP F 256 1.57 27.59 8.60
N ALA F 257 0.40 28.13 8.27
CA ALA F 257 -0.90 27.59 8.68
C ALA F 257 -1.96 27.83 7.62
N ILE F 258 -2.37 26.77 7.00
CA ILE F 258 -3.44 26.79 5.98
C ILE F 258 -4.12 25.45 6.15
N ASN F 259 -5.41 25.45 6.00
CA ASN F 259 -6.18 24.22 6.11
C ASN F 259 -6.16 23.53 4.77
N MET F 260 -5.01 23.07 4.39
CA MET F 260 -4.85 22.28 3.18
C MET F 260 -4.15 21.02 3.67
N LEU F 261 -4.30 19.92 2.93
CA LEU F 261 -3.75 18.61 3.32
C LEU F 261 -2.27 18.49 3.06
N ASP F 262 -1.82 18.97 1.90
CA ASP F 262 -0.43 18.72 1.48
C ASP F 262 0.54 19.73 2.07
N SER F 263 1.37 19.26 3.00
CA SER F 263 2.44 20.12 3.53
C SER F 263 3.67 19.86 2.65
N ARG F 264 3.74 20.54 1.51
CA ARG F 264 4.90 20.42 0.59
C ARG F 264 5.66 21.75 0.57
N GLU F 265 6.92 21.73 0.98
CA GLU F 265 7.73 22.97 1.04
C GLU F 265 9.09 22.73 0.38
N ALA F 266 9.75 23.80 -0.04
CA ALA F 266 11.04 23.70 -0.75
C ALA F 266 10.85 22.74 -1.91
N SER F 267 9.72 22.87 -2.58
CA SER F 267 9.37 21.93 -3.65
C SER F 267 8.94 22.72 -4.89
N THR F 268 9.00 22.09 -6.05
CA THR F 268 8.60 22.76 -7.30
C THR F 268 7.89 21.81 -8.23
N THR F 269 7.09 22.39 -9.10
CA THR F 269 6.43 21.66 -10.16
C THR F 269 6.82 22.43 -11.43
N LEU F 270 7.34 21.72 -12.38
CA LEU F 270 7.80 22.29 -13.66
C LEU F 270 7.22 21.53 -14.83
N CYS F 271 6.58 22.24 -15.70
CA CYS F 271 5.86 21.67 -16.85
C CYS F 271 6.45 22.30 -18.12
N GLY F 272 7.11 21.48 -18.88
CA GLY F 272 7.65 21.89 -20.15
C GLY F 272 7.18 21.23 -21.41
N THR F 273 7.88 21.50 -22.47
CA THR F 273 7.48 21.13 -23.83
C THR F 273 7.85 19.69 -24.16
N GLU F 274 8.83 19.17 -23.50
CA GLU F 274 9.30 17.82 -23.72
C GLU F 274 9.01 17.00 -22.48
N ALA F 275 8.87 17.68 -21.37
CA ALA F 275 8.58 17.01 -20.13
C ALA F 275 8.34 17.89 -18.93
N GLY F 276 8.08 17.22 -17.84
CA GLY F 276 7.87 17.87 -16.56
C GLY F 276 8.46 17.17 -15.39
N ALA F 277 8.30 17.79 -14.25
CA ALA F 277 8.85 17.26 -13.02
C ALA F 277 8.17 17.80 -11.79
N GLU F 278 8.37 17.11 -10.72
CA GLU F 278 7.81 17.50 -9.43
C GLU F 278 8.76 17.09 -8.34
N ILE F 279 9.14 17.99 -7.48
CA ILE F 279 9.92 17.67 -6.27
C ILE F 279 8.96 17.72 -5.08
N HIS F 280 9.06 16.74 -4.23
CA HIS F 280 8.20 16.66 -3.04
C HIS F 280 9.07 16.64 -1.82
N SER F 281 8.77 17.57 -0.97
CA SER F 281 9.47 17.75 0.30
C SER F 281 8.55 18.57 1.19
N GLY F 282 8.67 18.32 2.45
CA GLY F 282 7.88 19.02 3.43
C GLY F 282 7.50 18.18 4.62
N MET F 283 6.67 18.72 5.46
CA MET F 283 6.15 18.00 6.63
C MET F 283 5.23 16.81 6.25
N SER F 284 4.80 16.70 5.00
CA SER F 284 3.94 15.61 4.54
C SER F 284 4.77 14.57 3.82
N TYR F 285 6.06 14.70 3.87
CA TYR F 285 6.96 13.82 3.11
C TYR F 285 8.11 13.37 3.98
N PRO F 286 8.11 12.12 4.44
CA PRO F 286 9.22 11.61 5.21
C PRO F 286 10.46 11.47 4.35
N LYS F 287 10.29 11.08 3.11
CA LYS F 287 11.40 11.05 2.14
C LYS F 287 11.13 12.07 1.05
N ASN F 288 12.16 12.77 0.64
CA ASN F 288 12.08 13.75 -0.43
C ASN F 288 11.93 12.97 -1.73
N GLU F 289 11.13 13.48 -2.62
CA GLU F 289 10.84 12.76 -3.83
C GLU F 289 11.07 13.60 -5.09
N LEU F 290 11.52 13.01 -6.19
CA LEU F 290 11.60 13.67 -7.50
C LEU F 290 10.92 12.75 -8.50
N ILE F 291 9.97 13.29 -9.21
CA ILE F 291 9.33 12.52 -10.28
C ILE F 291 9.39 13.26 -11.61
N TYR F 292 9.83 12.57 -12.63
CA TYR F 292 9.75 13.14 -13.97
C TYR F 292 8.54 12.54 -14.69
N ASN F 293 7.97 13.34 -15.58
CA ASN F 293 6.78 12.91 -16.33
C ASN F 293 7.04 13.21 -17.81
N ARG F 294 6.87 12.21 -18.65
CA ARG F 294 7.15 12.37 -20.09
C ARG F 294 6.35 11.34 -20.86
N ALA F 295 6.31 11.51 -22.18
CA ALA F 295 5.72 10.46 -23.02
C ALA F 295 6.86 9.73 -23.71
N ARG F 296 6.97 8.42 -23.49
CA ARG F 296 8.03 7.60 -24.13
C ARG F 296 7.37 6.50 -24.95
N ASN F 297 7.60 6.50 -26.26
CA ASN F 297 7.05 5.45 -27.17
C ASN F 297 5.52 5.37 -27.04
N ASN F 298 4.82 6.48 -27.25
CA ASN F 298 3.34 6.55 -27.23
C ASN F 298 2.76 6.04 -25.92
N GLN F 299 3.54 6.12 -24.84
CA GLN F 299 3.04 5.74 -23.51
C GLN F 299 3.45 6.80 -22.46
N LEU F 300 2.54 7.17 -21.61
CA LEU F 300 2.76 8.14 -20.52
C LEU F 300 3.48 7.47 -19.37
N MET F 301 4.57 8.02 -18.99
CA MET F 301 5.48 7.43 -18.01
C MET F 301 5.95 8.40 -16.93
N GLU F 302 6.48 7.84 -15.89
CA GLU F 302 6.90 8.56 -14.70
C GLU F 302 8.20 8.01 -14.15
N GLU F 303 9.17 8.88 -13.97
CA GLU F 303 10.49 8.50 -13.45
C GLU F 303 10.72 9.01 -12.05
N THR F 304 10.94 8.09 -11.15
CA THR F 304 11.09 8.40 -9.73
C THR F 304 12.44 7.95 -9.21
N LEU F 305 12.75 8.34 -8.01
CA LEU F 305 14.02 8.00 -7.33
C LEU F 305 13.84 6.62 -6.75
N SER F 306 14.81 5.80 -7.03
CA SER F 306 14.82 4.44 -6.53
C SER F 306 15.55 4.39 -5.19
N GLU F 320 23.19 16.69 5.23
CA GLU F 320 23.74 16.50 3.88
C GLU F 320 23.91 17.84 3.18
N GLU F 321 22.82 18.51 2.85
CA GLU F 321 22.84 19.72 1.99
C GLU F 321 23.48 20.91 2.67
N GLY F 322 23.23 21.08 3.94
CA GLY F 322 23.93 22.15 4.62
C GLY F 322 25.44 22.01 4.58
N THR F 323 25.93 20.78 4.66
CA THR F 323 27.38 20.56 4.61
C THR F 323 27.92 20.84 3.22
N VAL F 324 27.26 20.31 2.18
CA VAL F 324 27.73 20.55 0.81
C VAL F 324 27.70 22.04 0.49
N ASP F 325 26.61 22.70 0.84
CA ASP F 325 26.50 24.15 0.62
C ASP F 325 27.66 24.89 1.26
N ASN F 326 27.95 24.55 2.53
CA ASN F 326 29.02 25.22 3.26
C ASN F 326 30.37 24.96 2.61
N ARG F 327 30.67 23.68 2.31
CA ARG F 327 31.96 23.34 1.72
C ARG F 327 32.16 24.06 0.40
N GLN F 328 31.14 24.03 -0.46
CA GLN F 328 31.20 24.73 -1.73
C GLN F 328 31.53 26.21 -1.54
N TRP F 329 30.98 26.80 -0.48
CA TRP F 329 31.16 28.23 -0.24
C TRP F 329 32.59 28.53 0.19
N LEU F 330 33.08 27.81 1.21
CA LEU F 330 34.43 28.04 1.72
C LEU F 330 35.47 27.80 0.64
N GLU F 331 35.23 26.81 -0.22
CA GLU F 331 36.17 26.51 -1.30
C GLU F 331 36.20 27.64 -2.32
N ALA F 332 35.02 28.18 -2.67
CA ALA F 332 34.99 29.30 -3.60
C ALA F 332 35.82 30.48 -3.09
N ILE F 333 35.83 30.76 -1.81
CA ILE F 333 36.67 31.89 -1.38
C ILE F 333 38.13 31.43 -1.33
N GLN F 334 38.40 30.26 -0.79
CA GLN F 334 39.75 29.69 -0.79
C GLN F 334 40.32 29.54 -2.18
N ASN F 335 39.58 29.73 -3.25
CA ASN F 335 40.04 29.24 -4.56
C ASN F 335 39.79 30.35 -5.56
N GLY F 336 39.10 31.36 -5.11
CA GLY F 336 38.81 32.52 -5.96
C GLY F 336 37.81 32.28 -7.04
N THR F 337 36.61 31.91 -6.67
CA THR F 337 35.65 31.56 -7.71
C THR F 337 34.23 31.76 -7.18
N GLU F 338 33.25 31.45 -8.02
CA GLU F 338 31.85 31.76 -7.74
C GLU F 338 31.24 30.69 -6.83
N PRO F 339 30.59 31.08 -5.73
CA PRO F 339 29.67 30.15 -5.07
C PRO F 339 28.39 30.00 -5.88
N LEU F 340 27.66 28.91 -5.61
CA LEU F 340 26.53 28.54 -6.47
C LEU F 340 25.42 29.59 -6.42
N VAL F 341 25.04 30.02 -5.22
CA VAL F 341 23.97 30.99 -5.08
C VAL F 341 24.52 32.37 -5.40
N LYS F 342 24.02 32.98 -6.48
CA LYS F 342 24.51 34.30 -6.85
C LYS F 342 23.58 35.39 -6.32
N PRO F 343 24.11 36.52 -5.84
CA PRO F 343 23.24 37.51 -5.21
C PRO F 343 22.19 38.08 -6.14
N GLU F 344 22.49 38.22 -7.42
CA GLU F 344 21.47 38.65 -8.36
C GLU F 344 20.25 37.73 -8.28
N GLU F 345 20.47 36.42 -8.23
CA GLU F 345 19.37 35.46 -8.13
C GLU F 345 18.56 35.70 -6.85
N ALA F 346 19.24 35.71 -5.70
CA ALA F 346 18.55 35.97 -4.44
C ALA F 346 17.87 37.33 -4.45
N LEU F 347 18.46 38.33 -5.09
CA LEU F 347 17.81 39.64 -5.19
C LEU F 347 16.54 39.55 -6.02
N ALA F 348 16.58 38.82 -7.14
CA ALA F 348 15.39 38.65 -7.96
C ALA F 348 14.27 37.98 -7.17
N VAL F 349 14.60 36.94 -6.41
CA VAL F 349 13.60 36.35 -5.53
C VAL F 349 13.04 37.40 -4.58
N THR F 350 13.91 38.14 -3.90
CA THR F 350 13.45 39.17 -2.98
C THR F 350 12.47 40.12 -3.66
N LYS F 351 12.79 40.59 -4.87
CA LYS F 351 11.88 41.49 -5.58
C LYS F 351 10.52 40.84 -5.79
N ILE F 352 10.49 39.63 -6.37
CA ILE F 352 9.22 38.96 -6.68
C ILE F 352 8.40 38.80 -5.41
N LEU F 353 9.01 38.29 -4.34
CA LEU F 353 8.30 38.15 -3.07
C LEU F 353 7.76 39.50 -2.62
N ASP F 354 8.56 40.55 -2.79
CA ASP F 354 8.14 41.89 -2.40
C ASP F 354 6.96 42.37 -3.24
N ALA F 355 6.97 42.06 -4.54
CA ALA F 355 5.84 42.46 -5.38
C ALA F 355 4.56 41.73 -5.01
N ILE F 356 4.66 40.47 -4.59
CA ILE F 356 3.48 39.78 -4.07
C ILE F 356 2.90 40.59 -2.91
N TYR F 357 3.65 40.91 -1.91
CA TYR F 357 3.13 41.74 -0.81
C TYR F 357 2.53 43.05 -1.33
N LYS F 358 3.11 43.62 -2.38
CA LYS F 358 2.65 44.94 -2.89
C LYS F 358 1.29 44.77 -3.54
N SER F 359 0.95 43.56 -3.96
CA SER F 359 -0.43 43.34 -4.43
C SER F 359 -1.16 43.24 -3.08
N ALA F 360 -1.05 44.27 -2.23
CA ALA F 360 -1.93 44.61 -1.09
C ALA F 360 -2.43 45.98 -1.53
N LYS F 361 -2.13 46.32 -2.78
CA LYS F 361 -2.62 47.49 -3.45
C LYS F 361 -3.74 46.96 -4.33
N THR F 362 -4.11 45.69 -4.22
CA THR F 362 -5.06 45.00 -5.13
C THR F 362 -4.73 45.42 -6.55
N ASN F 363 -3.45 45.45 -6.88
CA ASN F 363 -3.01 45.75 -8.26
C ASN F 363 -1.91 44.79 -8.70
N THR F 364 -1.90 44.45 -9.96
CA THR F 364 -0.84 43.62 -10.51
C THR F 364 0.40 44.47 -10.75
N ILE F 365 1.53 44.05 -10.19
CA ILE F 365 2.76 44.85 -10.23
C ILE F 365 3.49 44.56 -11.52
N LYS F 366 3.65 45.59 -12.36
CA LYS F 366 4.36 45.34 -13.60
C LYS F 366 5.82 45.73 -13.46
N PHE F 367 6.66 44.79 -13.88
CA PHE F 367 8.10 44.97 -13.85
C PHE F 367 8.58 45.52 -15.19
C2 BGC G . -14.42 16.03 -22.97
C3 BGC G . -15.76 16.63 -23.26
C4 BGC G . -16.40 17.34 -22.09
C5 BGC G . -15.78 16.94 -20.80
C6 BGC G . -16.72 17.15 -19.64
C1 BGC G . -14.42 15.27 -21.67
O1 BGC G . -14.51 13.91 -21.91
O2 BGC G . -13.37 16.99 -23.04
O3 BGC G . -16.61 15.56 -23.64
O4 BGC G . -16.26 18.73 -22.23
O5 BGC G . -15.54 15.55 -20.88
O6 BGC G . -16.89 15.94 -18.93
PA NAD H . -22.16 17.36 -30.83
O1A NAD H . -21.76 16.00 -30.69
O2A NAD H . -21.57 18.10 -31.89
O5B NAD H . -23.65 17.41 -31.09
C5B NAD H . -24.28 18.65 -31.39
C4B NAD H . -24.92 18.65 -32.76
O4B NAD H . -26.04 19.55 -32.83
C3B NAD H . -24.04 19.26 -33.83
O3B NAD H . -23.19 18.18 -34.10
C2B NAD H . -25.04 19.51 -34.94
O2B NAD H . -25.60 18.32 -35.33
C1B NAD H . -26.30 19.80 -34.19
N9A NAD H . -26.65 21.16 -34.42
C8A NAD H . -25.71 22.07 -34.68
N7A NAD H . -26.20 23.24 -34.88
C5A NAD H . -27.54 23.07 -34.79
C6A NAD H . -28.59 23.96 -34.96
N6A NAD H . -28.41 25.23 -35.26
N1A NAD H . -29.83 23.49 -34.87
C2A NAD H . -30.00 22.20 -34.59
N3A NAD H . -29.07 21.28 -34.37
C4A NAD H . -27.84 21.79 -34.52
O3 NAD H . -21.89 18.14 -29.51
PN NAD H . -21.58 17.85 -28.02
O1N NAD H . -20.35 16.99 -27.91
O2N NAD H . -22.92 17.44 -27.74
O5D NAD H . -21.43 19.18 -27.35
C5D NAD H . -22.56 20.01 -27.37
C4D NAD H . -22.69 20.88 -26.15
O4D NAD H . -22.62 20.04 -25.02
C3D NAD H . -21.64 21.93 -25.90
O3D NAD H . -22.24 23.09 -25.37
C2D NAD H . -20.73 21.15 -24.99
O2D NAD H . -20.13 22.04 -24.12
C1D NAD H . -21.75 20.49 -24.15
N1N NAD H . -21.21 19.31 -23.44
C2N NAD H . -21.46 19.13 -22.15
C3N NAD H . -20.82 18.17 -21.47
C7N NAD H . -21.11 17.94 -20.03
O7N NAD H . -22.01 18.50 -19.52
N7N NAD H . -20.39 17.09 -19.39
C4N NAD H . -19.98 17.40 -22.11
C5N NAD H . -19.91 17.47 -23.42
C6N NAD H . -20.47 18.51 -24.06
PA NAD I . -7.57 -26.44 -28.04
O1A NAD I . -8.71 -25.85 -27.27
O2A NAD I . -7.44 -27.91 -27.80
O5B NAD I . -7.78 -26.12 -29.67
C5B NAD I . -7.46 -27.17 -30.59
C4B NAD I . -8.73 -27.39 -31.49
O4B NAD I . -8.30 -28.05 -32.90
C3B NAD I . -9.53 -28.22 -30.90
O3B NAD I . -10.93 -27.71 -31.08
C2B NAD I . -9.37 -29.59 -31.63
O2B NAD I . -10.58 -30.22 -31.69
C1B NAD I . -8.92 -29.20 -33.01
N9A NAD I . -7.98 -30.18 -33.53
C8A NAD I . -7.06 -31.02 -33.08
N7A NAD I . -6.52 -31.61 -34.18
C5A NAD I . -7.13 -31.10 -35.28
C6A NAD I . -6.95 -31.35 -36.64
N6A NAD I . -6.05 -32.28 -37.38
N1A NAD I . -7.68 -30.70 -37.54
C2A NAD I . -8.62 -29.77 -37.13
N3A NAD I . -8.79 -29.52 -35.81
C4A NAD I . -8.03 -30.19 -34.89
O3 NAD I . -6.17 -25.75 -27.58
PN NAD I . -5.89 -24.11 -27.86
O1N NAD I . -5.91 -23.35 -26.51
O2N NAD I . -6.91 -23.52 -28.78
O5D NAD I . -4.40 -24.03 -28.52
C5D NAD I . -4.21 -24.48 -29.84
C4D NAD I . -2.86 -23.97 -30.34
O4D NAD I . -2.77 -22.39 -30.07
C3D NAD I . -1.86 -24.53 -29.70
O3D NAD I . -0.73 -24.82 -30.69
C2D NAD I . -1.40 -23.52 -28.67
O2D NAD I . -0.05 -23.57 -28.47
C1D NAD I . -1.78 -22.16 -29.31
N1N NAD I . -2.14 -21.17 -28.24
C2N NAD I . -1.70 -19.87 -28.35
C3N NAD I . -2.00 -18.93 -27.38
C7N NAD I . -1.46 -17.47 -27.56
O7N NAD I . -0.83 -17.19 -28.54
N7N NAD I . -1.71 -16.42 -26.53
C4N NAD I . -2.77 -19.29 -26.31
C5N NAD I . -3.24 -20.59 -26.20
C6N NAD I . -2.92 -21.54 -27.17
C2 BGC J . -29.10 -11.35 3.23
C3 BGC J . -27.73 -11.91 3.13
C4 BGC J . -27.07 -11.41 1.88
C5 BGC J . -27.36 -9.92 1.55
C6 BGC J . -28.11 -9.80 0.24
C1 BGC J . -28.95 -9.87 3.57
O1 BGC J . -30.17 -9.27 3.63
O2 BGC J . -29.86 -12.05 4.23
O3 BGC J . -27.76 -13.36 3.16
O4 BGC J . -25.64 -11.59 1.99
O5 BGC J . -28.06 -9.13 2.60
O6 BGC J . -28.95 -10.91 0.04
PA NAD K . -39.08 -12.69 -0.79
O1A NAD K . -38.27 -11.80 -1.69
O2A NAD K . -40.19 -11.86 -0.22
O5B NAD K . -39.70 -14.00 -1.66
C5B NAD K . -40.51 -14.99 -1.01
C4B NAD K . -41.80 -15.32 -1.85
O4B NAD K . -42.64 -16.56 -1.20
C3B NAD K . -42.60 -14.30 -1.86
O3B NAD K . -42.74 -13.78 -3.27
C2B NAD K . -44.00 -14.79 -1.39
O2B NAD K . -44.93 -14.37 -2.29
C1B NAD K . -43.92 -16.31 -1.35
N9A NAD K . -44.70 -16.75 -0.19
C8A NAD K . -44.97 -16.27 1.01
N7A NAD K . -45.77 -17.16 1.64
C5A NAD K . -45.98 -18.19 0.80
C6A NAD K . -46.73 -19.36 0.96
N6A NAD K . -47.54 -19.87 2.10
N1A NAD K . -46.77 -20.24 -0.03
C2A NAD K . -46.10 -20.00 -1.21
N3A NAD K . -45.37 -18.87 -1.38
C4A NAD K . -45.31 -17.96 -0.36
O3 NAD K . -38.11 -13.29 0.39
PN NAD K . -36.58 -13.96 0.04
O1N NAD K . -35.59 -12.78 -0.04
O2N NAD K . -36.68 -14.58 -1.32
O5D NAD K . -36.08 -15.10 1.15
C5D NAD K . -36.97 -15.84 1.99
C4D NAD K . -36.33 -17.07 2.66
O4D NAD K . -34.82 -17.23 2.08
C3D NAD K . -36.25 -16.99 3.99
O3D NAD K . -36.40 -18.37 4.81
C2D NAD K . -34.98 -16.16 4.03
O2D NAD K . -34.36 -15.99 5.25
C1D NAD K . -34.04 -16.91 3.03
N1N NAD K . -32.90 -16.08 2.48
C2N NAD K . -31.64 -16.64 2.41
C3N NAD K . -30.56 -15.93 1.91
C7N NAD K . -29.13 -16.62 1.88
O7N NAD K . -29.04 -17.81 1.87
N7N NAD K . -27.90 -15.80 1.83
C4N NAD K . -30.73 -14.65 1.45
C5N NAD K . -31.99 -14.09 1.51
C6N NAD K . -33.09 -14.81 2.02
C2 BGC L . 1.95 -2.73 30.44
C3 BGC L . 2.26 -3.58 31.60
C4 BGC L . 2.78 -4.91 31.14
C5 BGC L . 4.03 -4.76 30.27
C6 BGC L . 4.33 -6.12 29.70
C1 BGC L . 3.18 -2.51 29.56
O1 BGC L . 2.81 -1.85 28.43
O2 BGC L . 1.44 -1.45 30.91
O3 BGC L . 1.06 -3.76 32.43
O4 BGC L . 3.15 -5.70 32.27
O5 BGC L . 3.86 -3.79 29.16
O6 BGC L . 3.17 -6.92 29.76
PA NAD M . 9.37 -5.31 38.46
O1A NAD M . 10.38 -5.08 37.39
O2A NAD M . 9.41 -6.61 39.21
O5B NAD M . 9.41 -4.11 39.50
C5B NAD M . 8.85 -4.33 40.82
C4B NAD M . 9.90 -4.01 41.84
O4B NAD M . 9.34 -4.11 43.16
C3B NAD M . 11.13 -4.92 41.83
O3B NAD M . 12.32 -4.15 41.71
C2B NAD M . 11.06 -5.63 43.18
O2B NAD M . 12.33 -5.94 43.70
C1B NAD M . 10.33 -4.61 44.02
N9A NAD M . 9.68 -5.14 45.20
C8A NAD M . 9.06 -6.36 45.32
N7A NAD M . 8.56 -6.57 46.51
C5A NAD M . 8.88 -5.44 47.23
C6A NAD M . 8.63 -5.06 48.56
N6A NAD M . 7.98 -5.81 49.44
N1A NAD M . 9.10 -3.85 48.97
C2A NAD M . 9.75 -3.09 48.09
N3A NAD M . 10.04 -3.35 46.81
C4A NAD M . 9.57 -4.55 46.44
O3 NAD M . 7.92 -5.09 37.82
PN NAD M . 7.37 -3.84 36.99
O1N NAD M . 7.44 -4.13 35.53
O2N NAD M . 8.06 -2.61 37.47
O5D NAD M . 5.85 -3.82 37.47
C5D NAD M . 5.62 -3.47 38.85
C4D NAD M . 4.22 -2.92 38.99
O4D NAD M . 4.01 -1.90 37.98
C3D NAD M . 3.08 -3.93 38.79
O3D NAD M . 1.97 -3.57 39.60
C2D NAD M . 2.76 -3.76 37.31
O2D NAD M . 1.44 -4.16 36.98
C1D NAD M . 2.90 -2.25 37.17
N1N NAD M . 3.20 -1.83 35.79
C2N NAD M . 2.55 -0.74 35.25
C3N NAD M . 2.83 -0.37 33.94
C7N NAD M . 2.13 0.81 33.34
O7N NAD M . 1.31 1.44 34.02
N7N NAD M . 2.39 1.12 32.09
C4N NAD M . 3.77 -1.07 33.20
C5N NAD M . 4.42 -2.15 33.77
C6N NAD M . 4.13 -2.52 35.05
C2 BGC N . 28.63 -8.59 2.96
C3 BGC N . 30.07 -8.76 2.63
C4 BGC N . 30.53 -7.66 1.74
C5 BGC N . 30.29 -6.27 2.35
C6 BGC N . 30.52 -5.21 1.31
C1 BGC N . 28.46 -7.27 3.71
O1 BGC N . 27.15 -7.11 4.04
O2 BGC N . 28.15 -9.67 3.78
O3 BGC N . 30.30 -10.04 1.96
O4 BGC N . 31.91 -7.85 1.49
O5 BGC N . 28.93 -6.10 2.88
O6 BGC N . 30.52 -5.79 0.03
PA NAD O . 40.78 -5.57 5.60
O1A NAD O . 39.82 -4.49 5.98
O2A NAD O . 41.76 -4.97 4.63
O5B NAD O . 41.58 -6.18 6.97
C5B NAD O . 42.44 -7.34 6.94
C4B NAD O . 43.81 -7.16 7.72
O4B NAD O . 44.79 -8.45 7.61
C3B NAD O . 44.46 -6.18 7.18
O3B NAD O . 44.39 -5.01 8.12
C2B NAD O . 45.92 -6.66 6.95
O2B NAD O . 46.77 -5.76 7.51
C1B NAD O . 46.04 -8.02 7.63
N9A NAD O . 46.93 -8.90 6.85
C8A NAD O . 47.14 -9.16 5.56
N7A NAD O . 48.12 -10.09 5.49
C5A NAD O . 48.53 -10.40 6.74
C6A NAD O . 49.49 -11.29 7.20
N6A NAD O . 50.44 -12.22 6.48
N1A NAD O . 49.71 -11.42 8.50
C2A NAD O . 48.96 -10.67 9.39
N3A NAD O . 48.02 -9.80 8.95
C4A NAD O . 47.80 -9.67 7.60
O3 NAD O . 39.92 -6.75 4.86
PN NAD O . 38.57 -7.48 5.58
O1N NAD O . 37.29 -7.04 4.87
O2N NAD O . 38.42 -7.02 7.01
O5D NAD O . 38.75 -9.12 5.63
C5D NAD O . 39.08 -9.90 4.51
C4D NAD O . 38.70 -11.35 4.82
O4D NAD O . 37.34 -11.30 5.65
C3D NAD O . 38.53 -12.06 3.71
O3D NAD O . 38.89 -13.60 3.80
C2D NAD O . 37.11 -11.60 3.45
O2D NAD O . 36.46 -12.31 2.46
C1D NAD O . 36.43 -11.71 4.86
N1N NAD O . 35.18 -10.88 5.04
C2N NAD O . 34.01 -11.50 5.41
C3N NAD O . 32.84 -10.75 5.59
C7N NAD O . 31.51 -11.49 6.01
O7N NAD O . 31.55 -12.60 6.43
N7N NAD O . 30.19 -10.81 5.89
C4N NAD O . 32.80 -9.46 5.45
C5N NAD O . 34.02 -8.79 5.04
C6N NAD O . 35.21 -9.53 4.86
C2 BGC P . 13.15 25.95 6.78
C3 BGC P . 13.25 27.40 7.09
C4 BGC P . 12.23 27.84 8.08
C5 BGC P . 12.30 27.03 9.37
C6 BGC P . 11.18 27.44 10.28
C1 BGC P . 13.21 25.12 8.06
O1 BGC P . 12.98 23.80 7.77
O2 BGC P . 14.26 25.56 5.93
O3 BGC P . 13.12 28.19 5.87
O4 BGC P . 12.44 29.22 8.41
O5 BGC P . 12.22 25.58 9.10
O6 BGC P . 10.43 28.46 9.65
PA NAD Q . 16.50 32.44 15.99
O1A NAD Q . 16.61 31.13 16.74
O2A NAD Q . 15.65 33.41 16.76
O5B NAD Q . 18.00 33.09 15.71
C5B NAD Q . 18.19 34.49 15.88
C4B NAD Q . 19.31 34.63 16.96
O4B NAD Q . 20.20 35.93 16.67
C3B NAD Q . 18.76 34.74 18.13
O3B NAD Q . 19.40 33.78 19.12
C2B NAD Q . 19.00 36.20 18.59
O2B NAD Q . 19.33 36.19 19.91
C1B NAD Q . 20.16 36.69 17.75
N9A NAD Q . 19.91 38.07 17.31
C8A NAD Q . 18.89 38.87 17.04
N7A NAD Q . 19.43 40.06 16.66
C5A NAD Q . 20.78 39.95 16.72
C6A NAD Q . 21.79 40.86 16.43
N6A NAD Q . 21.77 42.27 15.99
N1A NAD Q . 23.06 40.51 16.57
C2A NAD Q . 23.38 39.22 16.98
N3A NAD Q . 22.40 38.33 17.26
C4A NAD Q . 21.09 38.71 17.11
O3 NAD Q . 15.83 32.16 14.52
PN NAD Q . 16.71 31.44 13.27
O1N NAD Q . 15.72 30.73 12.33
O2N NAD Q . 17.67 30.42 13.84
O5D NAD Q . 17.60 32.55 12.45
C5D NAD Q . 16.98 33.66 11.87
C4D NAD Q . 17.47 33.80 10.43
O4D NAD Q . 17.93 32.36 9.85
C3D NAD Q . 16.47 34.23 9.68
O3D NAD Q . 16.98 35.25 8.65
C2D NAD Q . 15.96 32.98 9.01
O2D NAD Q . 15.35 33.31 7.82
C1D NAD Q . 17.27 32.16 8.79
N1N NAD Q . 16.95 30.71 8.62
C2N NAD Q . 17.39 30.01 7.50
C3N NAD Q . 17.08 28.66 7.34
C7N NAD Q . 17.58 27.85 6.08
O7N NAD Q . 18.52 28.21 5.46
N7N NAD Q . 16.85 26.62 5.69
C4N NAD Q . 16.33 28.02 8.29
C5N NAD Q . 15.89 28.70 9.40
C6N NAD Q . 16.20 30.05 9.55
#